data_8SQB
#
_entry.id   8SQB
#
_cell.length_a   1.00
_cell.length_b   1.00
_cell.length_c   1.00
_cell.angle_alpha   90.00
_cell.angle_beta   90.00
_cell.angle_gamma   90.00
#
_symmetry.space_group_name_H-M   'P 1'
#
loop_
_entity.id
_entity.type
_entity.pdbx_description
1 polymer 'Outer membrane protein assembly factor BamA'
2 polymer 'Outer membrane protein assembly factor BamB'
3 polymer 'Outer membrane protein assembly factor BamC'
4 polymer 'Outer membrane protein assembly factor BamD'
5 polymer 'Outer membrane protein assembly factor BamE'
6 polymer 'Maltodextrin-binding protein,EspP(b7-12)'
#
loop_
_entity_poly.entity_id
_entity_poly.type
_entity_poly.pdbx_seq_one_letter_code
_entity_poly.pdbx_strand_id
1 'polypeptide(L)'
;VVKDIHFEGLQRVAVGAALLSMPVRTGDTVNDEDISNTIRALFATGNFEDVRVLRDGDTLLVQVKERPTIASITFSGNKS
VKDDMLKQNLEASGVRVGESLDRTTIADIEKGLEDFYYSVGKYSASVKAVVTPLPRNRVDLKLVFQEGVSAEIQQINIVG
NHAFTTDELISHFQLRDEVPWWNVVGDRKYQKQKLAGDLETLRSYYLDRGYARFNIDSTQVSLTPDKKGIYVTVNITEGD
QYKLSGVEVSGNLAGHSAEIEQLTKIEPGELYNGTKVTKMEDDIKKLLGRYGYAYPRVQSMPEINDADKTVKLRVNVDAG
NRFYVRKIRFEGNDTSKDAVLRREMRQMEGAWLGSDLVDQGKERLNRLGFFETVDTDTQRVPGSPDQVDVVYKVKERNTG
SFNFGIGYGTESGVSFQAGVQQDNWLGTGYAVGINGTKNDYQTYAELSVTNPYFTVDGVSLGGRLFYNDFQADDADLSDY
TNKSYGTDVTLGFPINEYNSLRAGLGYVHNSLSNMQPQVAMWRYLYSMGEHPSTSDQDNSFKTDDFTFNYGWTYNKLDRG
YFPTDGSRVNLTGKVTIPGSDNEYYKVTLDTATYVPIDDDHKWVVLGRTRWGYGDGLGGKEMPFYENFYAGGSSTVRGFQ
SNTIGPKAVYFPHQASNYDPDYDYECATQDGAKDLCKSDDAVGGNAMAVASLEFITPTPFISDKYANSVRTSFFWDMGTV
WDTNWDSSQYSGYPDYSDPSNIRMSAGIALQWMSPLGPLVFSYAQPFKKYDGDKAEQFQFNCGKTW
;
A
2 'polypeptide(L)'
;SLFNSEEDVVKMSPLPTVENQFTPTTAWSTSVGSGIGNFYSNLHPALADNVVYAADRAGLVKALNADDGKEIWSVSLAEK
DGWFSKEPALLSGGVTVSGGHVYIGSEKAQVYALNTSDGTVAWQTKVAGEALSRPVVSDGLVLIHTSNGQLQALNEADGA
VKWTVNLDMPSLSLRGESAPTTAFGAAVVGGDNGRVSAVLMEQGQMIWQQRISQATGSTEIDRLSDVDTTPVVVNGVVFA
LAYNGNLTALDLRSGQIMWKRELGSVNDFIVDGNRIYLVDQNDRVMALTIDGGVTLWTQSDLLHRLLTSPVLYNGNLVVG
DSEGYLHWINVEDGRFVAQQKVDSSGFQTEPVAADGKLLIQAKDGTVYSITR
;
B
3 'polypeptide(L)'
;SSDSRYKRQVSGDEAYLEAAPLAELHAPAGMILPVTSGDYAIPVTNGSGAVGKALDIRPPAQPLALVSGARTQFTGDTAS
LLVENGRGNTLWPQVVSVLQAKNYTITQRDDAGQTLTTDWVQWNRLDEDEQYRGRYQISVKPQGYQQAVTVKLLNLEQAG
KPVADAASMQRYSTEMMNVISAGLDKSATDAANAAQNRASTTMDVQSAADDTGLPMLVVRGPFNVVWQRLPAALEKVGMK
VTDSTRSQGNMAVTYKPLSDSDWQELGASDPGLASGDYKLQVGDLDNRSSLQFIDPKGHTLTQSQNDALVAVFQAAFSK
;
C
4 'polypeptide(L)'
;SGSKEEVPDNPPNEIYATAQQKLQDGNWRQAITQLEALDNRYPFGPYSQQVQLDLIYAYYKNADLPLAQAAIDRFIRLNP
THPNIDYVMYMRGLTNMALDDSALQGFFGVDRSDRDPQHARAAFSDFSKLVRGYPNSQYTTDATKRLVFLKDRLAKYEYS
VAEYYTERGAWVAVVNRVEGMLRDYPDTQATRDALPLMENAYRQMQMNAQAEKVAKIIAANSSNT
;
D
5 'polypeptide(L)'
;STLERVVYRPDINQGNYLTANDVSKIRVGMTQQQVAYALGTPLMSDPFGTNTWFYVFRQQPGHEGVTQQTLTLTFNSSGV
LTNIDNKPALSGN
;
E
6 'polypeptide(L)'
;MGAKIEEGKLVIWINGDKGYNGLAEVGKKFEKDTGIKVTVEHPDKLEEKFPQVAATGDGPDIIFWAHDRFGGYAQSGLLA
EITPDKAFQDKLYPFTWDAVRYNGKLIAYPIAVEALSLIYNKDLLPNPPKTWEEIPALDKELKAKGKSALMFNLQEPYFT
WPLIAADGGYAFKYENGKYDIKDVGVDNAGAKAGLTFLVDLIKNKHMNADTDYSIAEAAFNKGETAMTINGPWAWSNIDT
SKVNYGVTVLPTFKGQPSKPFVGVLSAGINAASPNKELAKEFLENYLLTDEGLEAVNKDKPLGAVALKSYEEELVKDPRI
AATMENAQKGEIMPNIPQMSAFWYAVRTAVINAASGRQTVDEALKDAQTGSIELVSAPKDTNENVFKASKQTIGFSDVTP
VITTRETDDKITWSLTGYNTVANKEATRNAAALFSVDYKAFLNEVAWIEPQACLVYGSVSGKQFAWKDQGMHLSMKDKDY
NCLVYGTGVDVGKSFSGKDWKVTARAGLGYQFDLLANGETVLRDASGEKRIKGEKDSRMLMSVGLNAEIRDNVRFGLEFE
KSAFGKYNVDNAVNANFRYSF
;
F
#
# COMPACT_ATOMS: atom_id res chain seq x y z
N VAL A 1 -47.57 -10.61 -43.32
CA VAL A 1 -48.12 -9.55 -44.16
C VAL A 1 -47.11 -8.41 -44.28
N VAL A 2 -46.28 -8.26 -43.23
CA VAL A 2 -45.29 -7.19 -43.21
C VAL A 2 -44.31 -7.37 -44.37
N LYS A 3 -43.85 -6.25 -44.94
CA LYS A 3 -42.82 -6.34 -45.97
C LYS A 3 -41.41 -6.19 -45.40
N ASP A 4 -41.27 -5.46 -44.29
CA ASP A 4 -39.98 -5.29 -43.64
C ASP A 4 -40.20 -4.71 -42.26
N ILE A 5 -39.38 -5.12 -41.31
CA ILE A 5 -39.52 -4.67 -39.93
C ILE A 5 -38.34 -3.79 -39.54
N HIS A 6 -38.24 -0.49 -41.45
CA HIS A 6 -36.83 -0.13 -41.45
C HIS A 6 -36.32 0.09 -40.04
N PHE A 7 -35.04 0.45 -39.92
CA PHE A 7 -34.45 0.74 -38.61
C PHE A 7 -33.52 1.94 -38.82
N GLU A 8 -33.97 3.10 -38.33
CA GLU A 8 -33.35 4.37 -38.68
C GLU A 8 -32.00 4.51 -37.98
N GLY A 9 -30.94 4.09 -38.67
CA GLY A 9 -29.57 4.43 -38.29
C GLY A 9 -29.20 4.09 -36.86
N LEU A 10 -29.08 2.81 -36.54
CA LEU A 10 -28.68 2.41 -35.19
C LEU A 10 -27.31 2.98 -34.84
N GLN A 11 -26.33 2.78 -35.71
CA GLN A 11 -25.04 3.46 -35.68
C GLN A 11 -24.24 3.16 -34.42
N ARG A 12 -24.78 2.33 -33.53
CA ARG A 12 -24.08 1.94 -32.32
C ARG A 12 -24.14 0.43 -32.17
N VAL A 13 -25.19 -0.17 -32.70
CA VAL A 13 -25.37 -1.61 -32.73
C VAL A 13 -25.86 -1.98 -34.13
N ALA A 14 -25.59 -3.22 -34.53
CA ALA A 14 -26.01 -3.68 -35.84
C ALA A 14 -27.52 -3.64 -35.98
N VAL A 15 -27.98 -3.28 -37.18
CA VAL A 15 -29.41 -3.26 -37.46
C VAL A 15 -29.99 -4.67 -37.47
N GLY A 16 -29.19 -5.68 -37.78
CA GLY A 16 -29.67 -7.05 -37.66
C GLY A 16 -30.17 -7.36 -36.27
N ALA A 17 -29.52 -6.79 -35.26
CA ALA A 17 -30.03 -6.89 -33.90
C ALA A 17 -31.41 -6.27 -33.78
N ALA A 18 -31.67 -5.20 -34.53
CA ALA A 18 -33.00 -4.60 -34.52
C ALA A 18 -34.01 -5.49 -35.23
N LEU A 19 -33.61 -6.12 -36.33
CA LEU A 19 -34.43 -7.15 -36.96
C LEU A 19 -34.82 -8.22 -35.94
N LEU A 20 -33.84 -8.67 -35.15
CA LEU A 20 -34.13 -9.64 -34.10
C LEU A 20 -35.05 -9.07 -33.04
N SER A 21 -34.95 -7.77 -32.76
CA SER A 21 -35.72 -7.17 -31.68
C SER A 21 -37.21 -7.18 -32.01
N MET A 22 -37.58 -6.77 -33.21
CA MET A 22 -38.98 -6.68 -33.57
C MET A 22 -39.58 -8.06 -33.77
N PRO A 23 -40.61 -8.43 -33.01
CA PRO A 23 -41.27 -9.73 -33.23
C PRO A 23 -42.31 -9.66 -34.32
N VAL A 24 -42.26 -8.62 -35.14
CA VAL A 24 -43.29 -8.35 -36.14
C VAL A 24 -42.87 -8.81 -37.53
N ARG A 25 -41.92 -9.75 -37.62
CA ARG A 25 -41.47 -10.24 -38.91
C ARG A 25 -42.58 -11.02 -39.62
N THR A 26 -42.29 -11.46 -40.85
CA THR A 26 -43.26 -12.23 -41.62
C THR A 26 -43.56 -13.55 -40.93
N GLY A 27 -44.84 -13.84 -40.74
CA GLY A 27 -45.25 -15.06 -40.07
C GLY A 27 -46.45 -14.89 -39.18
N ASP A 28 -46.72 -13.66 -38.73
CA ASP A 28 -47.86 -13.38 -37.89
C ASP A 28 -48.44 -12.03 -38.28
N THR A 29 -49.75 -11.89 -38.12
CA THR A 29 -50.42 -10.65 -38.44
C THR A 29 -50.03 -9.56 -37.45
N VAL A 30 -49.77 -8.37 -37.98
CA VAL A 30 -49.32 -7.24 -37.15
C VAL A 30 -50.50 -6.30 -36.90
N ASN A 31 -50.67 -5.93 -35.63
CA ASN A 31 -51.78 -5.07 -35.21
C ASN A 31 -51.25 -4.14 -34.12
N ASP A 32 -52.17 -3.50 -33.40
CA ASP A 32 -51.79 -2.50 -32.41
C ASP A 32 -50.90 -3.09 -31.32
N GLU A 33 -51.27 -4.27 -30.81
CA GLU A 33 -50.47 -4.90 -29.77
C GLU A 33 -49.05 -5.19 -30.25
N ASP A 34 -48.87 -5.51 -31.53
CA ASP A 34 -47.54 -5.72 -32.07
C ASP A 34 -46.77 -4.41 -32.16
N ILE A 35 -47.44 -3.33 -32.54
CA ILE A 35 -46.82 -2.01 -32.50
C ILE A 35 -46.32 -1.72 -31.09
N SER A 36 -47.17 -1.98 -30.09
CA SER A 36 -46.80 -1.69 -28.71
C SER A 36 -45.67 -2.59 -28.22
N ASN A 37 -45.65 -3.86 -28.64
CA ASN A 37 -44.58 -4.74 -28.20
C ASN A 37 -43.26 -4.41 -28.89
N THR A 38 -43.32 -3.88 -30.12
CA THR A 38 -42.10 -3.37 -30.73
C THR A 38 -41.60 -2.12 -30.02
N ILE A 39 -42.53 -1.25 -29.61
CA ILE A 39 -42.19 -0.13 -28.73
C ILE A 39 -41.44 -0.65 -27.51
N ARG A 40 -42.02 -1.64 -26.84
CA ARG A 40 -41.43 -2.21 -25.64
C ARG A 40 -40.06 -2.79 -25.92
N ALA A 41 -39.91 -3.52 -27.03
CA ALA A 41 -38.64 -4.14 -27.36
C ALA A 41 -37.56 -3.10 -27.60
N LEU A 42 -37.87 -2.07 -28.39
CA LEU A 42 -36.88 -1.04 -28.67
C LEU A 42 -36.56 -0.22 -27.43
N PHE A 43 -37.49 -0.15 -26.47
CA PHE A 43 -37.17 0.39 -25.16
C PHE A 43 -36.44 -0.60 -24.27
N ALA A 44 -36.42 -1.87 -24.64
CA ALA A 44 -35.74 -2.90 -23.87
C ALA A 44 -34.34 -3.18 -24.38
N THR A 45 -33.84 -2.36 -25.28
CA THR A 45 -32.48 -2.50 -25.80
C THR A 45 -31.43 -1.92 -24.87
N GLY A 46 -31.82 -0.96 -24.03
CA GLY A 46 -30.90 -0.32 -23.11
C GLY A 46 -30.14 0.85 -23.70
N ASN A 47 -30.26 1.10 -25.01
CA ASN A 47 -29.53 2.17 -25.67
C ASN A 47 -30.42 3.19 -26.34
N PHE A 48 -31.72 2.98 -26.35
CA PHE A 48 -32.67 3.88 -26.98
C PHE A 48 -33.62 4.44 -25.95
N GLU A 49 -34.15 5.63 -26.23
CA GLU A 49 -35.03 6.31 -25.29
C GLU A 49 -36.37 6.76 -25.86
N ASP A 50 -36.53 6.81 -27.18
CA ASP A 50 -37.81 7.19 -27.78
C ASP A 50 -38.03 6.34 -29.03
N VAL A 51 -39.03 5.46 -28.97
CA VAL A 51 -39.45 4.66 -30.13
C VAL A 51 -40.89 5.00 -30.46
N ARG A 52 -41.17 5.14 -31.76
CA ARG A 52 -42.51 5.13 -32.30
C ARG A 52 -42.53 4.16 -33.46
N VAL A 53 -43.66 3.51 -33.66
CA VAL A 53 -43.81 2.50 -34.70
C VAL A 53 -44.98 2.87 -35.59
N LEU A 54 -44.80 2.71 -36.90
CA LEU A 54 -45.82 3.05 -37.90
C LEU A 54 -45.87 1.94 -38.94
N ARG A 55 -47.06 1.43 -39.20
CA ARG A 55 -47.27 0.37 -40.17
C ARG A 55 -48.37 0.75 -41.13
N ASP A 56 -48.13 0.51 -42.43
CA ASP A 56 -49.13 0.72 -43.48
C ASP A 56 -49.23 -0.60 -44.26
N GLY A 57 -50.11 -1.49 -43.79
CA GLY A 57 -50.25 -2.79 -44.42
C GLY A 57 -48.98 -3.62 -44.30
N ASP A 58 -48.28 -3.78 -45.42
CA ASP A 58 -47.01 -4.49 -45.41
C ASP A 58 -45.86 -3.62 -44.90
N THR A 59 -45.92 -2.32 -45.17
CA THR A 59 -44.82 -1.43 -44.81
C THR A 59 -44.81 -1.18 -43.31
N LEU A 60 -43.61 -0.95 -42.78
CA LEU A 60 -43.45 -0.63 -41.36
C LEU A 60 -42.28 0.32 -41.22
N LEU A 61 -42.57 1.60 -40.97
CA LEU A 61 -41.57 2.63 -40.76
C LEU A 61 -41.57 3.03 -39.28
N VAL A 62 -40.39 3.25 -38.72
CA VAL A 62 -40.25 3.52 -37.29
C VAL A 62 -39.28 4.67 -37.10
N GLN A 63 -39.10 5.07 -35.84
CA GLN A 63 -38.12 6.05 -35.42
C GLN A 63 -37.39 5.53 -34.20
N VAL A 64 -36.33 6.24 -33.81
CA VAL A 64 -35.53 5.84 -32.66
C VAL A 64 -34.71 7.04 -32.19
N LYS A 65 -34.63 7.21 -30.89
CA LYS A 65 -33.76 8.20 -30.29
C LYS A 65 -32.49 7.50 -29.78
N GLU A 66 -31.44 8.30 -29.63
CA GLU A 66 -30.08 7.78 -29.45
C GLU A 66 -29.50 8.31 -28.14
N ARG A 67 -29.68 7.55 -27.08
CA ARG A 67 -28.96 7.81 -25.84
C ARG A 67 -27.43 7.82 -26.00
N PRO A 68 -26.81 7.00 -26.85
CA PRO A 68 -25.34 7.04 -26.93
C PRO A 68 -24.88 8.35 -27.57
N THR A 69 -23.62 8.71 -27.30
CA THR A 69 -22.73 7.92 -26.46
C THR A 69 -22.22 8.87 -25.39
N ILE A 70 -21.30 8.42 -24.54
CA ILE A 70 -20.76 9.25 -23.47
C ILE A 70 -19.27 9.05 -23.39
N ALA A 71 -18.52 10.15 -23.39
CA ALA A 71 -17.10 10.07 -23.07
C ALA A 71 -16.73 11.39 -22.39
N SER A 72 -16.90 11.43 -21.07
CA SER A 72 -16.51 12.58 -20.26
C SER A 72 -16.69 12.28 -18.79
N ILE A 73 -15.70 12.63 -17.97
CA ILE A 73 -15.81 12.53 -16.53
C ILE A 73 -15.09 13.75 -15.95
N THR A 74 -15.87 14.72 -15.47
CA THR A 74 -15.33 16.01 -15.07
C THR A 74 -15.47 16.22 -13.57
N PHE A 75 -14.71 17.20 -13.07
CA PHE A 75 -14.67 17.52 -11.65
C PHE A 75 -14.29 18.98 -11.49
N GLY A 77 -14.83 19.62 -10.45
CA GLY A 77 -15.73 18.98 -9.52
C GLY A 77 -15.25 19.00 -8.09
N ASN A 78 -14.92 17.80 -7.59
CA ASN A 78 -14.59 17.63 -6.18
C ASN A 78 -13.34 18.41 -5.81
N LYS A 79 -13.08 18.46 -4.52
CA LYS A 79 -11.95 19.20 -3.99
C LYS A 79 -11.06 18.37 -3.08
N SER A 80 -11.63 17.47 -2.28
CA SER A 80 -10.88 16.77 -1.25
C SER A 80 -10.71 15.29 -1.57
N VAL A 81 -11.79 14.57 -1.80
CA VAL A 81 -11.72 13.14 -2.06
C VAL A 81 -11.11 12.93 -3.43
N LYS A 82 -10.74 11.70 -3.76
CA LYS A 82 -10.10 11.40 -5.02
C LYS A 82 -11.08 10.76 -5.99
N ASP A 83 -10.98 11.16 -7.25
CA ASP A 83 -11.94 10.74 -8.27
C ASP A 83 -11.75 9.30 -8.71
N ASP A 84 -10.71 8.62 -8.23
CA ASP A 84 -10.60 7.18 -8.47
C ASP A 84 -11.81 6.46 -7.89
N MET A 85 -12.11 6.72 -6.63
CA MET A 85 -13.31 6.15 -6.03
C MET A 85 -14.56 6.63 -6.74
N LEU A 86 -14.50 7.81 -7.34
CA LEU A 86 -15.63 8.29 -8.13
C LEU A 86 -15.85 7.39 -9.33
N LYS A 87 -14.78 7.08 -10.05
CA LYS A 87 -14.88 6.16 -11.17
C LYS A 87 -15.34 4.78 -10.70
N GLN A 88 -14.87 4.37 -9.52
CA GLN A 88 -15.30 3.08 -8.99
C GLN A 88 -16.80 3.07 -8.74
N ASN A 89 -17.32 4.17 -8.18
CA ASN A 89 -18.75 4.31 -8.00
C ASN A 89 -19.47 4.25 -9.35
N LEU A 90 -18.95 4.99 -10.32
CA LEU A 90 -19.54 4.99 -11.66
C LEU A 90 -19.63 3.58 -12.21
N GLU A 91 -18.55 2.82 -12.05
CA GLU A 91 -18.57 1.42 -12.47
C GLU A 91 -19.65 0.67 -11.72
N ALA A 92 -19.68 0.82 -10.39
CA ALA A 92 -20.80 0.30 -9.62
C ALA A 92 -22.12 0.90 -10.10
N SER A 93 -22.08 2.16 -10.51
CA SER A 93 -23.27 2.81 -11.05
C SER A 93 -23.59 2.35 -12.44
N GLY A 94 -22.87 1.34 -12.94
CA GLY A 94 -23.11 0.86 -14.29
C GLY A 94 -22.86 1.88 -15.37
N VAL A 95 -22.07 2.91 -15.07
CA VAL A 95 -21.80 3.97 -16.03
C VAL A 95 -20.30 4.16 -16.16
N ARG A 96 -19.87 4.49 -17.37
CA ARG A 96 -18.47 4.70 -17.68
C ARG A 96 -18.38 5.30 -19.07
N VAL A 97 -17.15 5.53 -19.53
CA VAL A 97 -16.95 6.07 -20.86
C VAL A 97 -17.50 5.10 -21.89
N GLY A 98 -18.05 5.65 -22.98
CA GLY A 98 -18.52 4.82 -24.06
C GLY A 98 -19.72 3.99 -23.70
N GLU A 99 -20.85 4.64 -23.46
CA GLU A 99 -22.08 3.94 -23.12
C GLU A 99 -23.26 4.74 -23.64
N SER A 100 -24.46 4.26 -23.33
CA SER A 100 -25.71 4.84 -23.82
C SER A 100 -26.53 5.28 -22.62
N LEU A 101 -26.41 6.53 -22.23
CA LEU A 101 -27.03 7.03 -21.01
C LEU A 101 -27.97 8.18 -21.31
N ASP A 102 -29.13 8.18 -20.65
CA ASP A 102 -30.11 9.24 -20.76
C ASP A 102 -29.79 10.34 -19.76
N ARG A 103 -30.77 11.20 -19.54
CA ARG A 103 -30.67 12.24 -18.52
C ARG A 103 -31.45 11.88 -17.26
N THR A 104 -31.81 10.60 -17.09
CA THR A 104 -32.60 10.19 -15.95
C THR A 104 -31.73 9.90 -14.73
N THR A 105 -30.65 9.15 -14.92
CA THR A 105 -29.81 8.75 -13.80
C THR A 105 -29.10 9.91 -13.13
N ILE A 106 -29.33 11.13 -13.58
CA ILE A 106 -28.75 12.30 -12.93
C ILE A 106 -28.99 12.26 -11.43
N ALA A 107 -30.25 12.06 -11.03
CA ALA A 107 -30.55 11.94 -9.62
C ALA A 107 -29.91 10.70 -9.02
N ASP A 108 -29.85 9.61 -9.79
CA ASP A 108 -29.26 8.38 -9.27
C ASP A 108 -27.81 8.59 -8.90
N ILE A 109 -27.03 9.13 -9.83
CA ILE A 109 -25.61 9.34 -9.56
C ILE A 109 -25.42 10.42 -8.51
N GLU A 110 -26.27 11.45 -8.53
CA GLU A 110 -26.21 12.48 -7.50
C GLU A 110 -26.34 11.86 -6.11
N LYS A 111 -27.40 11.10 -5.91
CA LYS A 111 -27.61 10.46 -4.61
C LYS A 111 -26.48 9.50 -4.29
N GLY A 112 -25.99 8.77 -5.29
CA GLY A 112 -24.92 7.83 -5.07
C GLY A 112 -23.72 8.50 -4.45
N LEU A 113 -23.22 9.53 -5.13
CA LEU A 113 -22.05 10.23 -4.60
C LEU A 113 -22.37 10.98 -3.31
N GLU A 114 -23.62 11.40 -3.13
CA GLU A 114 -23.95 12.14 -1.92
C GLU A 114 -23.92 11.23 -0.70
N ASP A 115 -24.53 10.04 -0.81
CA ASP A 115 -24.42 9.07 0.26
C ASP A 115 -22.98 8.59 0.40
N PHE A 116 -22.22 8.61 -0.70
CA PHE A 116 -20.80 8.32 -0.59
C PHE A 116 -20.13 9.31 0.33
N TYR A 117 -20.36 10.60 0.10
CA TYR A 117 -19.85 11.62 1.00
C TYR A 117 -20.37 11.43 2.42
N TYR A 118 -21.62 10.97 2.54
CA TYR A 118 -22.14 10.63 3.85
C TYR A 118 -21.21 9.65 4.54
N SER A 119 -20.91 8.55 3.86
CA SER A 119 -19.91 7.61 4.36
C SER A 119 -18.59 8.31 4.65
N VAL A 120 -18.25 9.33 3.85
CA VAL A 120 -17.01 10.06 4.10
C VAL A 120 -17.15 10.93 5.34
N GLY A 121 -18.28 11.62 5.49
CA GLY A 121 -18.48 12.42 6.67
C GLY A 121 -18.98 13.82 6.37
N LYS A 122 -19.02 14.18 5.09
CA LYS A 122 -19.54 15.47 4.66
C LYS A 122 -21.00 15.27 4.29
N TYR A 123 -21.88 15.44 5.27
CA TYR A 123 -23.30 15.22 5.05
C TYR A 123 -23.98 16.49 4.54
N SER A 124 -23.33 17.11 3.56
CA SER A 124 -23.91 18.23 2.87
C SER A 124 -23.24 18.25 1.50
N ALA A 125 -23.93 17.71 0.50
CA ALA A 125 -23.32 17.45 -0.79
C ALA A 125 -24.25 17.94 -1.87
N SER A 126 -23.72 18.74 -2.80
CA SER A 126 -24.47 19.25 -3.93
C SER A 126 -23.50 19.31 -5.10
N VAL A 127 -23.58 18.32 -5.98
CA VAL A 127 -22.80 18.32 -7.21
C VAL A 127 -23.76 18.56 -8.36
N LYS A 128 -23.20 18.72 -9.55
CA LYS A 128 -24.03 19.01 -10.71
C LYS A 128 -23.58 18.14 -11.88
N ALA A 129 -24.56 17.58 -12.58
CA ALA A 129 -24.31 16.74 -13.74
C ALA A 129 -24.85 17.43 -14.98
N VAL A 130 -23.97 17.75 -15.92
CA VAL A 130 -24.34 18.47 -17.13
C VAL A 130 -23.92 17.63 -18.32
N VAL A 131 -24.83 17.48 -19.29
CA VAL A 131 -24.59 16.64 -20.46
C VAL A 131 -24.45 17.47 -21.73
N THR A 132 -23.22 17.85 -22.07
CA THR A 132 -23.19 18.48 -23.37
C THR A 132 -22.83 17.48 -24.45
N PRO A 133 -23.42 17.60 -25.63
CA PRO A 133 -23.24 16.58 -26.65
C PRO A 133 -21.97 16.79 -27.48
N LEU A 134 -21.70 15.81 -28.32
CA LEU A 134 -20.64 15.82 -29.32
C LEU A 134 -21.26 15.33 -30.62
N PRO A 135 -20.68 15.69 -31.79
CA PRO A 135 -21.45 15.52 -33.03
C PRO A 135 -21.66 14.06 -33.35
N ARG A 136 -22.83 13.57 -32.93
CA ARG A 136 -23.26 12.18 -33.11
C ARG A 136 -22.27 11.21 -32.49
N ASN A 137 -21.22 11.72 -31.85
CA ASN A 137 -20.19 10.84 -31.32
C ASN A 137 -20.53 10.41 -29.91
N ARG A 138 -20.63 11.38 -29.01
CA ARG A 138 -20.89 11.11 -27.60
C ARG A 138 -21.70 12.26 -27.06
N VAL A 139 -21.94 12.21 -25.74
CA VAL A 139 -22.34 13.39 -24.97
C VAL A 139 -21.43 13.41 -23.76
N ASP A 140 -21.32 14.57 -23.14
CA ASP A 140 -20.38 14.75 -22.04
C ASP A 140 -21.08 14.62 -20.69
N LEU A 141 -20.26 14.44 -19.66
CA LEU A 141 -20.72 14.29 -18.28
C LEU A 141 -19.98 15.32 -17.44
N LYS A 142 -20.49 16.54 -17.42
CA LYS A 142 -19.90 17.60 -16.62
C LYS A 142 -20.35 17.43 -15.18
N LEU A 143 -19.39 17.15 -14.29
CA LEU A 143 -19.66 16.87 -12.89
C LEU A 143 -18.91 17.86 -12.01
N VAL A 144 -19.53 18.98 -11.70
CA VAL A 144 -18.97 19.90 -10.74
C VAL A 144 -19.56 19.61 -9.37
N PHE A 145 -18.76 19.82 -8.33
CA PHE A 145 -19.08 19.38 -6.98
C PHE A 145 -19.13 20.56 -6.03
N GLN A 146 -19.93 20.41 -4.98
CA GLN A 146 -19.90 21.32 -3.82
C GLN A 146 -20.03 20.43 -2.58
N GLU A 147 -18.90 20.09 -2.00
CA GLU A 147 -18.87 19.25 -0.80
C GLU A 147 -18.83 20.16 0.42
N GLY A 148 -19.99 20.38 1.03
CA GLY A 148 -20.05 21.17 2.25
C GLY A 148 -19.20 20.57 3.34
N VAL A 149 -18.91 21.40 4.34
CA VAL A 149 -17.96 21.01 5.38
C VAL A 149 -18.46 19.78 6.12
N SER A 150 -17.52 18.93 6.52
CA SER A 150 -17.85 17.78 7.35
C SER A 150 -18.20 18.24 8.76
N ALA A 151 -18.46 17.28 9.63
CA ALA A 151 -18.92 17.56 10.99
C ALA A 151 -17.87 17.10 11.99
N GLU A 152 -17.29 18.04 12.71
CA GLU A 152 -16.50 17.70 13.87
C GLU A 152 -17.43 17.30 15.01
N ILE A 153 -16.98 16.34 15.82
CA ILE A 153 -17.84 15.81 16.87
C ILE A 153 -18.03 16.89 17.94
N GLN A 154 -19.00 16.70 18.81
CA GLN A 154 -19.24 17.64 19.90
C GLN A 154 -18.81 17.12 21.25
N GLN A 155 -19.05 15.84 21.53
CA GLN A 155 -18.68 15.25 22.79
C GLN A 155 -18.77 13.75 22.63
N ILE A 156 -18.10 13.04 23.53
CA ILE A 156 -18.13 11.59 23.56
C ILE A 156 -18.49 11.20 24.98
N ASN A 157 -19.76 11.06 25.26
CA ASN A 157 -20.14 10.72 26.61
C ASN A 157 -20.02 9.21 26.83
N ILE A 158 -19.83 8.84 28.09
CA ILE A 158 -19.78 7.43 28.46
C ILE A 158 -20.59 7.22 29.72
N VAL A 159 -21.79 6.69 29.58
CA VAL A 159 -22.62 6.55 30.76
C VAL A 159 -22.14 5.37 31.57
N GLY A 160 -22.58 5.33 32.83
CA GLY A 160 -22.45 4.15 33.67
C GLY A 160 -21.04 3.68 33.96
N ASN A 161 -20.14 4.59 34.34
CA ASN A 161 -18.85 4.19 34.85
C ASN A 161 -18.61 4.90 36.17
N HIS A 162 -17.94 4.20 37.08
CA HIS A 162 -17.56 4.80 38.35
C HIS A 162 -16.14 4.48 38.77
N ALA A 163 -15.52 3.42 38.25
CA ALA A 163 -14.14 3.14 38.57
C ALA A 163 -13.19 4.15 37.96
N PHE A 164 -13.65 4.96 37.03
CA PHE A 164 -12.79 5.93 36.37
C PHE A 164 -13.62 7.17 36.07
N THR A 165 -13.13 7.98 35.16
CA THR A 165 -13.88 9.10 34.59
C THR A 165 -13.99 8.86 33.10
N THR A 166 -14.44 9.88 32.39
CA THR A 166 -14.52 9.78 30.94
C THR A 166 -13.21 10.16 30.28
N ASP A 167 -12.57 11.20 30.79
CA ASP A 167 -11.45 11.81 30.08
C ASP A 167 -10.29 10.84 29.96
N GLU A 168 -9.86 10.24 31.06
CA GLU A 168 -8.74 9.31 30.99
C GLU A 168 -9.09 8.12 30.13
N LEU A 169 -10.37 7.78 30.05
CA LEU A 169 -10.77 6.71 29.14
C LEU A 169 -10.60 7.15 27.69
N ILE A 170 -10.87 8.42 27.41
CA ILE A 170 -10.79 8.87 26.03
C ILE A 170 -9.42 9.44 25.76
N SER A 171 -8.50 9.23 26.70
CA SER A 171 -7.17 9.82 26.64
C SER A 171 -6.32 9.32 25.48
N HIS A 172 -7.73 6.53 26.83
CA HIS A 172 -6.73 6.12 25.86
C HIS A 172 -7.38 5.91 24.50
N PHE A 173 -7.88 6.99 23.93
CA PHE A 173 -8.61 6.90 22.68
C PHE A 173 -7.76 7.43 21.52
N GLN A 174 -8.37 7.43 20.35
CA GLN A 174 -7.81 8.01 19.14
C GLN A 174 -8.76 9.00 18.49
N LEU A 175 -10.06 8.75 18.54
CA LEU A 175 -11.05 9.68 18.01
C LEU A 175 -11.29 10.75 19.07
N ARG A 176 -10.41 11.75 19.08
CA ARG A 176 -10.49 12.79 20.08
C ARG A 176 -11.72 13.66 19.83
N ASP A 177 -11.88 14.66 20.68
CA ASP A 177 -12.92 15.68 20.50
C ASP A 177 -12.35 17.06 20.28
N GLU A 178 -11.32 17.44 21.05
CA GLU A 178 -10.71 18.76 20.93
C GLU A 178 -9.21 18.63 21.16
N VAL A 179 -8.47 19.60 20.66
CA VAL A 179 -7.02 19.61 20.82
C VAL A 179 -6.61 20.95 21.42
N PRO A 180 -5.80 20.96 22.48
CA PRO A 180 -5.38 22.23 23.07
C PRO A 180 -4.07 22.75 22.47
N TRP A 181 -4.02 24.05 22.16
CA TRP A 181 -2.81 24.61 21.57
C TRP A 181 -1.62 24.48 22.52
N TRP A 182 -1.86 24.61 23.82
CA TRP A 182 -0.78 24.47 24.79
C TRP A 182 -0.11 23.11 24.71
N ASN A 183 -0.79 22.12 24.13
CA ASN A 183 -0.19 20.82 23.83
C ASN A 183 -0.68 20.27 22.50
N VAL A 184 -0.98 21.14 21.54
CA VAL A 184 -1.41 20.67 20.23
C VAL A 184 -0.29 19.86 19.61
N VAL A 185 -0.52 18.56 19.43
CA VAL A 185 0.48 17.67 18.85
C VAL A 185 0.20 17.42 17.37
N GLY A 186 -0.67 18.22 16.75
CA GLY A 186 -1.05 17.98 15.38
C GLY A 186 -2.41 18.55 15.06
N ASP A 187 -3.29 17.71 14.51
CA ASP A 187 -4.62 18.16 14.10
C ASP A 187 -5.71 17.20 14.57
N ARG A 188 -6.94 17.41 14.12
CA ARG A 188 -8.07 16.61 14.58
C ARG A 188 -9.12 16.55 13.47
N LYS A 189 -9.85 15.43 13.44
CA LYS A 189 -10.97 15.26 12.52
C LYS A 189 -11.77 14.04 12.95
N TYR A 190 -13.04 14.00 12.55
CA TYR A 190 -13.88 12.85 12.84
C TYR A 190 -13.81 11.82 11.71
N GLN A 191 -14.02 10.56 12.08
CA GLN A 191 -14.19 9.47 11.14
C GLN A 191 -15.02 8.40 11.83
N LYS A 192 -15.99 7.85 11.11
CA LYS A 192 -16.81 6.78 11.69
C LYS A 192 -16.00 5.51 11.89
N GLN A 193 -15.03 5.24 11.04
CA GLN A 193 -14.40 3.93 11.01
C GLN A 193 -13.80 3.56 12.35
N LYS A 194 -12.88 4.38 12.86
CA LYS A 194 -12.13 4.02 14.06
C LYS A 194 -13.02 3.80 15.26
N LEU A 195 -14.32 4.06 15.15
CA LEU A 195 -15.22 3.87 16.28
C LEU A 195 -15.10 2.46 16.85
N ALA A 196 -15.12 1.45 15.98
CA ALA A 196 -15.12 0.08 16.46
C ALA A 196 -13.84 -0.24 17.22
N GLY A 197 -12.69 0.06 16.61
CA GLY A 197 -11.43 -0.23 17.26
C GLY A 197 -11.25 0.54 18.55
N ASP A 198 -11.68 1.79 18.56
CA ASP A 198 -11.60 2.58 19.79
C ASP A 198 -12.48 1.98 20.88
N LEU A 199 -13.71 1.62 20.52
CA LEU A 199 -14.61 0.98 21.47
C LEU A 199 -13.97 -0.27 22.04
N GLU A 200 -13.36 -1.07 21.19
CA GLU A 200 -12.76 -2.30 21.68
C GLU A 200 -11.52 -2.01 22.51
N THR A 201 -10.81 -0.93 22.21
CA THR A 201 -9.71 -0.51 23.06
C THR A 201 -10.21 -0.21 24.45
N LEU A 202 -11.29 0.55 24.53
CA LEU A 202 -11.95 0.77 25.80
C LEU A 202 -12.25 -0.55 26.47
N ARG A 203 -12.81 -1.49 25.71
CA ARG A 203 -13.18 -2.77 26.27
C ARG A 203 -11.99 -3.44 26.91
N SER A 204 -10.90 -3.56 26.17
CA SER A 204 -9.70 -4.21 26.65
C SER A 204 -9.20 -3.52 27.91
N TYR A 205 -8.95 -2.22 27.82
CA TYR A 205 -8.47 -1.47 28.97
C TYR A 205 -9.34 -1.68 30.18
N TYR A 206 -10.65 -1.73 29.97
CA TYR A 206 -11.57 -1.90 31.09
C TYR A 206 -11.41 -3.29 31.67
N LEU A 207 -11.11 -4.26 30.81
CA LEU A 207 -10.92 -5.64 31.25
C LEU A 207 -9.68 -5.78 32.11
N ASP A 208 -8.59 -5.14 31.69
CA ASP A 208 -7.27 -5.41 32.23
C ASP A 208 -7.16 -5.08 33.70
N ARG A 209 -8.25 -4.64 34.31
CA ARG A 209 -8.27 -4.35 35.74
C ARG A 209 -9.19 -5.31 36.48
N GLY A 210 -9.44 -6.48 35.93
CA GLY A 210 -10.18 -7.49 36.64
C GLY A 210 -11.68 -7.36 36.57
N TYR A 211 -12.19 -6.38 35.84
CA TYR A 211 -13.63 -6.28 35.61
C TYR A 211 -13.97 -7.23 34.46
N ALA A 212 -13.95 -8.52 34.78
CA ALA A 212 -14.09 -9.53 33.75
C ALA A 212 -15.42 -9.41 33.04
N ARG A 213 -16.51 -9.49 33.78
CA ARG A 213 -17.80 -9.73 33.16
C ARG A 213 -18.48 -8.44 32.71
N PHE A 214 -17.72 -7.38 32.48
CA PHE A 214 -18.37 -6.18 31.98
C PHE A 214 -18.79 -6.41 30.53
N ASN A 215 -19.60 -5.50 30.01
CA ASN A 215 -19.95 -5.57 28.60
C ASN A 215 -20.36 -4.19 28.12
N ILE A 216 -20.31 -4.02 26.80
CA ILE A 216 -20.77 -2.80 26.16
C ILE A 216 -22.24 -3.00 25.86
N ASP A 217 -23.10 -2.48 26.74
CA ASP A 217 -24.53 -2.71 26.61
C ASP A 217 -25.04 -2.24 25.26
N SER A 218 -24.81 -0.98 24.94
CA SER A 218 -25.31 -0.43 23.69
C SER A 218 -24.50 0.79 23.33
N THR A 219 -24.87 1.42 22.23
CA THR A 219 -24.22 2.62 21.75
C THR A 219 -25.07 3.23 20.66
N GLN A 220 -25.11 4.56 20.63
CA GLN A 220 -25.80 5.28 19.57
C GLN A 220 -24.96 6.48 19.16
N VAL A 221 -25.27 7.03 18.00
CA VAL A 221 -24.66 8.26 17.53
C VAL A 221 -25.75 9.11 16.92
N SER A 222 -25.95 10.31 17.46
CA SER A 222 -26.95 11.20 16.90
C SER A 222 -26.29 12.09 15.86
N LEU A 223 -27.00 13.13 15.46
CA LEU A 223 -26.47 14.11 14.53
C LEU A 223 -27.19 15.42 14.76
N THR A 224 -26.43 16.51 14.82
CA THR A 224 -27.05 17.82 14.91
C THR A 224 -28.00 18.01 13.74
N PRO A 225 -29.10 18.68 13.95
CA PRO A 225 -29.93 19.04 12.80
C PRO A 225 -29.29 20.21 12.07
N ASP A 226 -27.97 20.13 11.96
CA ASP A 226 -27.16 21.09 11.24
C ASP A 226 -26.04 20.42 10.47
N LYS A 227 -25.86 19.12 10.61
CA LYS A 227 -24.87 18.36 9.87
C LYS A 227 -23.46 18.88 10.10
N LYS A 228 -23.27 19.64 11.17
CA LYS A 228 -21.96 20.21 11.49
C LYS A 228 -21.36 19.66 12.78
N GLY A 229 -22.19 19.15 13.69
CA GLY A 229 -21.70 18.48 14.86
C GLY A 229 -22.42 17.16 15.06
N ILE A 230 -21.77 16.26 15.79
CA ILE A 230 -22.34 14.96 16.07
C ILE A 230 -22.18 14.65 17.56
N TYR A 231 -22.68 13.50 17.96
CA TYR A 231 -22.57 13.03 19.32
C TYR A 231 -22.39 11.53 19.31
N VAL A 232 -21.99 11.00 20.46
CA VAL A 232 -21.84 9.56 20.62
C VAL A 232 -21.88 9.21 22.09
N THR A 233 -22.66 8.18 22.43
CA THR A 233 -22.79 7.75 23.80
C THR A 233 -22.74 6.23 23.84
N VAL A 234 -22.21 5.70 24.93
CA VAL A 234 -22.09 4.25 25.11
C VAL A 234 -22.62 3.89 26.48
N ASN A 235 -23.14 2.69 26.59
CA ASN A 235 -23.70 2.18 27.83
C ASN A 235 -22.96 0.92 28.22
N ILE A 236 -22.53 0.85 29.48
CA ILE A 236 -21.69 -0.25 29.95
C ILE A 236 -22.18 -0.69 31.32
N THR A 237 -21.62 -1.79 31.78
CA THR A 237 -21.92 -2.34 33.10
C THR A 237 -20.61 -2.76 33.72
N GLU A 238 -20.31 -2.24 34.91
CA GLU A 238 -18.96 -2.39 35.45
C GLU A 238 -18.61 -3.84 35.71
N GLY A 239 -19.33 -4.49 36.63
CA GLY A 239 -18.88 -5.76 37.14
C GLY A 239 -17.72 -5.56 38.09
N ASP A 240 -17.56 -6.47 39.05
CA ASP A 240 -16.59 -6.27 40.11
C ASP A 240 -15.19 -6.55 39.60
N GLN A 241 -14.22 -6.47 40.51
CA GLN A 241 -12.91 -7.03 40.25
C GLN A 241 -13.01 -8.54 40.13
N TYR A 242 -11.89 -9.16 39.76
CA TYR A 242 -11.86 -10.62 39.72
C TYR A 242 -10.45 -11.11 39.97
N LYS A 243 -10.35 -12.29 40.57
CA LYS A 243 -9.09 -12.80 41.09
C LYS A 243 -8.72 -14.11 40.43
N LEU A 244 -7.45 -14.22 40.03
CA LEU A 244 -6.95 -15.46 39.47
C LEU A 244 -6.86 -16.53 40.54
N SER A 245 -7.19 -17.77 40.17
CA SER A 245 -7.04 -18.91 41.07
C SER A 245 -6.50 -20.08 40.25
N GLY A 246 -5.18 -20.16 40.17
CA GLY A 246 -4.53 -21.30 39.52
C GLY A 246 -4.79 -21.37 38.03
N VAL A 247 -4.18 -22.37 37.42
CA VAL A 247 -4.31 -22.64 35.99
C VAL A 247 -4.45 -24.14 35.81
N GLU A 248 -5.19 -24.54 34.77
CA GLU A 248 -5.58 -25.91 34.57
C GLU A 248 -5.16 -26.40 33.19
N VAL A 249 -3.90 -26.20 32.83
CA VAL A 249 -3.40 -26.71 31.56
C VAL A 249 -3.59 -28.21 31.51
N SER A 250 -4.03 -28.70 30.35
CA SER A 250 -4.21 -30.14 30.15
C SER A 250 -4.26 -30.40 28.64
N GLY A 251 -4.44 -31.66 28.30
CA GLY A 251 -4.38 -32.11 26.93
C GLY A 251 -3.10 -32.88 26.64
N ASN A 252 -2.77 -32.93 25.36
CA ASN A 252 -1.58 -33.62 24.91
C ASN A 252 -0.41 -32.63 24.86
N LEU A 253 0.57 -32.84 25.72
CA LEU A 253 1.68 -31.91 25.87
C LEU A 253 2.95 -32.40 25.21
N ALA A 254 2.93 -33.61 24.65
CA ALA A 254 4.15 -34.23 24.13
C ALA A 254 5.23 -34.30 25.20
N GLY A 255 4.83 -34.36 26.47
CA GLY A 255 5.80 -34.39 27.54
C GLY A 255 6.56 -33.10 27.64
N HIS A 256 5.89 -32.02 28.02
CA HIS A 256 6.58 -30.76 28.22
C HIS A 256 6.08 -29.99 29.42
N SER A 257 5.26 -30.61 30.27
CA SER A 257 4.64 -29.92 31.39
C SER A 257 5.60 -28.96 32.07
N ALA A 258 6.84 -29.41 32.29
CA ALA A 258 7.84 -28.58 32.94
C ALA A 258 7.93 -27.22 32.29
N GLU A 259 8.28 -27.18 31.01
CA GLU A 259 8.26 -25.91 30.30
C GLU A 259 6.85 -25.33 30.26
N ILE A 260 5.86 -26.20 30.12
CA ILE A 260 4.49 -25.72 30.05
C ILE A 260 4.09 -25.09 31.36
N GLU A 261 4.11 -25.88 32.45
CA GLU A 261 3.81 -25.35 33.76
C GLU A 261 4.59 -24.08 34.03
N GLN A 262 5.85 -24.05 33.60
CA GLN A 262 6.66 -22.87 33.85
C GLN A 262 6.21 -21.67 33.03
N LEU A 263 5.57 -21.91 31.90
CA LEU A 263 5.07 -20.79 31.11
C LEU A 263 3.82 -20.20 31.76
N THR A 264 3.05 -21.01 32.48
CA THR A 264 1.86 -20.53 33.15
C THR A 264 2.12 -20.19 34.60
N LYS A 265 3.30 -19.70 34.93
CA LYS A 265 3.58 -19.30 36.29
C LYS A 265 2.66 -18.16 36.69
N ILE A 266 1.75 -18.42 37.63
CA ILE A 266 0.75 -17.47 38.05
C ILE A 266 0.95 -17.15 39.51
N GLU A 267 1.21 -15.88 39.81
CA GLU A 267 1.29 -15.45 41.20
C GLU A 267 0.03 -15.91 41.92
N PRO A 268 0.17 -16.48 43.13
CA PRO A 268 -1.01 -17.00 43.83
C PRO A 268 -1.94 -15.87 44.27
N GLY A 269 -3.15 -15.88 43.74
CA GLY A 269 -4.19 -14.98 44.20
C GLY A 269 -3.94 -13.52 43.94
N GLU A 270 -4.00 -13.10 42.69
CA GLU A 270 -3.96 -11.68 42.35
C GLU A 270 -5.01 -11.42 41.28
N LEU A 271 -5.27 -10.14 41.03
CA LEU A 271 -6.44 -9.75 40.24
C LEU A 271 -6.35 -10.33 38.84
N TYR A 272 -7.51 -10.40 38.19
CA TYR A 272 -7.55 -10.94 36.85
C TYR A 272 -6.84 -10.01 35.87
N ASN A 273 -6.52 -10.56 34.70
CA ASN A 273 -6.18 -9.75 33.55
C ASN A 273 -6.56 -10.53 32.31
N GLY A 274 -6.80 -9.81 31.23
CA GLY A 274 -7.09 -10.47 29.97
C GLY A 274 -5.89 -10.55 29.07
N THR A 275 -5.20 -9.43 28.89
CA THR A 275 -4.12 -9.37 27.92
C THR A 275 -2.99 -10.31 28.31
N LYS A 276 -2.67 -10.38 29.59
CA LYS A 276 -1.60 -11.26 30.02
C LYS A 276 -1.94 -12.71 29.71
N VAL A 277 -3.20 -13.10 29.94
CA VAL A 277 -3.62 -14.45 29.64
C VAL A 277 -3.50 -14.73 28.16
N THR A 278 -3.99 -13.82 27.33
CA THR A 278 -3.90 -14.02 25.90
C THR A 278 -2.46 -14.17 25.47
N LYS A 279 -1.58 -13.31 25.98
CA LYS A 279 -0.18 -13.38 25.61
C LYS A 279 0.43 -14.70 26.04
N MET A 280 0.08 -15.16 27.23
CA MET A 280 0.61 -16.44 27.70
C MET A 280 0.17 -17.57 26.79
N GLU A 281 -1.09 -17.57 26.40
CA GLU A 281 -1.57 -18.58 25.45
C GLU A 281 -0.76 -18.53 24.17
N ASP A 282 -0.62 -17.34 23.60
CA ASP A 282 0.17 -17.21 22.38
C ASP A 282 1.59 -17.69 22.59
N ASP A 283 2.14 -17.50 23.77
CA ASP A 283 3.51 -17.91 24.02
C ASP A 283 3.64 -19.42 24.06
N ILE A 284 2.69 -20.09 24.71
CA ILE A 284 2.61 -21.54 24.62
C ILE A 284 2.61 -21.97 23.17
N LYS A 285 1.77 -21.32 22.37
CA LYS A 285 1.71 -21.65 20.96
C LYS A 285 3.09 -21.51 20.33
N LYS A 286 3.77 -20.42 20.64
CA LYS A 286 5.08 -20.16 20.03
C LYS A 286 6.05 -21.27 20.37
N LEU A 287 6.23 -21.54 21.67
CA LEU A 287 7.18 -22.56 22.07
C LEU A 287 6.84 -23.90 21.43
N LEU A 288 5.61 -24.34 21.60
CA LEU A 288 5.25 -25.65 21.10
C LEU A 288 5.48 -25.73 19.60
N GLY A 289 5.30 -24.61 18.89
CA GLY A 289 5.67 -24.59 17.50
C GLY A 289 7.16 -24.79 17.31
N ARG A 290 7.96 -24.09 18.10
CA ARG A 290 9.40 -24.19 17.96
C ARG A 290 9.86 -25.63 18.06
N TYR A 291 9.28 -26.38 18.99
CA TYR A 291 9.71 -27.76 19.07
C TYR A 291 9.28 -28.58 17.87
N GLY A 292 8.41 -28.04 17.04
CA GLY A 292 8.02 -28.74 15.83
C GLY A 292 6.54 -28.73 15.52
N TYR A 293 5.69 -28.77 16.54
CA TYR A 293 4.27 -28.80 16.28
C TYR A 293 3.78 -27.44 15.82
N ALA A 294 4.12 -27.06 14.60
CA ALA A 294 3.79 -25.72 14.13
C ALA A 294 2.30 -25.44 14.12
N TYR A 295 1.46 -26.47 14.04
CA TYR A 295 0.02 -26.31 14.00
C TYR A 295 -0.59 -26.94 15.25
N PRO A 296 -0.41 -26.31 16.39
CA PRO A 296 -0.89 -26.91 17.64
C PRO A 296 -2.35 -26.62 17.84
N ARG A 297 -2.97 -27.45 18.67
CA ARG A 297 -4.35 -27.22 19.08
C ARG A 297 -4.32 -26.57 20.45
N VAL A 298 -4.59 -25.28 20.50
CA VAL A 298 -4.53 -24.50 21.73
C VAL A 298 -5.92 -23.95 22.02
N GLN A 299 -6.29 -23.91 23.29
CA GLN A 299 -7.63 -23.46 23.66
C GLN A 299 -7.61 -22.97 25.09
N SER A 300 -8.17 -21.78 25.32
CA SER A 300 -8.18 -21.15 26.63
C SER A 300 -9.60 -20.69 26.94
N MET A 301 -10.21 -21.27 27.97
CA MET A 301 -11.55 -20.91 28.36
C MET A 301 -11.57 -20.50 29.82
N PRO A 302 -11.92 -19.27 30.17
CA PRO A 302 -11.90 -18.86 31.57
C PRO A 302 -13.02 -19.52 32.34
N GLU A 303 -12.86 -19.51 33.65
CA GLU A 303 -13.83 -20.09 34.56
C GLU A 303 -13.91 -19.20 35.79
N ILE A 304 -14.99 -18.45 35.92
CA ILE A 304 -15.12 -17.44 36.96
C ILE A 304 -16.09 -17.94 38.00
N ASN A 305 -16.09 -17.26 39.15
CA ASN A 305 -17.10 -17.55 40.16
C ASN A 305 -17.29 -16.30 41.03
N ASP A 306 -18.48 -15.72 40.96
CA ASP A 306 -18.80 -14.55 41.77
C ASP A 306 -18.99 -14.89 43.24
N ALA A 307 -19.10 -16.18 43.58
CA ALA A 307 -19.15 -16.56 44.98
C ALA A 307 -17.99 -15.95 45.76
N ASP A 308 -16.88 -15.73 45.09
CA ASP A 308 -15.81 -14.92 45.65
C ASP A 308 -15.20 -14.01 44.60
N LYS A 309 -15.83 -13.86 43.44
CA LYS A 309 -15.31 -13.03 42.36
C LYS A 309 -13.90 -13.43 41.99
N THR A 310 -13.67 -14.74 41.91
CA THR A 310 -12.38 -15.25 41.52
C THR A 310 -12.51 -16.16 40.31
N VAL A 311 -11.45 -16.21 39.52
CA VAL A 311 -11.43 -16.96 38.28
C VAL A 311 -10.33 -17.99 38.35
N LYS A 312 -10.62 -19.20 37.89
CA LYS A 312 -9.64 -20.27 37.75
C LYS A 312 -9.50 -20.56 36.27
N LEU A 313 -8.35 -20.22 35.71
CA LEU A 313 -8.17 -20.36 34.28
C LEU A 313 -8.18 -21.82 33.89
N ARG A 314 -8.84 -22.11 32.78
CA ARG A 314 -8.99 -23.47 32.26
C ARG A 314 -8.48 -23.43 30.83
N VAL A 315 -7.31 -24.02 30.60
CA VAL A 315 -6.70 -24.05 29.28
C VAL A 315 -6.45 -25.48 28.90
N ASN A 316 -6.95 -25.89 27.75
CA ASN A 316 -6.76 -27.23 27.25
C ASN A 316 -6.17 -27.14 25.85
N VAL A 317 -5.14 -27.93 25.58
CA VAL A 317 -4.40 -27.81 24.34
C VAL A 317 -4.15 -29.20 23.77
N ASP A 318 -3.63 -29.20 22.54
CA ASP A 318 -3.07 -30.41 21.96
C ASP A 318 -2.10 -30.01 20.86
N ALA A 319 -1.19 -30.93 20.54
CA ALA A 319 -0.09 -30.57 19.66
C ALA A 319 -0.40 -30.87 18.21
N GLY A 320 -0.60 -32.14 17.86
CA GLY A 320 -0.77 -32.51 16.47
C GLY A 320 0.35 -33.37 15.94
N ASN A 321 1.16 -32.83 15.04
CA ASN A 321 2.18 -33.60 14.36
C ASN A 321 3.44 -32.76 14.25
N ARG A 322 4.58 -33.42 14.09
CA ARG A 322 5.83 -32.70 14.31
C ARG A 322 6.47 -32.12 13.05
N PHE A 323 6.97 -32.97 12.17
CA PHE A 323 8.06 -32.59 11.27
C PHE A 323 7.56 -32.50 9.84
N TYR A 324 7.75 -31.33 9.24
CA TYR A 324 6.91 -31.02 8.09
C TYR A 324 7.73 -30.59 6.88
N VAL A 325 8.97 -30.16 7.09
CA VAL A 325 9.69 -29.52 6.00
C VAL A 325 10.04 -30.55 4.94
N ARG A 326 9.66 -30.26 3.71
CA ARG A 326 9.92 -31.16 2.59
C ARG A 326 10.70 -30.50 1.48
N LYS A 327 10.45 -29.23 1.20
CA LYS A 327 11.14 -28.57 0.11
C LYS A 327 11.05 -27.08 0.32
N ILE A 328 12.19 -26.42 0.38
CA ILE A 328 12.27 -24.99 0.61
C ILE A 328 12.60 -24.31 -0.72
N ARG A 329 11.87 -23.26 -1.03
CA ARG A 329 12.03 -22.56 -2.30
C ARG A 329 12.15 -21.07 -2.05
N PHE A 330 12.68 -20.38 -3.05
CA PHE A 330 12.77 -18.93 -3.01
C PHE A 330 12.16 -18.35 -4.27
N GLU A 331 11.80 -17.08 -4.20
CA GLU A 331 11.23 -16.40 -5.34
C GLU A 331 11.66 -14.94 -5.29
N GLY A 332 12.07 -14.41 -6.44
CA GLY A 332 12.49 -13.03 -6.56
C GLY A 332 13.92 -12.86 -7.02
N ASN A 333 14.73 -13.90 -6.96
CA ASN A 333 16.11 -13.79 -7.36
C ASN A 333 16.15 -13.59 -8.87
N ASP A 334 16.33 -12.35 -9.29
CA ASP A 334 16.40 -12.07 -10.72
C ASP A 334 17.72 -12.54 -11.31
N THR A 335 18.82 -12.12 -10.70
CA THR A 335 20.14 -12.39 -11.25
C THR A 335 21.01 -13.02 -10.18
N SER A 336 20.70 -12.73 -8.92
CA SER A 336 21.41 -13.36 -7.83
C SER A 336 21.26 -14.87 -7.94
N LYS A 337 22.34 -15.58 -7.65
CA LYS A 337 22.32 -17.02 -7.75
C LYS A 337 21.32 -17.60 -6.75
N ASP A 338 21.09 -18.90 -6.83
CA ASP A 338 20.27 -19.54 -5.81
C ASP A 338 21.09 -19.81 -4.57
N ALA A 339 22.22 -20.50 -4.74
CA ALA A 339 23.04 -20.87 -3.61
C ALA A 339 23.37 -19.66 -2.75
N VAL A 340 23.72 -18.55 -3.39
CA VAL A 340 24.22 -17.38 -2.66
C VAL A 340 23.30 -17.02 -1.53
N LEU A 341 22.00 -17.16 -1.71
CA LEU A 341 21.08 -16.87 -0.64
C LEU A 341 20.60 -18.11 0.08
N ARG A 342 20.91 -19.29 -0.42
CA ARG A 342 20.60 -20.47 0.37
C ARG A 342 21.68 -20.76 1.39
N ARG A 343 22.92 -20.33 1.13
CA ARG A 343 23.96 -20.48 2.12
C ARG A 343 23.52 -19.95 3.47
N GLU A 344 22.94 -18.75 3.48
CA GLU A 344 22.44 -18.19 4.72
C GLU A 344 21.08 -18.82 4.99
N MET A 345 21.12 -19.98 5.63
CA MET A 345 19.91 -20.67 6.03
C MET A 345 20.18 -21.40 7.33
N ARG A 346 19.12 -21.64 8.08
CA ARG A 346 19.27 -22.36 9.34
C ARG A 346 18.19 -23.41 9.54
N GLN A 347 17.53 -23.84 8.47
CA GLN A 347 16.59 -24.95 8.55
C GLN A 347 16.85 -25.84 7.35
N MET A 348 17.47 -26.98 7.57
CA MET A 348 17.88 -27.83 6.48
C MET A 348 16.67 -28.58 5.93
N GLU A 349 16.36 -28.33 4.67
CA GLU A 349 15.30 -29.04 3.98
C GLU A 349 15.43 -30.53 4.21
N GLY A 350 14.39 -31.14 4.75
CA GLY A 350 14.45 -32.54 5.10
C GLY A 350 14.74 -32.74 6.56
N ALA A 351 14.03 -32.00 7.41
CA ALA A 351 14.23 -32.07 8.85
C ALA A 351 12.97 -31.60 9.53
N TRP A 352 12.93 -31.77 10.84
CA TRP A 352 11.80 -31.26 11.59
C TRP A 352 11.77 -29.76 11.52
N LEU A 353 10.57 -29.22 11.46
CA LEU A 353 10.41 -27.78 11.34
C LEU A 353 10.70 -27.12 12.66
N GLY A 354 11.69 -26.23 12.67
CA GLY A 354 11.89 -25.36 13.81
C GLY A 354 11.57 -23.93 13.42
N SER A 355 10.42 -23.43 13.89
CA SER A 355 9.97 -22.12 13.45
C SER A 355 11.04 -21.07 13.66
N ASP A 356 11.61 -21.03 14.86
CA ASP A 356 12.70 -20.10 15.13
C ASP A 356 13.83 -20.25 14.14
N LEU A 357 14.06 -21.47 13.66
CA LEU A 357 15.15 -21.67 12.71
C LEU A 357 14.91 -20.88 11.44
N VAL A 358 13.77 -21.12 10.80
CA VAL A 358 13.49 -20.39 9.58
C VAL A 358 13.45 -18.90 9.86
N ASP A 359 13.01 -18.51 11.06
CA ASP A 359 12.89 -17.10 11.35
C ASP A 359 14.25 -16.44 11.41
N GLN A 360 15.18 -17.04 12.16
CA GLN A 360 16.51 -16.46 12.24
C GLN A 360 17.22 -16.55 10.91
N GLY A 361 16.90 -17.57 10.12
CA GLY A 361 17.37 -17.57 8.75
C GLY A 361 16.92 -16.31 8.02
N LYS A 362 15.65 -15.97 8.17
CA LYS A 362 15.14 -14.79 7.50
C LYS A 362 15.83 -13.53 7.99
N GLU A 363 16.05 -13.44 9.30
CA GLU A 363 16.70 -12.25 9.83
C GLU A 363 18.11 -12.13 9.29
N ARG A 364 18.85 -13.23 9.27
CA ARG A 364 20.19 -13.21 8.72
C ARG A 364 20.16 -12.76 7.28
N LEU A 365 19.28 -13.37 6.50
CA LEU A 365 19.11 -12.99 5.11
C LEU A 365 18.86 -11.50 4.98
N ASN A 366 18.05 -10.96 5.88
CA ASN A 366 17.77 -9.53 5.85
C ASN A 366 19.03 -8.75 6.09
N ARG A 367 19.76 -9.06 7.15
CA ARG A 367 20.94 -8.28 7.49
C ARG A 367 22.01 -8.42 6.43
N LEU A 368 21.92 -9.42 5.56
CA LEU A 368 22.76 -9.42 4.38
C LEU A 368 22.58 -8.12 3.60
N GLY A 369 21.35 -7.62 3.54
CA GLY A 369 21.09 -6.32 2.96
C GLY A 369 21.32 -6.23 1.47
N PHE A 370 20.71 -7.16 0.72
CA PHE A 370 20.75 -7.11 -0.74
C PHE A 370 19.38 -6.88 -1.34
N PHE A 371 18.36 -6.66 -0.51
CA PHE A 371 17.00 -6.77 -0.98
C PHE A 371 16.13 -5.71 -0.34
N GLU A 372 15.04 -5.41 -1.01
CA GLU A 372 14.02 -4.56 -0.40
C GLU A 372 13.49 -5.24 0.84
N THR A 373 12.84 -6.38 0.66
CA THR A 373 12.19 -7.07 1.76
C THR A 373 12.45 -8.56 1.62
N VAL A 374 12.18 -9.27 2.71
CA VAL A 374 12.20 -10.73 2.73
C VAL A 374 10.96 -11.19 3.44
N ASP A 375 10.21 -12.08 2.79
CA ASP A 375 8.91 -12.49 3.30
C ASP A 375 8.86 -14.01 3.32
N THR A 376 8.55 -14.56 4.48
CA THR A 376 8.46 -16.00 4.62
C THR A 376 7.02 -16.46 4.45
N ASP A 377 6.85 -17.77 4.43
CA ASP A 377 5.55 -18.41 4.33
C ASP A 377 5.74 -19.89 4.55
N THR A 378 4.82 -20.52 5.25
CA THR A 378 4.93 -21.92 5.63
C THR A 378 3.71 -22.69 5.19
N GLN A 379 3.30 -22.50 3.95
CA GLN A 379 2.10 -23.15 3.46
C GLN A 379 2.18 -24.66 3.62
N ARG A 380 1.05 -25.28 3.87
CA ARG A 380 1.00 -26.72 3.94
C ARG A 380 1.16 -27.31 2.54
N VAL A 381 1.24 -28.62 2.48
CA VAL A 381 1.33 -29.34 1.22
C VAL A 381 0.02 -30.09 1.02
N PRO A 382 -0.56 -30.07 -0.17
CA PRO A 382 -1.83 -30.75 -0.38
C PRO A 382 -1.69 -32.24 -0.15
N GLY A 383 -2.68 -32.81 0.54
CA GLY A 383 -2.73 -34.22 0.79
C GLY A 383 -1.79 -34.71 1.88
N SER A 384 -0.71 -33.99 2.15
CA SER A 384 -0.01 -34.66 3.24
C SER A 384 -0.43 -34.08 4.57
N PRO A 385 -0.59 -34.94 5.58
CA PRO A 385 -1.05 -34.46 6.88
C PRO A 385 0.02 -33.76 7.70
N ASP A 386 1.29 -34.04 7.45
CA ASP A 386 2.34 -33.52 8.32
C ASP A 386 3.55 -33.07 7.52
N GLN A 387 3.33 -32.32 6.45
CA GLN A 387 4.46 -31.78 5.70
C GLN A 387 4.12 -30.38 5.25
N VAL A 388 5.15 -29.57 5.01
CA VAL A 388 4.99 -28.21 4.51
C VAL A 388 6.10 -27.92 3.52
N ASP A 389 6.04 -26.74 2.92
CA ASP A 389 7.07 -26.27 2.00
C ASP A 389 7.24 -24.77 2.23
N VAL A 390 8.18 -24.41 3.09
CA VAL A 390 8.44 -23.01 3.35
C VAL A 390 8.96 -22.35 2.09
N VAL A 391 8.54 -21.12 1.86
CA VAL A 391 9.03 -20.35 0.73
C VAL A 391 9.34 -18.94 1.20
N TYR A 392 10.48 -18.41 0.77
CA TYR A 392 10.87 -17.05 1.08
C TYR A 392 10.60 -16.19 -0.12
N LYS A 393 9.86 -15.11 0.09
CA LYS A 393 9.63 -14.14 -0.96
C LYS A 393 10.55 -12.95 -0.73
N VAL A 394 11.25 -12.55 -1.78
CA VAL A 394 12.31 -11.55 -1.68
C VAL A 394 12.17 -10.59 -2.84
N LYS A 395 12.81 -9.44 -2.73
CA LYS A 395 12.79 -8.44 -3.79
C LYS A 395 14.13 -7.74 -3.85
N GLU A 396 14.81 -7.88 -4.98
CA GLU A 396 16.18 -7.41 -5.13
C GLU A 396 16.29 -5.92 -4.87
N ARG A 397 17.54 -5.47 -4.78
CA ARG A 397 17.85 -4.05 -4.61
C ARG A 397 19.16 -3.76 -5.31
N ASN A 398 19.11 -2.92 -6.35
CA ASN A 398 20.32 -2.59 -7.07
C ASN A 398 21.22 -1.70 -6.22
N THR A 399 22.44 -2.14 -5.99
CA THR A 399 23.36 -1.38 -5.15
C THR A 399 24.62 -0.93 -5.87
N GLY A 400 25.28 -1.83 -6.60
CA GLY A 400 26.59 -1.51 -7.15
C GLY A 400 26.49 -0.41 -8.19
N SER A 401 27.43 0.51 -8.16
CA SER A 401 27.38 1.67 -9.02
C SER A 401 28.28 1.49 -10.24
N PHE A 402 28.36 2.55 -11.05
CA PHE A 402 29.23 2.66 -12.21
C PHE A 402 29.21 4.10 -12.65
N ASN A 403 30.39 4.65 -12.96
CA ASN A 403 30.44 5.98 -13.54
C ASN A 403 31.73 6.13 -14.32
N PHE A 404 31.83 7.23 -15.04
CA PHE A 404 32.88 7.39 -16.03
C PHE A 404 32.94 8.85 -16.49
N GLY A 405 34.13 9.45 -16.51
CA GLY A 405 34.23 10.84 -16.89
C GLY A 405 35.43 11.16 -17.75
N ILE A 406 35.20 11.73 -18.92
CA ILE A 406 36.26 11.93 -19.91
C ILE A 406 36.26 13.40 -20.36
N GLY A 407 37.45 13.95 -20.50
CA GLY A 407 37.58 15.31 -21.01
C GLY A 407 39.02 15.75 -21.10
N TYR A 408 39.24 16.75 -21.95
CA TYR A 408 40.53 17.41 -22.12
C TYR A 408 40.32 18.89 -21.86
N GLY A 409 40.38 19.27 -20.60
CA GLY A 409 39.93 20.58 -20.14
C GLY A 409 40.93 21.70 -20.34
N THR A 410 40.94 22.63 -19.38
CA THR A 410 41.47 23.98 -19.56
C THR A 410 42.79 24.02 -20.32
N GLU A 411 43.83 23.40 -19.76
CA GLU A 411 45.15 23.45 -20.38
C GLU A 411 45.67 22.09 -20.78
N SER A 412 45.73 21.13 -19.85
CA SER A 412 46.30 19.84 -20.17
C SER A 412 45.55 18.67 -19.53
N GLY A 413 44.39 18.88 -18.94
CA GLY A 413 43.61 17.76 -18.45
C GLY A 413 43.31 16.79 -19.58
N VAL A 414 43.41 15.50 -19.27
CA VAL A 414 43.03 14.47 -20.22
C VAL A 414 42.14 13.46 -19.51
N SER A 415 41.42 13.92 -18.49
CA SER A 415 40.91 13.04 -17.44
C SER A 415 40.27 11.75 -17.92
N PHE A 416 40.89 10.62 -17.59
CA PHE A 416 40.27 9.31 -17.74
C PHE A 416 39.62 8.89 -16.43
N GLN A 417 38.83 9.79 -15.87
CA GLN A 417 38.21 9.51 -14.59
C GLN A 417 37.26 8.32 -14.71
N ALA A 418 37.58 7.23 -14.04
CA ALA A 418 36.76 6.03 -14.06
C ALA A 418 36.25 5.73 -12.66
N GLY A 419 35.63 4.57 -12.50
CA GLY A 419 35.19 4.15 -11.19
C GLY A 419 34.02 3.19 -11.22
N VAL A 420 34.11 2.14 -10.41
CA VAL A 420 33.06 1.13 -10.33
C VAL A 420 33.27 0.28 -9.10
N GLN A 421 32.20 -0.04 -8.40
CA GLN A 421 32.24 -1.08 -7.38
C GLN A 421 30.84 -1.67 -7.29
N GLN A 422 30.76 -2.99 -7.26
CA GLN A 422 29.48 -3.63 -7.52
C GLN A 422 28.86 -4.29 -6.32
N ASP A 423 29.65 -4.78 -5.37
CA ASP A 423 29.07 -5.22 -4.11
C ASP A 423 28.05 -6.33 -4.30
N ASN A 424 28.52 -7.57 -4.48
CA ASN A 424 27.74 -8.69 -5.02
C ASN A 424 27.60 -8.52 -6.52
N TRP A 425 28.76 -8.44 -7.16
CA TRP A 425 28.89 -8.55 -8.61
C TRP A 425 27.92 -9.55 -9.20
N LEU A 426 27.18 -9.13 -10.21
CA LEU A 426 26.39 -10.02 -11.05
C LEU A 426 25.54 -10.97 -10.23
N GLY A 427 25.26 -10.61 -8.98
CA GLY A 427 24.63 -11.53 -8.06
C GLY A 427 25.45 -12.79 -7.90
N THR A 428 26.70 -12.79 -8.36
CA THR A 428 27.48 -14.02 -8.29
C THR A 428 27.81 -14.39 -6.86
N GLY A 429 27.71 -13.45 -5.94
CA GLY A 429 27.97 -13.78 -4.57
C GLY A 429 28.97 -12.87 -3.89
N TYR A 430 29.99 -12.42 -4.61
CA TYR A 430 31.03 -11.64 -3.95
C TYR A 430 31.13 -10.24 -4.54
N ALA A 431 31.85 -9.40 -3.80
CA ALA A 431 31.93 -7.97 -4.04
C ALA A 431 33.28 -7.60 -4.60
N VAL A 432 33.28 -6.60 -5.49
CA VAL A 432 34.50 -6.08 -6.10
C VAL A 432 34.43 -4.57 -6.08
N GLY A 433 35.57 -3.95 -6.36
CA GLY A 433 35.67 -2.51 -6.42
C GLY A 433 36.86 -2.07 -7.23
N ILE A 434 36.66 -1.18 -8.19
CA ILE A 434 37.73 -0.75 -9.09
C ILE A 434 37.61 0.74 -9.30
N ASN A 435 38.67 1.47 -8.99
CA ASN A 435 38.76 2.88 -9.27
C ASN A 435 39.90 3.12 -10.24
N GLY A 436 40.21 4.39 -10.46
CA GLY A 436 41.29 4.72 -11.37
C GLY A 436 41.10 6.08 -11.97
N THR A 437 42.19 6.84 -12.07
CA THR A 437 42.10 8.20 -12.58
C THR A 437 43.44 8.56 -13.20
N LYS A 438 43.42 9.58 -14.05
CA LYS A 438 44.67 10.09 -14.62
C LYS A 438 44.48 11.59 -14.86
N ASN A 439 44.88 12.40 -13.89
CA ASN A 439 45.04 13.80 -14.17
C ASN A 439 46.29 14.00 -15.03
N ASP A 440 46.51 15.23 -15.46
CA ASP A 440 47.70 15.50 -16.24
C ASP A 440 48.96 15.24 -15.44
N TYR A 441 48.89 15.35 -14.13
CA TYR A 441 50.04 15.12 -13.28
C TYR A 441 49.84 13.99 -12.29
N GLN A 442 48.64 13.82 -11.76
CA GLN A 442 48.39 12.73 -10.84
C GLN A 442 48.09 11.45 -11.59
N THR A 443 48.51 10.33 -11.02
CA THR A 443 48.17 9.02 -11.54
C THR A 443 47.81 8.14 -10.36
N TYR A 444 46.74 7.37 -10.49
CA TYR A 444 46.28 6.58 -9.36
C TYR A 444 45.49 5.38 -9.85
N ALA A 445 45.73 4.23 -9.22
CA ALA A 445 44.98 3.02 -9.47
C ALA A 445 44.46 2.48 -8.15
N GLU A 446 43.65 1.44 -8.25
CA GLU A 446 42.99 0.86 -7.09
C GLU A 446 42.28 -0.40 -7.53
N LEU A 447 42.31 -1.43 -6.68
CA LEU A 447 41.61 -2.65 -7.05
C LEU A 447 41.46 -3.54 -5.83
N SER A 448 40.30 -4.17 -5.70
CA SER A 448 40.07 -5.07 -4.58
C SER A 448 38.97 -6.04 -4.96
N VAL A 449 38.91 -7.14 -4.22
CA VAL A 449 37.92 -8.17 -4.44
C VAL A 449 37.91 -9.07 -3.23
N THR A 450 36.72 -9.57 -2.88
CA THR A 450 36.63 -10.51 -1.78
C THR A 450 35.48 -11.46 -1.99
N ASN A 451 35.74 -12.74 -1.78
CA ASN A 451 34.72 -13.77 -1.90
C ASN A 451 34.33 -14.20 -0.49
N PRO A 452 33.21 -13.79 0.03
CA PRO A 452 32.90 -14.15 1.40
C PRO A 452 32.28 -15.52 1.50
N TYR A 453 32.74 -16.44 0.67
CA TYR A 453 32.64 -17.86 0.98
C TYR A 453 33.77 -18.54 0.20
N PHE A 454 34.92 -18.63 0.82
CA PHE A 454 35.94 -19.46 0.22
C PHE A 454 35.73 -20.90 0.60
N THR A 455 35.10 -21.13 1.73
CA THR A 455 34.54 -22.41 2.11
C THR A 455 33.05 -22.23 2.29
N VAL A 456 32.40 -23.30 2.72
CA VAL A 456 30.96 -23.23 2.95
C VAL A 456 30.64 -22.86 4.38
N ASP A 457 31.53 -23.17 5.31
CA ASP A 457 31.23 -22.86 6.71
C ASP A 457 31.20 -21.36 6.95
N GLY A 458 31.90 -20.59 6.12
CA GLY A 458 31.84 -19.15 6.27
C GLY A 458 33.19 -18.48 6.15
N VAL A 459 34.24 -19.24 5.85
CA VAL A 459 35.55 -18.64 5.73
C VAL A 459 35.56 -17.75 4.50
N SER A 460 35.56 -16.45 4.70
CA SER A 460 35.67 -15.53 3.59
C SER A 460 37.11 -15.46 3.12
N LEU A 461 37.36 -14.60 2.14
CA LEU A 461 38.70 -14.28 1.70
C LEU A 461 38.62 -13.16 0.68
N GLY A 462 39.65 -12.33 0.65
CA GLY A 462 39.71 -11.30 -0.36
C GLY A 462 40.97 -10.46 -0.35
N GLY A 463 41.56 -10.26 -1.52
CA GLY A 463 42.75 -9.46 -1.64
C GLY A 463 42.45 -8.04 -2.10
N ARG A 464 43.52 -7.28 -2.28
CA ARG A 464 43.42 -5.90 -2.73
C ARG A 464 44.82 -5.38 -3.00
N LEU A 465 44.95 -4.55 -4.02
CA LEU A 465 46.19 -3.83 -4.23
C LEU A 465 45.87 -2.49 -4.87
N PHE A 466 46.87 -1.63 -4.92
CA PHE A 466 46.63 -0.26 -5.35
C PHE A 466 47.91 0.31 -5.94
N TYR A 467 47.86 1.61 -6.22
CA TYR A 467 48.99 2.35 -6.76
C TYR A 467 48.64 3.82 -6.69
N ASN A 468 49.59 4.63 -6.26
CA ASN A 468 49.38 6.07 -6.19
C ASN A 468 50.63 6.76 -6.70
N ASP A 469 50.46 7.66 -7.65
CA ASP A 469 51.57 8.40 -8.21
C ASP A 469 51.32 9.89 -8.07
N PHE A 470 50.98 10.31 -6.87
CA PHE A 470 50.58 11.69 -6.67
C PHE A 470 51.77 12.62 -6.87
N GLN A 471 51.93 13.10 -8.10
CA GLN A 471 52.98 14.07 -8.42
C GLN A 471 52.98 15.19 -7.40
N ALA A 472 51.79 15.73 -7.08
CA ALA A 472 51.57 16.54 -5.90
C ALA A 472 52.52 17.75 -5.87
N ASP A 473 52.36 18.62 -6.87
CA ASP A 473 53.07 19.89 -6.89
C ASP A 473 52.04 20.96 -7.25
N ASP A 474 51.33 21.48 -6.25
CA ASP A 474 50.29 22.46 -6.52
C ASP A 474 50.90 23.70 -7.16
N ALA A 475 51.63 24.50 -6.38
CA ALA A 475 52.64 25.38 -6.95
C ALA A 475 53.99 25.11 -6.30
N ASP A 476 54.16 25.42 -5.01
CA ASP A 476 55.33 24.95 -4.28
C ASP A 476 55.10 24.77 -2.78
N LEU A 477 53.90 24.97 -2.25
CA LEU A 477 53.75 24.98 -0.79
C LEU A 477 52.58 24.12 -0.36
N SER A 478 52.79 23.32 0.67
CA SER A 478 51.84 22.30 1.10
C SER A 478 51.54 21.35 -0.05
N ASP A 479 52.53 21.18 -0.94
CA ASP A 479 52.40 20.29 -2.08
C ASP A 479 52.80 18.86 -1.74
N TYR A 480 54.04 18.65 -1.28
CA TYR A 480 54.42 17.38 -0.67
C TYR A 480 54.28 16.22 -1.67
N THR A 481 55.16 16.25 -2.67
CA THR A 481 55.17 15.24 -3.73
C THR A 481 55.27 13.83 -3.15
N ASN A 482 54.77 12.83 -3.87
CA ASN A 482 54.64 11.52 -3.26
C ASN A 482 54.45 10.45 -4.33
N LYS A 483 54.80 9.21 -3.97
CA LYS A 483 54.47 8.04 -4.76
C LYS A 483 54.34 6.87 -3.82
N SER A 484 53.30 6.06 -3.99
CA SER A 484 53.10 4.95 -3.08
C SER A 484 52.32 3.84 -3.76
N TYR A 485 52.49 2.63 -3.24
CA TYR A 485 51.84 1.45 -3.76
C TYR A 485 52.06 0.32 -2.77
N GLY A 486 51.23 -0.70 -2.88
CA GLY A 486 51.29 -1.83 -1.97
C GLY A 486 50.03 -2.66 -2.07
N THR A 487 50.05 -3.77 -1.34
CA THR A 487 48.96 -4.73 -1.40
C THR A 487 48.69 -5.33 -0.03
N ASP A 488 47.66 -6.16 0.04
CA ASP A 488 47.22 -6.75 1.29
C ASP A 488 46.18 -7.81 1.00
N VAL A 489 46.24 -8.90 1.76
CA VAL A 489 45.27 -9.99 1.66
C VAL A 489 44.80 -10.33 3.06
N THR A 490 43.59 -10.87 3.15
CA THR A 490 42.96 -11.14 4.43
C THR A 490 42.40 -12.55 4.46
N LEU A 491 41.77 -12.89 5.58
CA LEU A 491 41.11 -14.17 5.73
C LEU A 491 40.09 -14.03 6.85
N GLY A 492 38.81 -14.01 6.49
CA GLY A 492 37.75 -13.79 7.46
C GLY A 492 37.01 -15.09 7.75
N PHE A 493 36.67 -15.29 9.02
CA PHE A 493 35.92 -16.46 9.41
C PHE A 493 35.10 -16.13 10.64
N PRO A 494 33.90 -16.68 10.77
CA PRO A 494 33.07 -16.39 11.92
C PRO A 494 33.53 -17.19 13.12
N ILE A 495 32.97 -16.85 14.27
CA ILE A 495 33.22 -17.60 15.49
C ILE A 495 31.96 -18.01 16.21
N ASN A 496 30.84 -17.31 16.02
CA ASN A 496 29.56 -17.75 16.55
C ASN A 496 28.50 -17.24 15.59
N GLU A 497 27.26 -17.19 16.05
CA GLU A 497 26.20 -16.70 15.20
C GLU A 497 26.46 -15.28 14.72
N TYR A 498 27.13 -14.47 15.51
CA TYR A 498 27.27 -13.06 15.15
C TYR A 498 28.70 -12.59 15.02
N ASN A 499 29.56 -12.89 15.98
CA ASN A 499 30.89 -12.33 15.98
C ASN A 499 31.70 -12.92 14.84
N SER A 500 32.90 -12.38 14.65
CA SER A 500 33.78 -12.81 13.59
C SER A 500 35.16 -12.26 13.85
N LEU A 501 36.15 -12.86 13.20
CA LEU A 501 37.50 -12.38 13.26
C LEU A 501 38.06 -12.35 11.86
N ARG A 502 39.23 -11.75 11.71
CA ARG A 502 39.90 -11.75 10.43
C ARG A 502 41.33 -11.34 10.64
N ALA A 503 42.21 -11.91 9.84
CA ALA A 503 43.63 -11.65 9.92
C ALA A 503 44.14 -11.52 8.50
N GLY A 504 45.45 -11.54 8.32
CA GLY A 504 46.00 -11.48 6.99
C GLY A 504 47.13 -10.49 6.87
N LEU A 505 48.05 -10.77 5.97
CA LEU A 505 49.24 -9.97 5.80
C LEU A 505 49.01 -8.87 4.77
N GLY A 506 49.76 -7.80 4.93
CA GLY A 506 49.80 -6.75 3.93
C GLY A 506 51.23 -6.29 3.72
N TYR A 507 51.52 -5.87 2.50
CA TYR A 507 52.83 -5.33 2.18
C TYR A 507 52.64 -4.04 1.40
N VAL A 508 53.40 -3.02 1.79
CA VAL A 508 53.28 -1.71 1.17
C VAL A 508 54.66 -1.11 1.06
N HIS A 509 54.89 -0.40 -0.03
CA HIS A 509 56.07 0.40 -0.25
C HIS A 509 55.70 1.86 -0.11
N ASN A 510 56.68 2.73 -0.20
CA ASN A 510 56.36 4.15 -0.20
C ASN A 510 57.59 4.95 -0.59
N SER A 511 57.36 6.17 -1.05
CA SER A 511 58.45 7.01 -1.50
C SER A 511 57.93 8.43 -1.70
N LEU A 512 58.80 9.40 -1.45
CA LEU A 512 58.34 10.79 -1.41
C LEU A 512 59.53 11.72 -1.29
N SER A 513 59.39 12.90 -1.90
CA SER A 513 60.43 13.92 -1.82
C SER A 513 59.79 15.27 -2.09
N ASN A 514 60.61 16.31 -2.05
CA ASN A 514 60.17 17.67 -2.38
C ASN A 514 58.97 18.07 -1.52
N MET A 515 59.22 18.18 -0.22
CA MET A 515 58.18 18.57 0.72
C MET A 515 58.67 19.67 1.64
N GLN A 516 57.72 20.34 2.26
CA GLN A 516 57.98 21.60 2.95
C GLN A 516 58.61 21.33 4.31
N PRO A 517 59.52 22.18 4.75
CA PRO A 517 60.08 22.01 6.09
C PRO A 517 59.13 22.43 7.20
N GLN A 518 58.24 21.51 7.56
CA GLN A 518 57.37 21.66 8.72
C GLN A 518 58.14 21.26 9.97
N VAL A 519 57.44 21.02 11.07
CA VAL A 519 58.05 20.39 12.22
C VAL A 519 57.60 18.95 12.40
N ALA A 520 56.33 18.64 12.13
CA ALA A 520 55.85 17.28 12.31
C ALA A 520 56.64 16.31 11.47
N MET A 521 56.62 16.50 10.15
CA MET A 521 57.46 15.73 9.25
C MET A 521 58.85 15.58 9.83
N TRP A 522 59.42 16.68 10.27
CA TRP A 522 60.82 16.67 10.63
C TRP A 522 61.05 16.01 11.98
N ARG A 523 60.09 16.12 12.89
CA ARG A 523 60.21 15.33 14.10
C ARG A 523 60.21 13.85 13.78
N TYR A 524 59.27 13.43 12.93
CA TYR A 524 59.22 12.01 12.58
C TYR A 524 60.51 11.59 11.89
N LEU A 525 61.05 12.44 11.03
CA LEU A 525 62.27 12.09 10.34
C LEU A 525 63.41 11.96 11.33
N TYR A 526 63.48 12.88 12.28
CA TYR A 526 64.52 12.77 13.30
C TYR A 526 64.33 11.51 14.13
N SER A 527 63.10 11.04 14.25
CA SER A 527 62.88 9.73 14.85
C SER A 527 63.47 8.65 13.97
N MET A 528 63.20 8.70 12.68
CA MET A 528 63.91 7.87 11.73
C MET A 528 65.36 8.25 11.60
N GLY A 529 65.78 9.33 12.24
CA GLY A 529 67.11 9.85 12.09
C GLY A 529 67.37 10.51 10.76
N GLU A 530 66.59 10.16 9.75
CA GLU A 530 66.77 10.63 8.41
C GLU A 530 65.63 10.10 7.55
N HIS A 531 68.12 13.50 9.82
CA HIS A 531 68.67 14.85 10.00
C HIS A 531 68.67 15.69 8.73
N PRO A 532 67.54 15.78 8.03
CA PRO A 532 67.52 16.51 6.77
C PRO A 532 67.70 18.01 6.99
N SER A 533 68.14 18.68 5.93
CA SER A 533 68.45 20.10 5.99
C SER A 533 67.16 20.88 6.21
N THR A 534 66.98 21.39 7.43
CA THR A 534 65.74 22.10 7.76
C THR A 534 65.52 23.31 6.88
N SER A 535 66.60 23.99 6.51
CA SER A 535 66.48 25.25 5.78
C SER A 535 65.68 25.07 4.50
N ASP A 536 66.20 24.29 3.57
CA ASP A 536 65.61 24.19 2.24
C ASP A 536 64.49 23.14 2.21
N GLN A 537 64.01 22.81 1.02
CA GLN A 537 62.98 21.79 0.85
C GLN A 537 63.27 20.92 -0.36
N ASP A 538 64.53 20.56 -0.57
CA ASP A 538 64.89 19.52 -1.52
C ASP A 538 64.94 18.15 -0.87
N ASN A 539 64.24 17.99 0.23
CA ASN A 539 64.23 16.75 1.00
C ASN A 539 63.76 15.57 0.15
N SER A 540 64.21 14.38 0.54
CA SER A 540 63.91 13.16 -0.20
C SER A 540 64.11 11.96 0.70
N PHE A 541 63.26 10.95 0.56
CA PHE A 541 63.29 9.79 1.43
C PHE A 541 62.29 8.76 0.94
N LYS A 542 62.48 7.51 1.34
CA LYS A 542 61.51 6.47 1.02
C LYS A 542 61.57 5.38 2.07
N THR A 543 60.66 4.42 1.95
CA THR A 543 60.57 3.31 2.88
C THR A 543 59.88 2.13 2.20
N ASP A 544 59.69 1.06 2.98
CA ASP A 544 58.94 -0.12 2.58
C ASP A 544 58.81 -1.01 3.79
N ASP A 545 57.71 -1.75 3.85
CA ASP A 545 57.44 -2.51 5.06
C ASP A 545 56.34 -3.53 4.89
N PHE A 546 56.58 -4.75 5.33
CA PHE A 546 55.52 -5.73 5.41
C PHE A 546 54.69 -5.44 6.64
N THR A 547 53.45 -5.91 6.63
CA THR A 547 52.61 -5.64 7.78
C THR A 547 51.61 -6.76 7.98
N PHE A 548 51.13 -6.88 9.21
CA PHE A 548 50.20 -7.92 9.62
C PHE A 548 48.93 -7.27 10.13
N ASN A 549 47.79 -7.84 9.79
CA ASN A 549 46.52 -7.20 10.09
C ASN A 549 45.67 -8.10 10.95
N TYR A 550 44.63 -7.51 11.51
CA TYR A 550 43.65 -8.25 12.30
C TYR A 550 42.51 -7.32 12.65
N GLY A 551 41.32 -7.89 12.77
CA GLY A 551 40.20 -7.09 13.22
C GLY A 551 38.98 -7.90 13.58
N TRP A 552 38.48 -7.65 14.77
CA TRP A 552 37.29 -8.32 15.25
C TRP A 552 36.06 -7.65 14.65
N THR A 553 34.91 -8.26 14.85
CA THR A 553 33.64 -7.68 14.42
C THR A 553 32.55 -8.24 15.32
N TYR A 554 31.42 -7.56 15.30
CA TYR A 554 30.20 -8.10 15.89
C TYR A 554 29.05 -7.31 15.33
N ASN A 555 28.13 -8.00 14.67
CA ASN A 555 27.00 -7.34 14.04
C ASN A 555 25.74 -8.07 14.42
N LYS A 556 24.71 -7.30 14.78
CA LYS A 556 23.40 -7.84 15.07
C LYS A 556 22.33 -6.94 14.50
N LEU A 557 22.66 -6.19 13.45
CA LEU A 557 21.77 -5.16 12.96
C LEU A 557 20.45 -5.75 12.49
N ASP A 558 19.42 -4.92 12.57
CA ASP A 558 18.10 -5.36 12.14
C ASP A 558 18.04 -5.53 10.64
N ARG A 559 18.25 -4.45 9.90
CA ARG A 559 18.14 -4.48 8.45
C ARG A 559 19.52 -4.32 7.82
N GLY A 560 19.53 -4.20 6.51
CA GLY A 560 20.78 -4.11 5.79
C GLY A 560 21.29 -2.69 5.66
N TYR A 561 20.43 -1.77 5.25
CA TYR A 561 20.89 -0.42 4.95
C TYR A 561 20.23 0.65 5.81
N PHE A 562 18.96 0.51 6.12
CA PHE A 562 18.31 1.46 6.98
C PHE A 562 17.91 0.77 8.27
N PRO A 563 18.87 0.52 9.16
CA PRO A 563 18.59 -0.29 10.33
C PRO A 563 17.58 0.38 11.23
N THR A 564 16.97 -0.44 12.09
CA THR A 564 16.07 0.08 13.11
C THR A 564 16.33 -0.53 14.48
N ASP A 565 17.22 -1.50 14.59
CA ASP A 565 17.50 -2.12 15.88
C ASP A 565 18.84 -2.83 15.81
N GLY A 566 19.31 -3.24 16.98
CA GLY A 566 20.57 -3.92 17.08
C GLY A 566 21.75 -2.98 16.89
N SER A 567 22.90 -3.45 17.33
CA SER A 567 24.12 -2.67 17.23
C SER A 567 25.04 -3.31 16.20
N ARG A 568 26.18 -2.67 15.96
CA ARG A 568 27.23 -3.26 15.14
C ARG A 568 28.55 -2.66 15.55
N VAL A 569 29.27 -3.36 16.37
CA VAL A 569 30.62 -2.95 16.71
C VAL A 569 31.57 -3.47 15.65
N ASN A 570 32.62 -2.72 15.41
CA ASN A 570 33.69 -3.13 14.53
C ASN A 570 34.99 -3.00 15.29
N LEU A 571 36.09 -3.37 14.65
CA LEU A 571 37.42 -3.16 15.19
C LEU A 571 38.40 -3.46 14.09
N THR A 572 39.53 -2.74 14.11
CA THR A 572 40.57 -3.00 13.14
C THR A 572 41.92 -2.76 13.78
N GLY A 573 42.78 -3.76 13.70
CA GLY A 573 44.13 -3.66 14.23
C GLY A 573 45.17 -3.87 13.15
N LYS A 574 46.32 -3.25 13.33
CA LYS A 574 47.36 -3.29 12.32
C LYS A 574 48.68 -2.96 12.99
N VAL A 575 49.70 -3.75 12.70
CA VAL A 575 50.99 -3.60 13.35
C VAL A 575 52.08 -4.06 12.41
N THR A 576 53.21 -3.36 12.45
CA THR A 576 54.33 -3.72 11.62
C THR A 576 54.87 -5.08 12.02
N ILE A 577 55.70 -5.64 11.15
CA ILE A 577 56.32 -6.92 11.41
C ILE A 577 57.82 -6.70 11.47
N PRO A 578 58.54 -7.39 12.34
CA PRO A 578 59.98 -7.16 12.45
C PRO A 578 60.67 -7.47 11.14
N GLY A 579 61.61 -6.60 10.77
CA GLY A 579 62.24 -6.62 9.46
C GLY A 579 61.86 -5.45 8.58
N SER A 580 60.80 -4.73 8.93
CA SER A 580 60.34 -3.59 8.14
C SER A 580 61.16 -2.37 8.52
N ASP A 581 60.71 -1.19 8.10
CA ASP A 581 61.41 0.06 8.38
C ASP A 581 60.53 1.11 9.03
N ASN A 582 59.31 0.77 9.44
CA ASN A 582 58.41 1.72 10.08
C ASN A 582 57.65 0.95 11.16
N GLU A 583 58.09 1.08 12.40
CA GLU A 583 57.64 0.22 13.47
C GLU A 583 56.62 0.97 14.31
N TYR A 584 55.42 0.45 14.37
CA TYR A 584 54.30 1.15 14.97
C TYR A 584 53.09 0.26 14.98
N TYR A 585 51.97 0.77 15.48
CA TYR A 585 50.73 0.02 15.42
C TYR A 585 49.59 0.99 15.63
N LYS A 586 48.53 0.81 14.87
CA LYS A 586 47.35 1.64 15.06
C LYS A 586 46.13 0.75 15.03
N VAL A 587 45.16 1.10 15.85
CA VAL A 587 43.95 0.32 16.01
C VAL A 587 42.78 1.29 16.02
N THR A 588 41.64 0.84 15.54
CA THR A 588 40.47 1.70 15.54
C THR A 588 39.25 0.96 16.04
N LEU A 589 38.07 1.58 15.93
CA LEU A 589 36.89 1.01 16.53
C LEU A 589 35.68 1.74 15.98
N ASP A 590 34.53 1.09 16.06
CA ASP A 590 33.28 1.70 15.62
C ASP A 590 32.12 0.97 16.25
N THR A 591 31.10 1.71 16.65
CA THR A 591 29.88 1.14 17.20
C THR A 591 28.71 1.89 16.61
N ALA A 592 27.93 1.24 15.76
CA ALA A 592 26.72 1.84 15.23
C ALA A 592 25.51 1.31 15.98
N THR A 593 25.37 1.75 17.23
CA THR A 593 24.26 1.27 18.03
C THR A 593 22.95 1.90 17.58
N TYR A 594 21.85 1.20 17.87
CA TYR A 594 20.52 1.64 17.51
C TYR A 594 19.59 1.37 18.69
N VAL A 595 18.40 1.99 18.63
CA VAL A 595 17.28 1.58 19.47
C VAL A 595 16.01 2.26 18.97
N PRO A 596 14.92 1.53 18.81
CA PRO A 596 13.65 2.16 18.48
C PRO A 596 12.88 2.49 19.75
N ILE A 597 11.94 3.43 19.60
CA ILE A 597 11.04 3.80 20.68
C ILE A 597 9.59 3.50 20.33
N ASP A 598 9.19 3.77 19.10
CA ASP A 598 7.88 3.37 18.63
C ASP A 598 7.96 1.94 18.14
N ASP A 599 7.02 1.10 18.59
CA ASP A 599 6.98 -0.27 18.10
C ASP A 599 6.74 -0.32 16.61
N ASP A 600 6.24 0.77 16.02
CA ASP A 600 6.18 0.87 14.58
C ASP A 600 7.57 0.87 13.97
N HIS A 601 8.57 1.27 14.75
CA HIS A 601 9.94 1.41 14.29
C HIS A 601 10.02 2.44 13.17
N LYS A 602 9.47 3.62 13.46
CA LYS A 602 9.68 4.80 12.63
C LYS A 602 10.39 5.89 13.39
N TRP A 603 10.70 5.67 14.67
CA TRP A 603 11.32 6.69 15.52
C TRP A 603 12.44 5.98 16.27
N VAL A 604 13.67 6.21 15.84
CA VAL A 604 14.81 5.45 16.33
C VAL A 604 15.88 6.42 16.82
N VAL A 605 16.43 6.13 17.98
CA VAL A 605 17.57 6.85 18.51
C VAL A 605 18.83 6.19 17.98
N LEU A 606 19.76 6.98 17.48
CA LEU A 606 21.01 6.45 16.95
C LEU A 606 22.18 7.12 17.64
N GLY A 607 23.14 6.31 18.08
CA GLY A 607 24.41 6.81 18.52
C GLY A 607 25.51 6.09 17.78
N ARG A 608 26.70 6.66 17.82
CA ARG A 608 27.85 6.02 17.20
C ARG A 608 29.12 6.64 17.75
N THR A 609 30.26 6.07 17.36
CA THR A 609 31.54 6.55 17.82
C THR A 609 32.61 6.12 16.83
N ARG A 610 33.86 6.45 17.18
CA ARG A 610 35.02 6.07 16.40
C ARG A 610 36.26 6.49 17.18
N TRP A 611 37.32 5.70 17.15
CA TRP A 611 38.48 5.97 17.99
C TRP A 611 39.73 5.54 17.25
N GLY A 612 40.87 5.69 17.90
CA GLY A 612 42.13 5.32 17.27
C GLY A 612 43.28 5.54 18.21
N TYR A 613 44.47 5.23 17.73
CA TYR A 613 45.69 5.42 18.50
C TYR A 613 46.87 5.16 17.56
N GLY A 614 48.08 5.21 18.11
CA GLY A 614 49.29 4.97 17.34
C GLY A 614 50.46 4.99 18.28
N ASP A 615 51.63 4.66 17.74
CA ASP A 615 52.84 4.59 18.54
C ASP A 615 54.03 4.49 17.58
N GLY A 616 55.21 4.22 18.13
CA GLY A 616 56.40 4.09 17.33
C GLY A 616 57.20 2.84 17.63
N LEU A 617 56.60 1.91 18.34
CA LEU A 617 57.14 0.58 18.58
C LEU A 617 58.61 0.61 18.94
N GLY A 618 58.93 1.48 19.90
CA GLY A 618 60.28 1.56 20.38
C GLY A 618 61.16 2.36 19.46
N GLY A 619 61.87 3.33 20.00
CA GLY A 619 62.80 4.09 19.20
C GLY A 619 62.08 5.02 18.25
N LYS A 620 61.41 4.45 17.26
CA LYS A 620 60.84 5.26 16.22
C LYS A 620 59.48 5.81 16.65
N GLU A 621 58.82 6.50 15.72
CA GLU A 621 57.52 7.09 15.94
C GLU A 621 56.67 6.81 14.71
N MET A 622 55.36 6.83 14.89
CA MET A 622 54.46 6.51 13.79
C MET A 622 54.72 7.43 12.60
N PRO A 623 54.70 6.91 11.39
CA PRO A 623 54.85 7.77 10.22
C PRO A 623 53.58 8.56 9.97
N PHE A 624 53.76 9.80 9.52
CA PHE A 624 52.64 10.73 9.44
C PHE A 624 51.65 10.38 8.36
N TYR A 625 52.04 9.62 7.35
CA TYR A 625 51.13 9.39 6.25
C TYR A 625 50.06 8.39 6.64
N GLU A 626 49.91 8.15 7.94
CA GLU A 626 48.85 7.28 8.44
C GLU A 626 48.02 7.95 9.54
N ASN A 627 48.25 9.23 9.81
CA ASN A 627 47.61 9.86 10.95
C ASN A 627 46.11 9.94 10.74
N PHE A 628 45.41 10.26 11.82
CA PHE A 628 43.96 10.41 11.80
C PHE A 628 43.60 11.87 11.69
N TYR A 629 42.51 12.14 10.97
CA TYR A 629 41.89 13.45 10.98
C TYR A 629 40.51 13.35 10.35
N ALA A 630 39.60 14.18 10.85
CA ALA A 630 38.18 14.08 10.54
C ALA A 630 37.66 15.42 10.02
N GLY A 631 36.41 15.40 9.56
CA GLY A 631 35.74 16.61 9.11
C GLY A 631 35.03 16.49 7.79
N GLY A 632 33.97 17.28 7.64
CA GLY A 632 33.27 17.43 6.39
C GLY A 632 32.12 16.48 6.16
N SER A 633 32.20 15.27 6.70
CA SER A 633 31.20 14.25 6.41
C SER A 633 31.08 13.36 7.63
N SER A 634 30.62 12.12 7.40
CA SER A 634 30.28 11.15 8.44
C SER A 634 31.28 11.14 9.58
N THR A 635 32.50 11.58 9.32
CA THR A 635 33.42 11.88 10.40
C THR A 635 32.75 12.85 11.36
N VAL A 636 32.48 14.05 10.88
CA VAL A 636 31.73 15.06 11.63
C VAL A 636 31.20 16.07 10.64
N ARG A 637 29.96 16.46 10.82
CA ARG A 637 29.32 17.34 9.85
C ARG A 637 29.73 18.79 10.13
N GLY A 638 29.07 19.72 9.47
CA GLY A 638 29.29 21.12 9.75
C GLY A 638 30.60 21.63 9.18
N PHE A 639 31.71 21.17 9.75
CA PHE A 639 33.00 21.68 9.34
C PHE A 639 33.32 21.24 7.91
N GLN A 640 34.39 21.83 7.38
CA GLN A 640 34.91 21.40 6.10
C GLN A 640 35.56 20.03 6.24
N SER A 641 35.94 19.45 5.11
CA SER A 641 36.52 18.12 5.12
C SER A 641 37.94 18.17 5.66
N ASN A 642 38.22 17.34 6.66
CA ASN A 642 39.56 17.16 7.19
C ASN A 642 40.19 18.51 7.56
N THR A 643 39.59 19.13 8.56
CA THR A 643 40.12 20.38 9.09
C THR A 643 40.30 20.36 10.59
N ILE A 644 39.73 19.42 11.31
CA ILE A 644 39.92 19.36 12.74
C ILE A 644 41.28 18.75 13.04
N GLY A 645 41.81 19.06 14.21
CA GLY A 645 43.08 18.52 14.60
C GLY A 645 44.16 19.55 14.49
N PRO A 646 45.35 19.22 14.96
CA PRO A 646 46.45 20.18 14.95
C PRO A 646 46.71 20.70 13.55
N LYS A 647 47.23 21.91 13.49
CA LYS A 647 47.50 22.58 12.23
C LYS A 647 49.00 22.60 11.97
N ALA A 648 49.41 22.24 10.77
CA ALA A 648 50.81 22.13 10.45
C ALA A 648 51.49 23.49 10.49
N VAL A 649 52.52 23.60 11.30
CA VAL A 649 53.33 24.81 11.37
C VAL A 649 54.59 24.59 10.55
N TYR A 650 55.05 25.65 9.91
CA TYR A 650 56.17 25.57 9.01
C TYR A 650 57.41 26.19 9.67
N PHE A 651 58.53 26.05 9.00
CA PHE A 651 59.77 26.76 9.29
C PHE A 651 59.86 28.04 8.46
N PRO A 652 60.90 28.85 8.63
CA PRO A 652 61.09 29.94 7.68
C PRO A 652 62.02 29.52 6.56
N HIS A 653 59.57 29.96 0.58
CA HIS A 653 59.81 31.28 1.13
C HIS A 653 61.12 31.31 1.91
N GLN A 654 62.22 31.13 1.19
CA GLN A 654 63.57 30.97 1.73
C GLN A 654 64.11 32.23 2.38
N ALA A 655 63.36 33.31 2.51
CA ALA A 655 63.87 34.48 3.23
C ALA A 655 62.76 35.08 4.05
N LYS A 673 60.37 31.42 17.99
CA LYS A 673 60.68 30.65 16.79
C LYS A 673 60.29 31.42 15.55
N ASP A 674 61.12 31.29 14.52
CA ASP A 674 60.85 31.96 13.25
C ASP A 674 59.85 31.12 12.47
N LEU A 675 58.76 30.74 13.11
CA LEU A 675 57.78 29.80 12.57
C LEU A 675 56.49 30.55 12.28
N CYS A 676 55.59 29.89 11.57
CA CYS A 676 54.32 30.51 11.26
C CYS A 676 53.22 29.46 11.25
N LYS A 677 52.04 29.88 11.70
CA LYS A 677 50.87 29.03 11.76
C LYS A 677 50.08 29.15 10.48
N SER A 678 49.25 28.16 10.22
CA SER A 678 48.43 28.14 9.02
C SER A 678 47.30 27.15 9.26
N ASP A 679 46.63 26.75 8.20
CA ASP A 679 45.47 25.89 8.29
C ASP A 679 45.69 24.67 7.39
N ASP A 680 46.41 23.69 7.93
CA ASP A 680 46.65 22.43 7.24
C ASP A 680 46.38 21.32 8.23
N ALA A 681 45.36 20.51 7.94
CA ALA A 681 45.00 19.45 8.87
C ALA A 681 46.04 18.34 8.82
N VAL A 682 47.23 18.62 9.34
CA VAL A 682 48.31 17.64 9.33
C VAL A 682 47.85 16.32 9.94
N GLY A 683 46.98 16.38 10.95
CA GLY A 683 46.37 15.18 11.46
C GLY A 683 47.17 14.50 12.54
N GLY A 684 46.52 14.25 13.67
CA GLY A 684 47.16 13.60 14.80
C GLY A 684 46.94 12.12 14.78
N ASN A 685 47.46 11.47 15.83
CA ASN A 685 47.41 10.02 15.95
C ASN A 685 46.49 9.57 17.08
N ALA A 686 45.44 10.32 17.35
CA ALA A 686 44.48 9.93 18.38
C ALA A 686 43.17 10.66 18.11
N MET A 687 42.18 9.94 17.63
CA MET A 687 40.89 10.53 17.32
C MET A 687 39.84 10.01 18.28
N ALA A 688 38.78 10.79 18.45
CA ALA A 688 37.68 10.41 19.33
C ALA A 688 36.47 11.21 18.89
N VAL A 689 35.49 10.54 18.30
CA VAL A 689 34.35 11.22 17.70
C VAL A 689 33.10 10.46 18.06
N ALA A 690 32.19 11.11 18.76
CA ALA A 690 30.88 10.56 19.05
C ALA A 690 29.83 11.27 18.22
N SER A 691 28.61 10.80 18.31
CA SER A 691 27.51 11.39 17.57
C SER A 691 26.20 10.91 18.18
N LEU A 692 25.10 11.51 17.73
CA LEU A 692 23.79 11.10 18.20
C LEU A 692 22.76 11.72 17.28
N GLU A 693 21.73 10.95 16.94
CA GLU A 693 20.75 11.39 15.96
C GLU A 693 19.33 11.19 16.45
N PHE A 694 18.36 11.36 15.56
CA PHE A 694 16.96 11.13 15.92
C PHE A 694 16.21 10.77 14.64
N ILE A 695 15.93 9.48 14.47
CA ILE A 695 15.24 9.04 13.27
C ILE A 695 13.79 9.50 13.31
N THR A 696 13.30 9.99 12.18
CA THR A 696 11.94 10.49 12.08
C THR A 696 11.40 10.19 10.70
N PRO A 697 10.10 9.95 10.58
CA PRO A 697 9.51 9.74 9.26
C PRO A 697 9.50 11.01 8.42
N THR A 698 8.94 10.92 7.21
CA THR A 698 8.82 12.06 6.29
C THR A 698 7.37 12.16 5.88
N PRO A 699 6.55 12.91 6.63
CA PRO A 699 5.09 12.78 6.49
C PRO A 699 4.51 13.46 5.26
N PHE A 700 5.34 13.79 4.29
CA PHE A 700 4.95 14.65 3.17
C PHE A 700 5.24 14.01 1.82
N ILE A 701 5.33 12.69 1.75
CA ILE A 701 5.66 11.98 0.52
C ILE A 701 4.98 10.62 0.53
N SER A 702 4.79 10.06 -0.66
CA SER A 702 4.21 8.74 -0.81
C SER A 702 4.98 7.72 0.02
N ASP A 703 4.31 7.13 1.02
CA ASP A 703 4.97 6.16 1.90
C ASP A 703 5.65 5.07 1.09
N LYS A 704 5.04 4.67 -0.01
CA LYS A 704 5.62 3.65 -0.87
C LYS A 704 7.02 4.05 -1.29
N TYR A 705 7.13 5.14 -2.04
CA TYR A 705 8.45 5.59 -2.44
C TYR A 705 9.24 6.18 -1.27
N ALA A 706 8.64 6.27 -0.08
CA ALA A 706 9.30 6.88 1.05
C ALA A 706 10.32 5.98 1.72
N ASN A 707 10.19 4.67 1.58
CA ASN A 707 11.16 3.79 2.22
C ASN A 707 12.57 4.08 1.75
N SER A 708 12.72 4.59 0.54
CA SER A 708 14.04 4.83 -0.03
C SER A 708 14.67 6.13 0.46
N VAL A 709 13.97 6.91 1.28
CA VAL A 709 14.55 8.12 1.83
C VAL A 709 14.53 8.02 3.35
N ARG A 710 15.41 8.78 3.98
CA ARG A 710 15.56 8.72 5.43
C ARG A 710 16.10 10.06 5.90
N THR A 711 15.49 10.58 6.97
CA THR A 711 15.88 11.87 7.52
C THR A 711 16.05 11.75 9.03
N SER A 712 16.78 12.70 9.60
CA SER A 712 17.07 12.69 11.02
C SER A 712 17.70 14.00 11.42
N PHE A 713 17.56 14.33 12.70
CA PHE A 713 18.37 15.36 13.32
C PHE A 713 19.58 14.69 13.96
N PHE A 714 20.55 15.51 14.36
CA PHE A 714 21.76 14.96 14.92
C PHE A 714 22.42 15.99 15.83
N TRP A 715 23.46 15.55 16.52
CA TRP A 715 24.25 16.46 17.35
C TRP A 715 25.68 15.93 17.35
N ASP A 716 26.48 16.46 16.42
CA ASP A 716 27.85 15.97 16.27
C ASP A 716 28.72 16.48 17.41
N MET A 717 29.89 15.86 17.54
CA MET A 717 30.92 16.29 18.47
C MET A 717 32.22 15.64 18.04
N GLY A 718 33.23 15.70 18.90
CA GLY A 718 34.44 14.94 18.70
C GLY A 718 35.66 15.83 18.45
N THR A 719 36.81 15.17 18.51
CA THR A 719 38.09 15.84 18.36
C THR A 719 39.14 14.80 17.99
N VAL A 720 40.31 15.28 17.59
CA VAL A 720 41.52 14.50 17.52
C VAL A 720 42.63 15.34 18.13
N TRP A 721 43.82 14.77 18.24
CA TRP A 721 44.95 15.53 18.71
C TRP A 721 46.21 14.71 18.46
N ASP A 722 47.34 15.26 18.90
CA ASP A 722 48.61 14.56 18.85
C ASP A 722 49.03 14.24 20.27
N THR A 723 49.54 13.03 20.45
CA THR A 723 50.11 12.67 21.73
C THR A 723 51.54 13.17 21.84
N ASN A 724 52.41 12.72 20.96
CA ASN A 724 53.82 13.02 21.04
C ASN A 724 54.13 14.45 20.68
N TRP A 725 53.10 15.26 20.45
CA TRP A 725 53.33 16.69 20.32
C TRP A 725 54.08 17.20 21.54
N ASP A 726 54.89 18.22 21.34
CA ASP A 726 55.58 18.85 22.45
C ASP A 726 55.44 20.34 22.36
N SER A 727 55.41 20.96 23.52
CA SER A 727 55.37 22.41 23.60
C SER A 727 56.23 22.94 24.73
N SER A 728 56.94 22.08 25.46
CA SER A 728 57.84 22.54 26.49
C SER A 728 58.87 23.52 25.93
N GLN A 729 59.36 23.24 24.73
CA GLN A 729 60.17 24.21 24.01
C GLN A 729 59.36 24.95 22.95
N TYR A 730 58.15 24.49 22.66
CA TYR A 730 57.24 25.19 21.76
C TYR A 730 56.19 25.92 22.59
N SER A 731 56.60 27.04 23.17
CA SER A 731 55.84 27.62 24.29
C SER A 731 54.50 28.18 23.84
N GLY A 732 54.52 29.21 23.02
CA GLY A 732 53.30 29.93 22.73
C GLY A 732 52.56 29.42 21.52
N TYR A 733 52.14 28.15 21.57
CA TYR A 733 51.39 27.58 20.46
C TYR A 733 50.36 26.65 21.06
N PRO A 734 49.25 26.45 20.37
CA PRO A 734 48.22 25.57 20.92
C PRO A 734 48.79 24.20 21.19
N ASP A 735 48.84 23.84 22.48
CA ASP A 735 49.48 22.60 22.90
C ASP A 735 48.55 21.48 22.46
N TYR A 736 48.70 21.09 21.19
CA TYR A 736 47.83 20.09 20.63
C TYR A 736 47.81 18.82 21.45
N SER A 737 48.86 18.60 22.25
CA SER A 737 48.90 17.47 23.15
C SER A 737 47.68 17.44 24.06
N ASP A 738 47.08 18.58 24.33
CA ASP A 738 45.86 18.60 25.10
C ASP A 738 44.72 18.12 24.21
N PRO A 739 43.93 17.18 24.64
CA PRO A 739 42.82 16.72 23.80
C PRO A 739 41.56 17.55 24.01
N SER A 740 41.41 18.14 25.19
CA SER A 740 40.14 18.73 25.57
C SER A 740 39.90 20.02 24.83
N ASN A 741 39.70 19.92 23.52
CA ASN A 741 39.57 21.10 22.68
C ASN A 741 38.42 20.88 21.70
N ILE A 742 37.29 20.44 22.25
CA ILE A 742 36.30 19.71 21.48
C ILE A 742 35.68 20.61 20.43
N ARG A 743 35.53 20.07 19.22
CA ARG A 743 34.74 20.69 18.18
C ARG A 743 33.34 20.11 18.22
N MET A 744 32.34 20.95 17.99
CA MET A 744 30.96 20.50 18.03
C MET A 744 30.18 21.07 16.86
N SER A 745 29.03 20.47 16.60
CA SER A 745 28.08 20.97 15.61
C SER A 745 26.79 20.18 15.77
N ALA A 746 25.75 20.69 15.13
CA ALA A 746 24.45 20.04 15.17
C ALA A 746 23.59 20.62 14.07
N GLY A 747 22.72 19.78 13.52
CA GLY A 747 21.85 20.22 12.44
C GLY A 747 20.98 19.11 11.88
N ILE A 748 20.68 19.19 10.59
CA ILE A 748 19.72 18.29 9.96
C ILE A 748 20.33 17.72 8.69
N ALA A 749 20.03 16.46 8.44
CA ALA A 749 20.52 15.79 7.25
C ALA A 749 19.50 14.73 6.85
N LEU A 750 19.65 14.22 5.64
CA LEU A 750 18.75 13.19 5.15
C LEU A 750 19.51 12.25 4.23
N GLN A 751 18.93 11.06 4.03
CA GLN A 751 19.53 10.02 3.21
C GLN A 751 18.51 9.53 2.21
N TRP A 752 18.87 9.54 0.94
CA TRP A 752 18.04 8.98 -0.12
C TRP A 752 18.79 7.84 -0.78
N MET A 753 18.18 6.66 -0.81
CA MET A 753 18.65 5.57 -1.65
C MET A 753 18.14 5.80 -3.07
N SER A 754 18.65 6.86 -3.69
CA SER A 754 18.18 7.26 -4.98
C SER A 754 18.42 6.16 -6.01
N PRO A 755 17.54 6.05 -7.01
CA PRO A 755 17.77 5.05 -8.08
C PRO A 755 19.12 5.17 -8.73
N LEU A 756 19.73 6.35 -8.71
CA LEU A 756 21.12 6.43 -9.13
C LEU A 756 22.03 5.73 -8.13
N GLY A 757 21.68 5.78 -6.85
CA GLY A 757 22.49 5.17 -5.82
C GLY A 757 22.23 5.79 -4.47
N PRO A 758 23.12 5.55 -3.52
CA PRO A 758 22.95 6.13 -2.18
C PRO A 758 23.22 7.62 -2.21
N LEU A 759 22.39 8.39 -1.52
CA LEU A 759 22.53 9.83 -1.50
C LEU A 759 22.32 10.35 -0.09
N VAL A 760 23.04 11.42 0.24
CA VAL A 760 23.01 12.01 1.57
C VAL A 760 23.30 13.49 1.44
N PHE A 761 22.47 14.31 2.07
CA PHE A 761 22.70 15.74 2.16
C PHE A 761 22.55 16.17 3.61
N SER A 762 23.15 17.31 3.93
CA SER A 762 23.33 17.68 5.33
C SER A 762 23.30 19.20 5.47
N TYR A 763 22.86 19.65 6.64
CA TYR A 763 23.02 21.05 6.98
C TYR A 763 23.07 21.20 8.49
N ALA A 764 23.96 22.06 8.95
CA ALA A 764 24.21 22.26 10.37
C ALA A 764 24.94 23.58 10.54
N GLN A 765 25.41 23.84 11.74
CA GLN A 765 26.24 25.02 11.98
C GLN A 765 27.14 24.77 13.18
N PRO A 766 28.43 24.58 12.97
CA PRO A 766 29.34 24.35 14.10
C PRO A 766 29.39 25.58 15.00
N PHE A 767 29.12 25.36 16.28
CA PHE A 767 29.09 26.44 17.25
C PHE A 767 30.36 26.51 18.09
N LYS A 768 30.69 25.43 18.80
CA LYS A 768 31.93 25.41 19.55
C LYS A 768 33.03 25.00 18.59
N LYS A 769 33.74 25.98 18.06
CA LYS A 769 34.80 25.76 17.08
C LYS A 769 35.99 26.60 17.47
N TYR A 770 37.15 25.96 17.57
CA TYR A 770 38.35 26.63 17.99
C TYR A 770 38.93 27.41 16.82
N ASP A 771 40.17 27.86 16.95
CA ASP A 771 40.77 28.72 15.94
C ASP A 771 40.85 28.04 14.58
N GLY A 772 40.55 28.82 13.55
CA GLY A 772 40.77 28.38 12.18
C GLY A 772 39.88 27.25 11.70
N ASP A 773 38.90 26.86 12.50
CA ASP A 773 38.05 25.76 12.10
C ASP A 773 37.20 26.17 10.90
N LYS A 774 37.43 25.51 9.77
CA LYS A 774 36.80 25.88 8.51
C LYS A 774 35.38 25.33 8.49
N ALA A 775 34.41 26.19 8.76
CA ALA A 775 33.03 25.77 8.74
C ALA A 775 32.54 25.58 7.30
N GLU A 776 31.60 24.67 7.13
CA GLU A 776 30.99 24.48 5.83
C GLU A 776 29.47 24.47 5.86
N GLN A 777 28.88 23.88 6.90
CA GLN A 777 27.44 23.97 7.18
C GLN A 777 26.57 23.27 6.15
N PHE A 778 27.14 22.75 5.08
CA PHE A 778 26.32 22.17 4.02
C PHE A 778 27.17 21.22 3.20
N GLN A 779 26.86 19.92 3.26
CA GLN A 779 27.68 18.93 2.61
C GLN A 779 26.81 17.79 2.10
N PHE A 780 27.36 17.04 1.14
CA PHE A 780 26.71 15.88 0.58
C PHE A 780 27.78 14.86 0.23
N ASN A 781 27.36 13.65 -0.10
CA ASN A 781 28.32 12.63 -0.49
C ASN A 781 27.71 11.66 -1.49
N CYS A 782 28.55 11.22 -2.43
CA CYS A 782 28.19 10.22 -3.42
C CYS A 782 28.67 8.83 -3.05
N GLY A 783 29.34 8.68 -1.92
CA GLY A 783 29.84 7.38 -1.50
C GLY A 783 28.74 6.42 -1.11
N PHE B 3 -3.45 23.33 5.59
CA PHE B 3 -4.26 22.15 5.86
C PHE B 3 -5.49 22.51 6.70
N ASN B 4 -5.68 23.81 6.94
CA ASN B 4 -6.79 24.30 7.73
C ASN B 4 -7.41 25.53 7.08
N SER B 5 -7.59 25.48 5.77
CA SER B 5 -8.12 26.59 4.98
C SER B 5 -9.15 26.07 3.97
N GLU B 6 -10.10 25.26 4.43
CA GLU B 6 -10.94 24.46 3.54
C GLU B 6 -12.43 24.70 3.81
N GLU B 7 -12.84 25.96 3.83
CA GLU B 7 -14.24 26.31 4.04
C GLU B 7 -15.02 26.29 2.73
N ASP B 8 -16.20 25.67 2.75
CA ASP B 8 -17.12 25.70 1.61
C ASP B 8 -18.52 25.27 2.05
N VAL B 9 -19.51 26.13 1.86
CA VAL B 9 -20.89 25.82 2.22
C VAL B 9 -21.82 26.84 1.58
N VAL B 10 -23.09 26.46 1.42
CA VAL B 10 -24.14 27.38 0.98
C VAL B 10 -24.56 28.30 2.13
N LYS B 11 -25.02 29.51 1.78
CA LYS B 11 -25.29 30.58 2.73
C LYS B 11 -26.79 30.88 2.84
N MET B 12 -27.13 31.93 3.58
CA MET B 12 -28.51 32.23 3.95
C MET B 12 -28.80 33.71 3.79
N SER B 13 -30.10 34.02 3.69
CA SER B 13 -30.55 35.41 3.58
C SER B 13 -30.26 36.16 4.86
N PRO B 14 -29.51 37.24 4.80
CA PRO B 14 -29.04 37.89 6.04
C PRO B 14 -30.13 38.50 6.90
N LEU B 15 -30.87 39.47 6.36
CA LEU B 15 -31.89 40.12 7.17
C LEU B 15 -32.83 40.96 6.32
N PRO B 16 -33.81 40.34 5.67
CA PRO B 16 -34.69 41.11 4.78
C PRO B 16 -35.54 42.13 5.54
N THR B 17 -35.61 43.33 4.96
CA THR B 17 -36.61 44.36 5.22
C THR B 17 -37.04 44.53 6.67
N VAL B 18 -36.12 44.95 7.54
CA VAL B 18 -36.50 45.29 8.89
C VAL B 18 -37.46 46.48 8.88
N GLU B 19 -38.59 46.32 9.57
CA GLU B 19 -39.57 47.38 9.74
C GLU B 19 -39.82 47.57 11.23
N ASN B 20 -40.70 48.50 11.55
CA ASN B 20 -40.93 48.87 12.95
C ASN B 20 -42.41 49.09 13.23
N GLN B 21 -43.25 48.17 12.79
CA GLN B 21 -44.67 48.29 13.10
C GLN B 21 -44.96 48.03 14.57
N PHE B 22 -44.03 47.44 15.31
CA PHE B 22 -43.98 47.44 16.76
C PHE B 22 -42.72 48.14 17.26
N THR B 23 -42.60 48.19 18.58
CA THR B 23 -41.48 48.83 19.28
C THR B 23 -40.96 47.84 20.31
N PRO B 24 -39.98 47.02 19.95
CA PRO B 24 -39.54 45.95 20.86
C PRO B 24 -38.45 46.39 21.82
N THR B 25 -38.66 46.17 23.12
CA THR B 25 -37.69 46.56 24.15
C THR B 25 -37.42 45.38 25.07
N THR B 26 -36.32 45.48 25.82
CA THR B 26 -35.86 44.44 26.73
C THR B 26 -36.09 44.89 28.17
N ALA B 27 -37.09 44.30 28.84
CA ALA B 27 -37.40 44.74 30.20
C ALA B 27 -36.25 44.44 31.16
N TRP B 28 -35.90 43.17 31.32
CA TRP B 28 -34.75 42.87 32.16
C TRP B 28 -34.08 41.60 31.67
N SER B 29 -32.76 41.56 31.84
CA SER B 29 -31.94 40.44 31.39
C SER B 29 -30.92 40.12 32.48
N THR B 30 -31.30 39.27 33.41
CA THR B 30 -30.37 38.68 34.36
C THR B 30 -29.61 37.54 33.68
N SER B 31 -28.47 37.20 34.24
CA SER B 31 -27.74 36.04 33.77
C SER B 31 -27.83 34.93 34.80
N VAL B 32 -27.50 33.72 34.34
CA VAL B 32 -27.30 32.58 35.23
C VAL B 32 -25.98 31.96 34.81
N GLY B 33 -25.24 32.68 34.00
CA GLY B 33 -23.98 32.18 33.49
C GLY B 33 -24.21 31.03 32.54
N SER B 34 -23.15 30.65 31.83
CA SER B 34 -23.25 29.53 30.91
C SER B 34 -23.69 28.30 31.67
N GLY B 35 -24.78 27.69 31.23
CA GLY B 35 -25.49 28.17 30.05
C GLY B 35 -25.74 27.05 29.06
N ILE B 36 -25.39 27.29 27.80
CA ILE B 36 -25.43 26.21 26.82
C ILE B 36 -24.20 26.15 25.93
N GLY B 37 -23.40 27.20 25.87
CA GLY B 37 -22.31 27.22 24.91
C GLY B 37 -22.88 27.03 23.51
N ASN B 38 -22.38 26.02 22.81
CA ASN B 38 -22.87 25.70 21.49
C ASN B 38 -23.50 24.31 21.42
N PHE B 39 -23.59 23.60 22.54
CA PHE B 39 -24.12 22.26 22.50
C PHE B 39 -25.63 22.27 22.30
N TYR B 40 -26.14 21.17 21.77
CA TYR B 40 -27.55 21.08 21.41
C TYR B 40 -28.34 20.47 22.55
N SER B 41 -29.40 21.16 22.97
CA SER B 41 -30.15 20.74 24.15
C SER B 41 -31.52 21.36 24.12
N ASN B 42 -32.21 21.31 25.25
CA ASN B 42 -33.58 21.82 25.38
C ASN B 42 -33.74 22.56 26.70
N LEU B 43 -32.79 23.43 27.03
CA LEU B 43 -32.82 24.05 28.35
C LEU B 43 -33.74 25.25 28.41
N HIS B 44 -34.97 25.10 27.97
CA HIS B 44 -35.87 26.22 28.01
C HIS B 44 -36.31 26.47 29.44
N PRO B 45 -36.26 27.69 29.92
CA PRO B 45 -36.66 27.98 31.30
C PRO B 45 -38.16 28.17 31.38
N ALA B 46 -38.77 27.55 32.38
CA ALA B 46 -40.22 27.62 32.56
C ALA B 46 -40.59 28.77 33.48
N LEU B 47 -41.84 28.79 33.93
CA LEU B 47 -42.37 29.94 34.64
C LEU B 47 -43.65 29.53 35.35
N ALA B 48 -43.82 30.06 36.56
CA ALA B 48 -45.09 29.98 37.28
C ALA B 48 -45.01 30.97 38.43
N ASP B 49 -46.16 31.24 39.03
CA ASP B 49 -46.30 32.10 40.21
C ASP B 49 -45.42 33.34 40.14
N ASN B 50 -45.31 33.94 38.97
CA ASN B 50 -44.47 35.12 38.75
C ASN B 50 -43.02 34.86 39.13
N VAL B 51 -42.56 33.64 38.98
CA VAL B 51 -41.16 33.31 39.24
C VAL B 51 -40.68 32.38 38.16
N VAL B 52 -39.54 32.70 37.57
CA VAL B 52 -38.96 31.91 36.53
C VAL B 52 -37.92 30.99 37.17
N TYR B 53 -37.48 29.99 36.41
CA TYR B 53 -36.47 29.07 36.91
C TYR B 53 -35.58 28.69 35.74
N ALA B 54 -34.41 29.31 35.68
CA ALA B 54 -33.48 29.07 34.59
C ALA B 54 -32.68 27.82 34.86
N ALA B 55 -31.62 27.61 34.10
CA ALA B 55 -30.74 26.46 34.28
C ALA B 55 -29.45 26.77 33.54
N ASP B 56 -28.55 25.79 33.53
CA ASP B 56 -27.26 26.01 32.90
C ASP B 56 -26.84 24.83 32.04
N ARG B 57 -25.59 24.82 31.61
CA ARG B 57 -25.04 23.64 30.99
C ARG B 57 -24.60 22.61 32.03
N ALA B 58 -23.63 22.97 32.85
CA ALA B 58 -23.00 21.99 33.73
C ALA B 58 -23.65 21.97 35.11
N GLY B 59 -23.63 23.10 35.80
CA GLY B 59 -23.99 23.12 37.20
C GLY B 59 -25.28 23.83 37.52
N LEU B 60 -25.14 25.08 37.92
CA LEU B 60 -26.13 25.76 38.75
C LEU B 60 -27.50 25.81 38.11
N VAL B 61 -28.49 26.04 38.98
CA VAL B 61 -29.77 26.57 38.61
C VAL B 61 -29.91 27.85 39.40
N LYS B 62 -31.04 28.53 39.28
CA LYS B 62 -31.29 29.73 40.04
C LYS B 62 -32.77 29.76 40.40
N ALA B 63 -33.23 30.92 40.85
CA ALA B 63 -34.66 31.15 41.07
C ALA B 63 -34.86 32.66 41.00
N LEU B 64 -35.38 33.13 39.88
CA LEU B 64 -35.43 34.56 39.59
C LEU B 64 -36.87 35.03 39.61
N ASN B 65 -37.12 36.14 40.31
CA ASN B 65 -38.45 36.70 40.32
C ASN B 65 -38.82 37.21 38.93
N ALA B 66 -40.06 37.00 38.53
CA ALA B 66 -40.48 37.42 37.20
C ALA B 66 -41.03 38.85 37.22
N ASP B 67 -40.28 39.74 37.84
CA ASP B 67 -40.59 41.16 37.76
C ASP B 67 -39.38 41.97 37.32
N ASP B 68 -38.20 41.62 37.79
CA ASP B 68 -36.97 42.22 37.31
C ASP B 68 -35.82 41.23 37.22
N GLY B 69 -36.04 39.97 37.58
CA GLY B 69 -34.97 39.00 37.57
C GLY B 69 -34.11 39.03 38.82
N LYS B 70 -34.76 39.02 39.98
CA LYS B 70 -34.07 38.96 41.26
C LYS B 70 -34.17 37.56 41.85
N GLU B 71 -33.14 37.17 42.57
CA GLU B 71 -32.99 35.79 42.98
C GLU B 71 -33.94 35.44 44.11
N ILE B 72 -34.36 34.17 44.13
CA ILE B 72 -34.97 33.56 45.29
C ILE B 72 -34.06 32.52 45.92
N TRP B 73 -33.46 31.67 45.10
CA TRP B 73 -32.33 30.85 45.55
C TRP B 73 -31.60 30.34 44.32
N SER B 74 -30.29 30.53 44.31
CA SER B 74 -29.45 30.11 43.19
C SER B 74 -28.46 29.09 43.74
N VAL B 75 -28.89 27.85 43.84
CA VAL B 75 -28.06 26.78 44.36
C VAL B 75 -27.41 26.06 43.20
N SER B 76 -26.22 25.53 43.42
CA SER B 76 -25.66 24.65 42.42
C SER B 76 -26.34 23.29 42.53
N LEU B 77 -25.99 22.38 41.62
CA LEU B 77 -26.58 21.06 41.65
C LEU B 77 -25.48 20.02 41.57
N ALA B 78 -24.40 20.36 40.88
CA ALA B 78 -23.25 19.48 40.81
C ALA B 78 -22.77 19.18 42.23
N GLU B 79 -22.19 17.99 42.41
CA GLU B 79 -21.80 17.56 43.75
C GLU B 79 -20.76 18.51 44.32
N LYS B 80 -20.92 18.80 45.61
CA LYS B 80 -20.07 19.80 46.26
C LYS B 80 -18.60 19.42 46.15
N ASP B 81 -18.21 18.32 46.77
CA ASP B 81 -16.86 17.81 46.66
C ASP B 81 -16.69 17.21 45.26
N GLY B 82 -16.06 17.95 44.36
CA GLY B 82 -15.87 17.51 43.00
C GLY B 82 -15.22 16.15 42.90
N TRP B 83 -15.98 15.17 42.41
CA TRP B 83 -15.44 13.82 42.27
C TRP B 83 -14.31 13.80 41.25
N PHE B 84 -14.62 14.09 39.99
CA PHE B 84 -13.55 14.23 39.01
C PHE B 84 -13.14 15.70 38.83
N SER B 85 -14.07 16.56 38.42
CA SER B 85 -13.84 17.99 38.54
C SER B 85 -15.20 18.66 38.68
N LYS B 86 -15.63 18.82 39.93
CA LYS B 86 -16.89 19.50 40.26
C LYS B 86 -18.09 18.88 39.58
N GLU B 87 -17.89 17.76 38.87
CA GLU B 87 -18.95 16.99 38.24
C GLU B 87 -19.86 17.84 37.37
N PRO B 88 -19.43 18.31 36.20
CA PRO B 88 -20.37 18.96 35.30
C PRO B 88 -21.55 18.04 35.05
N ALA B 89 -22.71 18.41 35.57
CA ALA B 89 -23.85 17.52 35.51
C ALA B 89 -24.44 17.41 34.12
N LEU B 90 -24.04 18.28 33.20
CA LEU B 90 -24.49 18.25 31.82
C LEU B 90 -26.01 18.18 31.78
N LEU B 91 -26.64 19.21 32.31
CA LEU B 91 -28.08 19.26 32.33
C LEU B 91 -28.61 19.52 30.93
N SER B 92 -29.48 18.64 30.45
CA SER B 92 -30.00 18.76 29.09
C SER B 92 -31.49 18.47 29.02
N GLY B 93 -32.19 18.48 30.15
CA GLY B 93 -33.60 18.21 30.13
C GLY B 93 -34.44 19.47 30.17
N GLY B 94 -35.67 19.36 29.73
CA GLY B 94 -36.57 20.51 29.79
C GLY B 94 -36.86 20.87 31.22
N VAL B 95 -36.64 22.14 31.56
CA VAL B 95 -36.77 22.52 32.95
C VAL B 95 -38.22 22.83 33.25
N THR B 96 -38.99 21.79 33.51
CA THR B 96 -40.40 21.97 33.80
C THR B 96 -40.59 22.15 35.29
N VAL B 97 -41.85 22.13 35.74
CA VAL B 97 -42.14 22.26 37.16
C VAL B 97 -43.57 21.84 37.41
N SER B 98 -43.85 21.38 38.63
CA SER B 98 -45.20 21.08 39.09
C SER B 98 -45.12 20.73 40.56
N GLY B 99 -46.26 20.77 41.23
CA GLY B 99 -46.23 20.49 42.64
C GLY B 99 -45.44 21.55 43.38
N GLY B 100 -45.03 21.19 44.61
CA GLY B 100 -44.24 22.06 45.44
C GLY B 100 -42.99 22.57 44.77
N HIS B 101 -39.03 22.21 42.73
CA HIS B 101 -39.70 21.15 42.00
C HIS B 101 -39.45 21.25 40.51
N VAL B 102 -38.32 21.83 40.15
CA VAL B 102 -37.96 21.91 38.75
C VAL B 102 -37.34 20.57 38.36
N TYR B 103 -38.19 19.65 37.94
CA TYR B 103 -37.74 18.29 37.71
C TYR B 103 -36.87 18.31 36.47
N ILE B 104 -35.66 18.79 36.63
CA ILE B 104 -34.76 18.97 35.50
C ILE B 104 -34.28 17.63 34.99
N GLY B 105 -34.01 17.56 33.70
CA GLY B 105 -33.36 16.40 33.11
C GLY B 105 -31.86 16.54 33.16
N SER B 106 -31.18 15.51 32.66
CA SER B 106 -29.72 15.53 32.69
C SER B 106 -29.18 14.60 31.64
N GLU B 107 -27.86 14.60 31.53
CA GLU B 107 -27.13 13.67 30.69
C GLU B 107 -26.47 12.56 31.49
N LYS B 108 -26.28 12.77 32.79
CA LYS B 108 -25.72 11.76 33.65
C LYS B 108 -26.76 10.77 34.12
N ALA B 109 -27.83 10.63 33.37
CA ALA B 109 -28.87 9.65 33.67
C ALA B 109 -29.51 9.96 35.02
N GLN B 110 -29.72 11.23 35.28
CA GLN B 110 -30.30 11.67 36.53
C GLN B 110 -31.44 12.64 36.26
N VAL B 111 -32.44 12.59 37.12
CA VAL B 111 -33.58 13.51 37.05
C VAL B 111 -33.73 14.14 38.43
N TYR B 112 -33.08 15.28 38.62
CA TYR B 112 -33.04 15.92 39.93
C TYR B 112 -34.38 16.57 40.20
N ALA B 113 -35.18 15.94 41.05
CA ALA B 113 -36.41 16.56 41.53
C ALA B 113 -36.05 17.54 42.65
N LEU B 114 -36.10 18.83 42.36
CA LEU B 114 -35.68 19.84 43.33
C LEU B 114 -36.87 20.35 44.13
N ASN B 115 -36.64 21.45 44.83
CA ASN B 115 -37.60 22.03 45.75
C ASN B 115 -37.80 23.48 45.41
N THR B 116 -39.01 23.86 45.04
CA THR B 116 -39.30 25.26 44.74
C THR B 116 -39.00 26.15 45.93
N SER B 117 -39.15 25.61 47.14
CA SER B 117 -38.91 26.41 48.34
C SER B 117 -37.51 26.98 48.33
N ASP B 118 -36.50 26.12 48.29
CA ASP B 118 -35.13 26.58 48.46
C ASP B 118 -34.14 25.91 47.53
N GLY B 119 -34.54 24.93 46.73
CA GLY B 119 -33.58 24.22 45.92
C GLY B 119 -32.78 23.20 46.70
N THR B 120 -33.47 22.31 47.39
CA THR B 120 -32.87 21.16 48.05
C THR B 120 -33.44 19.90 47.43
N VAL B 121 -32.55 19.03 46.96
CA VAL B 121 -32.97 17.88 46.17
C VAL B 121 -33.98 17.04 46.95
N ALA B 122 -35.20 16.98 46.46
CA ALA B 122 -36.16 16.05 47.04
C ALA B 122 -35.70 14.62 46.88
N TRP B 123 -35.08 14.32 45.73
CA TRP B 123 -34.42 13.06 45.50
C TRP B 123 -33.72 13.12 44.16
N GLN B 124 -32.63 12.38 44.04
CA GLN B 124 -32.05 12.08 42.76
C GLN B 124 -32.62 10.73 42.29
N THR B 125 -32.25 10.30 41.09
CA THR B 125 -32.62 8.98 40.63
C THR B 125 -31.85 8.68 39.36
N LYS B 126 -31.40 7.44 39.23
CA LYS B 126 -30.78 7.00 38.00
C LYS B 126 -31.83 6.49 37.04
N VAL B 127 -31.56 6.64 35.75
CA VAL B 127 -32.47 6.19 34.71
C VAL B 127 -31.67 5.59 33.57
N ALA B 128 -32.30 4.66 32.85
CA ALA B 128 -31.63 4.05 31.72
C ALA B 128 -31.30 5.10 30.68
N GLY B 129 -30.02 5.21 30.34
CA GLY B 129 -29.60 6.21 29.39
C GLY B 129 -29.81 7.62 29.90
N GLU B 130 -29.61 8.60 29.04
CA GLU B 130 -29.74 9.99 29.45
C GLU B 130 -31.14 10.49 29.16
N ALA B 131 -31.52 11.54 29.89
CA ALA B 131 -32.85 12.12 29.78
C ALA B 131 -32.82 13.35 28.88
N LEU B 132 -32.47 13.13 27.62
CA LEU B 132 -32.40 14.25 26.68
C LEU B 132 -33.75 14.91 26.46
N SER B 133 -34.83 14.33 26.94
CA SER B 133 -36.14 14.89 26.67
C SER B 133 -36.52 15.92 27.72
N ARG B 134 -37.69 16.40 27.62
CA ARG B 134 -38.23 17.26 28.64
C ARG B 134 -39.17 16.47 29.52
N PRO B 135 -38.94 16.47 30.83
CA PRO B 135 -39.88 15.82 31.73
C PRO B 135 -41.25 16.47 31.65
N VAL B 136 -42.27 15.67 31.88
CA VAL B 136 -43.64 16.15 31.87
C VAL B 136 -44.42 15.43 32.96
N VAL B 137 -45.04 16.20 33.83
CA VAL B 137 -45.85 15.61 34.88
C VAL B 137 -47.17 15.15 34.28
N SER B 138 -47.65 14.02 34.77
CA SER B 138 -48.96 13.52 34.36
C SER B 138 -49.45 12.59 35.46
N ASP B 139 -50.34 13.10 36.31
CA ASP B 139 -50.87 12.35 37.44
C ASP B 139 -49.74 11.80 38.32
N GLY B 140 -48.90 12.72 38.78
CA GLY B 140 -47.79 12.36 39.65
C GLY B 140 -46.82 11.41 38.99
N LEU B 141 -46.88 11.31 37.66
CA LEU B 141 -46.03 10.42 36.90
C LEU B 141 -45.28 11.26 35.88
N VAL B 142 -44.01 11.53 36.14
CA VAL B 142 -43.17 12.14 35.14
C VAL B 142 -42.89 11.08 34.09
N LEU B 143 -42.34 11.49 32.95
CA LEU B 143 -42.00 10.55 31.91
C LEU B 143 -40.77 11.08 31.22
N ILE B 144 -39.99 10.18 30.64
CA ILE B 144 -38.74 10.56 30.01
C ILE B 144 -38.51 9.71 28.78
N HIS B 145 -38.43 10.35 27.63
CA HIS B 145 -37.84 9.71 26.47
C HIS B 145 -36.33 9.80 26.59
N THR B 146 -35.65 8.75 26.21
CA THR B 146 -34.21 8.68 26.40
C THR B 146 -33.52 8.55 25.05
N SER B 147 -32.22 8.30 25.11
CA SER B 147 -31.49 7.85 23.95
C SER B 147 -31.44 6.33 23.86
N ASN B 148 -32.16 5.65 24.75
CA ASN B 148 -32.31 4.20 24.68
C ASN B 148 -33.77 3.81 24.52
N GLY B 149 -34.61 4.75 24.11
CA GLY B 149 -36.00 4.48 23.85
C GLY B 149 -36.67 3.79 25.01
N GLN B 150 -36.70 4.46 26.15
CA GLN B 150 -37.19 3.84 27.37
C GLN B 150 -38.06 4.87 28.08
N LEU B 151 -39.37 4.70 27.99
CA LEU B 151 -40.30 5.67 28.55
C LEU B 151 -40.51 5.36 30.03
N GLN B 152 -39.41 5.47 30.77
CA GLN B 152 -39.39 5.10 32.18
C GLN B 152 -40.17 6.15 32.97
N ALA B 153 -41.40 5.83 33.34
CA ALA B 153 -42.14 6.71 34.22
C ALA B 153 -41.58 6.64 35.63
N LEU B 154 -41.96 7.59 36.47
CA LEU B 154 -41.45 7.63 37.82
C LEU B 154 -42.52 8.15 38.78
N ASN B 155 -42.58 7.55 39.95
CA ASN B 155 -43.36 8.12 41.04
C ASN B 155 -42.88 9.52 41.32
N GLU B 156 -43.82 10.45 41.50
CA GLU B 156 -43.45 11.85 41.62
C GLU B 156 -42.68 12.14 42.88
N ALA B 157 -43.25 11.82 44.05
CA ALA B 157 -42.68 12.25 45.30
C ALA B 157 -41.35 11.57 45.60
N ASP B 158 -41.02 10.48 44.92
CA ASP B 158 -39.86 9.70 45.32
C ASP B 158 -38.95 9.40 44.14
N GLY B 159 -39.52 9.32 42.96
CA GLY B 159 -38.78 8.78 41.84
C GLY B 159 -38.81 7.27 41.76
N ALA B 160 -39.73 6.63 42.48
CA ALA B 160 -39.89 5.19 42.37
C ALA B 160 -40.25 4.81 40.95
N VAL B 161 -39.36 4.09 40.27
CA VAL B 161 -39.57 3.81 38.86
C VAL B 161 -40.79 2.93 38.71
N LYS B 162 -41.87 3.50 38.20
CA LYS B 162 -43.10 2.73 38.06
C LYS B 162 -42.92 1.59 37.07
N TRP B 163 -42.33 1.89 35.91
CA TRP B 163 -42.07 0.89 34.89
C TRP B 163 -41.29 1.50 33.76
N THR B 164 -40.93 0.69 32.76
CA THR B 164 -40.30 1.18 31.56
C THR B 164 -40.93 0.49 30.37
N VAL B 165 -40.74 1.07 29.19
CA VAL B 165 -41.15 0.46 27.94
C VAL B 165 -40.03 0.66 26.94
N ASN B 166 -39.66 -0.41 26.25
CA ASN B 166 -38.58 -0.33 25.30
C ASN B 166 -39.10 0.02 23.93
N LEU B 167 -38.31 0.80 23.20
CA LEU B 167 -38.57 1.07 21.80
C LEU B 167 -37.34 0.72 20.99
N ASP B 168 -37.33 1.08 19.72
CA ASP B 168 -36.21 0.82 18.85
C ASP B 168 -35.50 2.12 18.53
N MET B 169 -34.45 2.03 17.74
CA MET B 169 -33.78 3.20 17.18
C MET B 169 -32.81 2.75 16.11
N PRO B 170 -32.72 3.46 15.01
CA PRO B 170 -31.74 3.10 13.99
C PRO B 170 -30.33 3.34 14.47
N SER B 171 -29.33 3.06 13.63
CA SER B 171 -27.96 3.34 14.01
C SER B 171 -27.73 4.84 14.12
N LEU B 172 -27.91 5.55 13.02
CA LEU B 172 -27.77 7.00 13.00
C LEU B 172 -29.14 7.61 13.21
N SER B 173 -29.24 8.55 14.14
CA SER B 173 -30.48 9.28 14.34
C SER B 173 -30.17 10.75 14.59
N LEU B 174 -31.22 11.49 14.90
CA LEU B 174 -31.10 12.83 15.42
C LEU B 174 -31.50 12.82 16.89
N ARG B 175 -31.23 13.93 17.56
CA ARG B 175 -31.58 14.01 18.97
C ARG B 175 -33.07 14.28 19.11
N GLY B 176 -33.88 13.42 18.49
CA GLY B 176 -35.34 13.52 18.54
C GLY B 176 -35.89 12.82 19.76
N GLU B 177 -36.42 13.58 20.70
CA GLU B 177 -36.62 13.13 22.07
C GLU B 177 -38.02 13.48 22.55
N SER B 178 -39.02 13.08 21.78
CA SER B 178 -40.42 13.39 22.05
C SER B 178 -40.80 13.24 23.51
N ALA B 179 -41.16 14.32 24.12
CA ALA B 179 -41.80 14.17 25.40
C ALA B 179 -43.25 13.74 25.19
N PRO B 180 -43.78 12.95 26.10
CA PRO B 180 -45.17 12.50 25.95
C PRO B 180 -46.12 13.65 26.21
N THR B 181 -47.40 13.40 25.93
CA THR B 181 -48.46 14.33 26.24
C THR B 181 -49.61 13.55 26.83
N THR B 182 -50.13 14.02 27.96
CA THR B 182 -51.21 13.31 28.62
C THR B 182 -52.50 13.45 27.82
N ALA B 183 -53.25 12.35 27.73
CA ALA B 183 -54.62 12.38 27.20
C ALA B 183 -55.36 11.22 27.82
N PHE B 184 -56.08 11.50 28.91
CA PHE B 184 -56.87 10.48 29.61
C PHE B 184 -56.02 9.27 29.94
N GLY B 185 -54.86 9.53 30.53
CA GLY B 185 -53.93 8.47 30.85
C GLY B 185 -53.18 7.96 29.65
N ALA B 186 -53.74 8.19 28.46
CA ALA B 186 -53.13 7.72 27.23
C ALA B 186 -52.11 8.76 26.79
N ALA B 187 -50.85 8.50 27.10
CA ALA B 187 -49.79 9.33 26.58
C ALA B 187 -49.60 9.04 25.10
N VAL B 188 -48.67 9.77 24.48
CA VAL B 188 -48.30 9.52 23.10
C VAL B 188 -46.96 10.18 22.84
N VAL B 189 -46.11 9.48 22.09
CA VAL B 189 -44.76 9.95 21.84
C VAL B 189 -44.39 9.68 20.40
N GLY B 190 -43.35 10.37 19.95
CA GLY B 190 -42.77 10.08 18.66
C GLY B 190 -41.74 8.99 18.80
N GLY B 191 -40.65 9.09 18.04
CA GLY B 191 -39.60 8.11 18.13
C GLY B 191 -38.54 8.34 17.08
N ASP B 192 -37.28 8.20 17.46
CA ASP B 192 -36.20 8.34 16.48
C ASP B 192 -36.33 7.33 15.37
N ASN B 193 -37.01 6.21 15.63
CA ASN B 193 -37.38 5.28 14.56
C ASN B 193 -38.20 5.98 13.49
N GLY B 194 -39.26 6.67 13.90
CA GLY B 194 -40.17 7.28 12.96
C GLY B 194 -41.53 6.62 13.04
N ARG B 195 -41.86 6.09 14.20
CA ARG B 195 -43.07 5.31 14.38
C ARG B 195 -43.73 5.72 15.69
N VAL B 196 -44.73 6.59 15.60
CA VAL B 196 -45.46 7.00 16.79
C VAL B 196 -46.15 5.82 17.43
N SER B 197 -46.17 5.79 18.74
CA SER B 197 -46.89 4.76 19.49
C SER B 197 -47.95 5.40 20.37
N ALA B 198 -48.67 4.55 21.09
CA ALA B 198 -49.74 5.00 21.98
C ALA B 198 -49.83 4.02 23.14
N VAL B 199 -49.65 4.51 24.36
CA VAL B 199 -49.45 3.66 25.50
C VAL B 199 -50.39 4.06 26.62
N LEU B 200 -50.35 3.31 27.70
CA LEU B 200 -51.07 3.61 28.93
C LEU B 200 -50.10 3.60 30.10
N MET B 201 -50.39 4.43 31.09
CA MET B 201 -49.41 4.70 32.15
C MET B 201 -49.41 3.60 33.19
N GLU B 202 -50.54 3.41 33.86
CA GLU B 202 -50.69 2.58 35.05
C GLU B 202 -49.97 1.24 34.95
N GLN B 203 -49.82 0.71 33.75
CA GLN B 203 -49.09 -0.54 33.57
C GLN B 203 -47.98 -0.45 32.56
N GLY B 204 -47.84 0.67 31.86
CA GLY B 204 -46.83 0.76 30.83
C GLY B 204 -47.09 -0.22 29.72
N GLN B 205 -48.17 -0.03 28.97
CA GLN B 205 -48.50 -0.90 27.85
C GLN B 205 -48.97 -0.06 26.67
N MET B 206 -48.46 -0.40 25.49
CA MET B 206 -48.73 0.38 24.30
C MET B 206 -49.93 -0.19 23.55
N ILE B 207 -50.83 0.69 23.11
CA ILE B 207 -51.82 0.24 22.14
C ILE B 207 -51.91 1.17 20.93
N TRP B 208 -50.89 1.12 20.08
CA TRP B 208 -50.97 0.95 18.63
C TRP B 208 -49.60 1.29 18.08
N GLN B 209 -49.39 1.10 16.78
CA GLN B 209 -48.15 1.48 16.13
C GLN B 209 -48.49 2.10 14.79
N GLN B 210 -47.61 2.98 14.32
CA GLN B 210 -47.82 3.63 13.04
C GLN B 210 -46.46 3.82 12.37
N ARG B 211 -46.44 4.65 11.33
CA ARG B 211 -45.26 4.96 10.54
C ARG B 211 -45.64 6.08 9.60
N ILE B 212 -44.67 6.93 9.27
CA ILE B 212 -45.03 8.11 8.49
C ILE B 212 -44.32 8.16 7.14
N SER B 213 -43.01 8.27 7.16
CA SER B 213 -42.28 8.69 5.97
C SER B 213 -41.74 7.49 5.19
N GLN B 214 -40.93 7.79 4.18
CA GLN B 214 -40.37 6.84 3.24
C GLN B 214 -39.10 6.21 3.81
N ALA B 215 -38.34 5.54 2.95
CA ALA B 215 -37.16 4.79 3.35
C ALA B 215 -35.99 5.70 3.68
N THR B 216 -35.25 5.34 4.74
CA THR B 216 -34.02 6.03 5.13
C THR B 216 -33.02 5.00 5.64
N GLY B 217 -31.79 5.45 5.82
CA GLY B 217 -30.70 4.57 6.20
C GLY B 217 -29.96 4.15 4.95
N SER B 218 -28.81 4.79 4.69
CA SER B 218 -28.09 4.69 3.42
C SER B 218 -28.93 5.30 2.30
N THR B 219 -30.15 5.71 2.64
CA THR B 219 -31.07 6.40 1.76
C THR B 219 -31.71 7.52 2.56
N GLU B 220 -30.87 8.31 3.23
CA GLU B 220 -31.29 9.19 4.31
C GLU B 220 -32.46 10.07 3.91
N ILE B 221 -33.62 9.83 4.51
CA ILE B 221 -34.86 10.51 4.16
C ILE B 221 -34.90 11.85 4.88
N ASP B 222 -35.84 12.71 4.51
CA ASP B 222 -35.97 14.00 5.14
C ASP B 222 -36.69 13.85 6.49
N ARG B 223 -36.20 12.94 7.32
CA ARG B 223 -36.74 12.88 8.67
C ARG B 223 -36.02 13.83 9.59
N LEU B 224 -34.83 14.28 9.21
CA LEU B 224 -34.16 15.34 9.96
C LEU B 224 -35.09 16.53 10.05
N SER B 225 -35.28 17.03 11.26
CA SER B 225 -36.35 17.98 11.52
C SER B 225 -36.18 18.56 12.92
N ASP B 226 -36.47 19.85 13.05
CA ASP B 226 -36.53 20.49 14.36
C ASP B 226 -37.86 20.10 14.98
N VAL B 227 -38.45 19.04 14.44
CA VAL B 227 -39.76 18.56 14.82
C VAL B 227 -39.97 18.59 16.32
N ASP B 228 -41.05 19.23 16.75
CA ASP B 228 -41.50 19.06 18.12
C ASP B 228 -42.02 17.63 18.17
N THR B 229 -41.07 16.70 18.27
CA THR B 229 -41.40 15.30 18.33
C THR B 229 -42.54 15.05 19.30
N THR B 230 -42.68 15.90 20.30
CA THR B 230 -43.88 15.90 21.12
C THR B 230 -45.08 16.33 20.30
N PRO B 231 -46.07 15.48 20.09
CA PRO B 231 -47.23 15.84 19.31
C PRO B 231 -48.28 16.52 20.18
N VAL B 232 -49.42 16.81 19.57
CA VAL B 232 -50.58 17.33 20.29
C VAL B 232 -51.80 16.52 19.86
N VAL B 233 -52.88 16.70 20.61
CA VAL B 233 -54.14 16.03 20.35
C VAL B 233 -55.26 16.99 20.66
N VAL B 234 -56.33 16.92 19.86
CA VAL B 234 -57.58 17.62 20.16
C VAL B 234 -58.72 16.66 19.91
N ASN B 235 -59.75 16.76 20.76
CA ASN B 235 -61.03 16.06 20.61
C ASN B 235 -60.89 14.67 20.01
N GLY B 236 -59.96 13.88 20.53
CA GLY B 236 -59.81 12.52 20.07
C GLY B 236 -58.98 12.34 18.82
N VAL B 237 -58.50 13.42 18.22
CA VAL B 237 -57.65 13.33 17.03
C VAL B 237 -56.34 14.03 17.33
N VAL B 238 -55.25 13.46 16.82
CA VAL B 238 -53.93 14.00 17.09
C VAL B 238 -53.39 14.64 15.82
N PHE B 239 -52.36 15.45 16.01
CA PHE B 239 -51.63 16.06 14.91
C PHE B 239 -50.17 15.79 15.22
N ALA B 240 -49.70 14.61 14.85
CA ALA B 240 -48.34 14.22 15.15
C ALA B 240 -47.47 14.68 14.00
N LEU B 241 -47.08 15.95 14.07
CA LEU B 241 -46.21 16.48 13.03
C LEU B 241 -44.96 15.65 12.96
N ALA B 242 -44.79 14.96 11.84
CA ALA B 242 -43.99 13.75 11.82
C ALA B 242 -42.58 13.98 12.30
N TYR B 243 -42.04 12.96 13.00
CA TYR B 243 -40.62 12.91 13.25
C TYR B 243 -39.83 13.23 11.99
N ASN B 244 -40.32 12.74 10.85
CA ASN B 244 -39.89 13.32 9.58
C ASN B 244 -40.34 14.77 9.49
N GLY B 245 -41.66 14.96 9.46
CA GLY B 245 -42.25 16.26 9.22
C GLY B 245 -43.43 16.18 8.28
N ASN B 246 -43.62 15.01 7.68
CA ASN B 246 -44.76 14.80 6.79
C ASN B 246 -46.01 14.74 7.63
N LEU B 247 -46.74 15.85 7.67
CA LEU B 247 -47.84 16.01 8.60
C LEU B 247 -48.87 14.90 8.46
N THR B 248 -49.37 14.43 9.60
CA THR B 248 -50.39 13.40 9.63
C THR B 248 -51.36 13.71 10.76
N ALA B 249 -52.62 13.34 10.54
CA ALA B 249 -53.67 13.47 11.54
C ALA B 249 -54.18 12.08 11.91
N LEU B 250 -54.32 11.82 13.21
CA LEU B 250 -54.66 10.49 13.65
C LEU B 250 -55.56 10.55 14.88
N ASP B 251 -56.35 9.51 15.06
CA ASP B 251 -57.20 9.37 16.22
C ASP B 251 -56.42 8.77 17.38
N LEU B 252 -57.10 8.56 18.50
CA LEU B 252 -56.47 7.92 19.66
C LEU B 252 -56.46 6.41 19.52
N ARG B 253 -57.65 5.80 19.50
CA ARG B 253 -57.76 4.35 19.61
C ARG B 253 -57.05 3.67 18.45
N SER B 254 -57.54 3.89 17.23
CA SER B 254 -56.91 3.28 16.08
C SER B 254 -55.59 3.96 15.76
N GLY B 255 -55.52 5.27 15.94
CA GLY B 255 -54.38 6.02 15.46
C GLY B 255 -54.19 5.78 13.98
N GLN B 256 -55.15 6.22 13.17
CA GLN B 256 -55.11 5.98 11.74
C GLN B 256 -55.01 7.30 10.99
N ILE B 257 -54.52 7.22 9.76
CA ILE B 257 -54.27 8.41 8.96
C ILE B 257 -55.57 9.08 8.62
N MET B 258 -55.67 10.37 8.93
CA MET B 258 -56.79 11.17 8.50
C MET B 258 -56.46 12.04 7.30
N TRP B 259 -55.22 12.50 7.18
CA TRP B 259 -54.73 13.19 5.99
C TRP B 259 -53.23 13.35 6.09
N LYS B 260 -52.57 13.34 4.94
CA LYS B 260 -51.11 13.31 4.86
C LYS B 260 -50.61 14.50 4.06
N ARG B 261 -50.22 15.56 4.75
CA ARG B 261 -49.48 16.63 4.11
C ARG B 261 -48.00 16.23 4.15
N GLU B 262 -47.62 15.40 3.19
CA GLU B 262 -46.27 14.85 3.09
C GLU B 262 -45.42 15.82 2.28
N LEU B 263 -44.91 16.85 2.95
CA LEU B 263 -44.15 17.89 2.26
C LEU B 263 -42.70 17.98 2.73
N GLY B 264 -42.45 18.10 4.03
CA GLY B 264 -41.11 18.41 4.50
C GLY B 264 -40.82 17.91 5.90
N SER B 265 -40.15 18.73 6.70
CA SER B 265 -39.74 18.35 8.05
C SER B 265 -40.12 19.43 9.04
N VAL B 266 -41.06 19.11 9.93
CA VAL B 266 -41.65 20.08 10.84
C VAL B 266 -40.65 20.48 11.91
N ASN B 267 -40.96 21.53 12.65
CA ASN B 267 -40.10 22.02 13.73
C ASN B 267 -40.84 22.36 15.01
N ASP B 268 -42.18 22.47 14.96
CA ASP B 268 -43.04 22.85 16.07
C ASP B 268 -44.48 22.80 15.56
N PHE B 269 -45.46 23.12 16.41
CA PHE B 269 -46.78 23.45 15.92
C PHE B 269 -47.55 24.15 17.02
N ILE B 270 -48.60 24.84 16.61
CA ILE B 270 -49.47 25.58 17.51
C ILE B 270 -50.90 25.44 16.99
N VAL B 271 -51.81 25.11 17.90
CA VAL B 271 -53.19 24.83 17.54
C VAL B 271 -54.08 25.91 18.12
N ASP B 272 -54.85 26.56 17.27
CA ASP B 272 -55.83 27.55 17.73
C ASP B 272 -56.88 27.73 16.64
N GLY B 273 -58.08 27.24 16.90
CA GLY B 273 -59.21 27.51 16.03
C GLY B 273 -59.19 26.68 14.77
N ASN B 274 -58.39 27.09 13.78
CA ASN B 274 -58.12 26.23 12.64
C ASN B 274 -56.68 26.25 12.17
N ARG B 275 -55.92 27.32 12.42
CA ARG B 275 -54.57 27.38 11.90
C ARG B 275 -53.67 26.41 12.64
N ILE B 276 -52.64 25.94 11.96
CA ILE B 276 -51.55 25.21 12.58
C ILE B 276 -50.26 25.90 12.12
N TYR B 277 -49.82 26.87 12.89
CA TYR B 277 -48.57 27.55 12.58
C TYR B 277 -47.40 26.64 12.88
N LEU B 278 -46.37 26.70 12.06
CA LEU B 278 -45.21 25.85 12.23
C LEU B 278 -44.17 26.24 11.21
N VAL B 279 -42.97 25.73 11.39
CA VAL B 279 -41.88 25.96 10.45
C VAL B 279 -41.32 24.63 10.00
N ASP B 280 -40.88 24.57 8.74
CA ASP B 280 -40.57 23.32 8.07
C ASP B 280 -39.12 23.32 7.58
N GLN B 281 -38.19 22.97 8.47
CA GLN B 281 -36.94 22.36 8.06
C GLN B 281 -36.02 23.32 7.32
N ASN B 282 -36.58 24.41 6.83
CA ASN B 282 -35.79 25.38 6.07
C ASN B 282 -36.24 26.79 6.35
N ASP B 283 -36.67 27.05 7.58
CA ASP B 283 -37.09 28.39 8.01
C ASP B 283 -38.41 28.79 7.38
N ARG B 284 -39.16 27.83 6.87
CA ARG B 284 -40.33 28.11 6.06
C ARG B 284 -41.55 28.13 6.96
N VAL B 285 -41.88 29.31 7.47
CA VAL B 285 -43.05 29.45 8.34
C VAL B 285 -44.31 29.40 7.48
N MET B 286 -45.23 28.53 7.85
CA MET B 286 -46.43 28.31 7.08
C MET B 286 -47.66 28.55 7.92
N ALA B 287 -48.81 28.21 7.37
CA ALA B 287 -50.05 28.14 8.13
C ALA B 287 -50.96 27.13 7.46
N LEU B 288 -51.49 26.21 8.24
CA LEU B 288 -52.34 25.16 7.68
C LEU B 288 -53.57 24.98 8.55
N THR B 289 -54.61 24.44 7.94
CA THR B 289 -55.90 24.27 8.59
C THR B 289 -56.01 22.88 9.18
N ILE B 290 -56.95 22.75 10.12
CA ILE B 290 -57.11 21.49 10.83
C ILE B 290 -57.54 20.39 9.88
N ASP B 291 -58.58 20.67 9.07
CA ASP B 291 -59.22 19.66 8.24
C ASP B 291 -58.22 18.77 7.52
N GLY B 292 -57.24 19.37 6.89
CA GLY B 292 -56.24 18.63 6.17
C GLY B 292 -55.05 19.52 5.88
N GLY B 293 -54.11 18.97 5.13
CA GLY B 293 -53.00 19.79 4.67
C GLY B 293 -53.56 20.87 3.78
N VAL B 294 -53.61 22.10 4.30
CA VAL B 294 -54.22 23.20 3.58
C VAL B 294 -53.34 24.44 3.76
N THR B 295 -52.58 24.78 2.75
CA THR B 295 -51.62 25.87 2.87
C THR B 295 -52.39 27.18 2.93
N LEU B 296 -52.65 27.66 4.15
CA LEU B 296 -53.28 28.97 4.30
C LEU B 296 -52.45 30.06 3.65
N TRP B 297 -51.14 29.98 3.83
CA TRP B 297 -50.18 30.83 3.13
C TRP B 297 -48.79 30.28 3.42
N THR B 298 -47.77 31.00 2.99
CA THR B 298 -46.40 30.57 3.24
C THR B 298 -45.47 31.77 3.19
N GLN B 299 -44.90 32.10 4.32
CA GLN B 299 -43.81 33.07 4.39
C GLN B 299 -42.50 32.30 4.43
N SER B 300 -41.54 32.73 3.59
CA SER B 300 -40.27 32.02 3.50
C SER B 300 -39.10 32.98 3.52
N ASP B 301 -39.24 34.09 4.25
CA ASP B 301 -38.20 35.11 4.25
C ASP B 301 -36.87 34.56 4.74
N LEU B 302 -36.86 33.97 5.94
CA LEU B 302 -35.60 33.61 6.56
C LEU B 302 -35.01 32.35 6.03
N LEU B 303 -35.47 31.89 4.86
CA LEU B 303 -35.08 30.59 4.36
C LEU B 303 -33.58 30.39 4.47
N HIS B 304 -33.19 29.19 4.89
CA HIS B 304 -31.80 28.75 4.95
C HIS B 304 -31.08 29.41 6.12
N ARG B 305 -31.72 30.39 6.77
CA ARG B 305 -31.19 31.01 7.98
C ARG B 305 -31.91 30.39 9.17
N LEU B 306 -31.27 29.41 9.81
CA LEU B 306 -31.96 28.56 10.77
C LEU B 306 -32.34 29.34 12.02
N LEU B 307 -33.47 28.94 12.59
CA LEU B 307 -34.07 29.62 13.73
C LEU B 307 -34.51 28.57 14.74
N THR B 308 -35.30 29.00 15.71
CA THR B 308 -35.84 28.10 16.72
C THR B 308 -37.34 27.96 16.54
N SER B 309 -37.91 27.00 17.25
CA SER B 309 -39.33 26.74 17.13
C SER B 309 -40.12 27.92 17.66
N PRO B 310 -41.28 28.20 17.08
CA PRO B 310 -42.01 29.42 17.41
C PRO B 310 -42.96 29.30 18.57
N VAL B 311 -43.71 30.35 18.79
CA VAL B 311 -44.65 30.42 19.89
C VAL B 311 -45.67 31.51 19.57
N LEU B 312 -46.91 31.25 19.92
CA LEU B 312 -47.91 32.29 19.82
C LEU B 312 -47.70 33.33 20.90
N TYR B 313 -48.12 34.56 20.63
CA TYR B 313 -48.11 35.59 21.66
C TYR B 313 -49.13 36.65 21.24
N ASN B 314 -50.28 36.64 21.90
CA ASN B 314 -51.34 37.65 21.78
C ASN B 314 -51.46 38.20 20.35
N GLY B 315 -51.68 37.27 19.42
CA GLY B 315 -51.88 37.64 18.03
C GLY B 315 -50.61 37.97 17.28
N ASN B 316 -49.49 37.40 17.68
CA ASN B 316 -48.20 37.74 17.08
C ASN B 316 -47.30 36.52 17.25
N LEU B 317 -47.18 35.72 16.20
CA LEU B 317 -46.18 34.68 16.19
C LEU B 317 -44.80 35.28 16.33
N VAL B 318 -43.90 34.55 16.96
CA VAL B 318 -42.54 35.01 17.18
C VAL B 318 -41.60 33.84 16.97
N VAL B 319 -40.41 34.12 16.44
CA VAL B 319 -39.42 33.08 16.20
C VAL B 319 -38.05 33.63 16.57
N GLY B 320 -37.20 32.76 17.09
CA GLY B 320 -35.83 33.12 17.38
C GLY B 320 -34.97 33.11 16.13
N ASP B 321 -33.67 33.14 16.36
CA ASP B 321 -32.71 33.20 15.27
C ASP B 321 -31.37 32.67 15.76
N SER B 322 -30.36 32.85 14.93
CA SER B 322 -29.00 32.43 15.24
C SER B 322 -28.09 33.62 15.50
N GLU B 323 -28.66 34.81 15.68
CA GLU B 323 -27.87 36.02 15.90
C GLU B 323 -28.42 36.92 16.98
N GLY B 324 -29.40 36.49 17.76
CA GLY B 324 -29.97 37.31 18.80
C GLY B 324 -31.04 38.25 18.33
N TYR B 325 -31.63 37.99 17.19
CA TYR B 325 -32.71 38.81 16.65
C TYR B 325 -34.06 38.20 16.99
N LEU B 326 -35.05 39.06 17.12
CA LEU B 326 -36.44 38.66 17.24
C LEU B 326 -37.19 39.09 16.00
N HIS B 327 -38.22 38.35 15.67
CA HIS B 327 -38.95 38.57 14.43
C HIS B 327 -40.42 38.38 14.75
N TRP B 328 -41.20 39.44 14.64
CA TRP B 328 -42.58 39.41 15.08
C TRP B 328 -43.48 39.49 13.85
N ILE B 329 -44.51 38.66 13.81
CA ILE B 329 -45.25 38.41 12.58
C ILE B 329 -46.73 38.39 12.89
N ASN B 330 -47.53 38.94 11.98
CA ASN B 330 -48.97 38.82 12.10
C ASN B 330 -49.45 37.51 11.50
N VAL B 331 -50.56 37.00 12.03
CA VAL B 331 -51.06 35.70 11.57
C VAL B 331 -51.46 35.76 10.11
N GLU B 332 -51.91 36.92 9.65
CA GLU B 332 -52.04 37.13 8.22
C GLU B 332 -50.64 37.15 7.64
N ASP B 333 -50.43 36.37 6.58
CA ASP B 333 -49.09 36.29 6.02
C ASP B 333 -48.62 37.70 5.72
N GLY B 334 -47.57 38.10 6.40
CA GLY B 334 -46.74 37.13 7.09
C GLY B 334 -45.38 37.73 6.95
N ARG B 335 -45.38 38.91 6.36
CA ARG B 335 -44.25 39.80 6.49
C ARG B 335 -44.05 40.14 7.97
N PHE B 336 -42.90 40.72 8.27
CA PHE B 336 -42.60 41.07 9.64
C PHE B 336 -43.45 42.24 10.10
N VAL B 337 -43.84 42.19 11.37
CA VAL B 337 -44.49 43.33 12.00
C VAL B 337 -43.51 44.12 12.87
N ALA B 338 -42.32 43.60 13.10
CA ALA B 338 -41.23 44.33 13.75
C ALA B 338 -40.03 43.41 13.77
N GLN B 339 -38.91 43.95 14.25
CA GLN B 339 -37.71 43.16 14.46
C GLN B 339 -36.88 43.82 15.55
N GLN B 340 -36.22 42.99 16.34
CA GLN B 340 -35.25 43.47 17.30
C GLN B 340 -33.96 42.69 17.13
N LYS B 341 -32.93 43.12 17.85
CA LYS B 341 -31.67 42.40 17.94
C LYS B 341 -31.29 42.42 19.42
N VAL B 342 -31.63 41.35 20.14
CA VAL B 342 -31.61 41.41 21.59
C VAL B 342 -30.41 40.69 22.20
N ASP B 343 -29.81 39.74 21.51
CA ASP B 343 -28.60 39.10 22.02
C ASP B 343 -27.57 39.06 20.92
N SER B 344 -26.33 38.77 21.31
CA SER B 344 -25.22 38.62 20.39
C SER B 344 -24.82 37.18 20.19
N SER B 345 -24.67 36.42 21.28
CA SER B 345 -24.27 35.03 21.18
C SER B 345 -25.22 34.25 20.29
N GLY B 346 -26.52 34.36 20.55
CA GLY B 346 -27.51 33.71 19.71
C GLY B 346 -28.64 33.05 20.47
N PHE B 347 -29.60 32.50 19.74
CA PHE B 347 -30.73 31.82 20.33
C PHE B 347 -30.77 30.38 19.90
N GLN B 348 -31.15 29.52 20.81
CA GLN B 348 -31.19 28.10 20.52
C GLN B 348 -32.51 27.44 20.86
N THR B 349 -33.13 27.81 21.96
CA THR B 349 -34.21 27.05 22.52
C THR B 349 -35.54 27.72 22.26
N GLU B 350 -36.57 27.15 22.85
CA GLU B 350 -37.92 27.56 22.55
C GLU B 350 -38.32 28.73 23.41
N PRO B 351 -38.73 29.83 22.84
CA PRO B 351 -39.28 30.90 23.65
C PRO B 351 -40.62 30.52 24.22
N VAL B 352 -40.65 30.22 25.46
CA VAL B 352 -41.90 29.92 26.14
C VAL B 352 -42.50 31.22 26.64
N ALA B 353 -43.82 31.27 26.70
CA ALA B 353 -44.46 32.48 27.19
C ALA B 353 -45.82 32.13 27.75
N ALA B 354 -46.27 32.95 28.68
CA ALA B 354 -47.57 32.74 29.31
C ALA B 354 -47.94 34.00 30.08
N ASP B 355 -49.24 34.13 30.34
CA ASP B 355 -49.82 35.22 31.12
C ASP B 355 -49.13 36.54 30.82
N GLY B 356 -49.03 36.85 29.53
CA GLY B 356 -48.43 38.09 29.11
C GLY B 356 -46.92 38.04 29.09
N LYS B 357 -46.33 37.47 30.12
CA LYS B 357 -44.88 37.44 30.21
C LYS B 357 -44.31 36.54 29.13
N LEU B 358 -43.52 37.13 28.24
CA LEU B 358 -42.83 36.41 27.19
C LEU B 358 -41.35 36.37 27.55
N LEU B 359 -40.77 35.18 27.54
CA LEU B 359 -39.40 35.03 28.00
C LEU B 359 -38.64 34.13 27.04
N ILE B 360 -37.32 34.13 27.17
CA ILE B 360 -36.49 33.17 26.46
C ILE B 360 -35.08 33.19 27.00
N GLN B 361 -34.42 32.05 26.99
CA GLN B 361 -33.03 31.96 27.37
C GLN B 361 -32.14 32.21 26.16
N ALA B 362 -31.04 32.90 26.38
CA ALA B 362 -30.04 33.11 25.35
C ALA B 362 -29.16 31.88 25.22
N LYS B 363 -28.04 32.00 24.54
CA LYS B 363 -27.01 31.00 24.69
C LYS B 363 -26.57 30.91 26.14
N ASP B 364 -26.02 31.99 26.67
CA ASP B 364 -25.64 32.01 28.08
C ASP B 364 -26.30 33.13 28.87
N GLY B 365 -26.28 34.36 28.37
CA GLY B 365 -26.88 35.46 29.10
C GLY B 365 -28.37 35.32 29.06
N THR B 366 -28.86 34.29 29.74
CA THR B 366 -30.12 33.63 29.42
C THR B 366 -31.31 34.54 29.16
N VAL B 367 -31.77 35.23 30.15
CA VAL B 367 -33.13 35.73 30.09
C VAL B 367 -33.15 37.03 29.32
N TYR B 368 -34.28 37.27 28.68
CA TYR B 368 -34.55 38.57 28.06
C TYR B 368 -36.05 38.79 28.17
N SER B 369 -36.45 39.46 29.24
CA SER B 369 -37.86 39.73 29.45
C SER B 369 -38.32 40.76 28.43
N ILE B 370 -38.86 40.28 27.31
CA ILE B 370 -39.26 41.18 26.23
C ILE B 370 -40.52 41.93 26.63
N THR B 371 -40.60 43.19 26.24
CA THR B 371 -41.84 43.93 26.45
C THR B 371 -42.88 43.45 25.45
N SER C 1 19.75 5.15 -39.92
CA SER C 1 20.43 4.45 -40.99
C SER C 1 20.46 2.95 -40.72
N SER C 2 19.40 2.44 -40.13
CA SER C 2 19.29 1.03 -39.80
C SER C 2 17.81 0.66 -39.91
N ASP C 3 17.48 -0.22 -40.86
CA ASP C 3 16.09 -0.47 -41.21
C ASP C 3 15.97 -1.84 -41.85
N SER C 4 14.79 -2.10 -42.41
CA SER C 4 14.44 -3.26 -43.23
C SER C 4 14.29 -4.53 -42.40
N ARG C 5 14.59 -4.50 -41.10
CA ARG C 5 14.45 -5.67 -40.24
C ARG C 5 14.12 -5.17 -38.85
N TYR C 6 14.32 -6.02 -37.85
CA TYR C 6 14.00 -5.75 -36.45
C TYR C 6 12.51 -5.63 -36.25
N LYS C 7 11.70 -5.80 -37.29
CA LYS C 7 10.28 -5.55 -37.21
C LYS C 7 9.41 -6.77 -37.42
N ARG C 8 9.88 -7.75 -38.19
CA ARG C 8 9.19 -9.02 -38.36
C ARG C 8 10.05 -10.16 -37.86
N GLN C 9 10.83 -9.89 -36.83
CA GLN C 9 11.71 -10.88 -36.25
C GLN C 9 11.49 -10.91 -34.75
N VAL C 10 11.57 -12.10 -34.16
CA VAL C 10 11.45 -12.24 -32.73
C VAL C 10 12.67 -11.64 -32.06
N SER C 11 12.45 -10.93 -30.96
CA SER C 11 13.56 -10.37 -30.22
C SER C 11 14.33 -11.48 -29.54
N GLY C 12 15.61 -11.22 -29.28
CA GLY C 12 16.43 -12.08 -28.47
C GLY C 12 17.51 -12.78 -29.29
N ASP C 13 18.19 -13.70 -28.63
CA ASP C 13 19.26 -14.47 -29.22
C ASP C 13 18.69 -15.61 -30.04
N GLU C 14 19.54 -16.55 -30.43
CA GLU C 14 19.10 -17.78 -31.07
C GLU C 14 19.83 -18.98 -30.53
N ALA C 15 20.34 -18.89 -29.29
CA ALA C 15 21.08 -20.01 -28.73
C ALA C 15 20.17 -21.20 -28.47
N TYR C 16 18.97 -20.97 -27.96
CA TYR C 16 18.05 -22.06 -27.70
C TYR C 16 17.86 -22.94 -28.91
N LEU C 17 18.09 -22.41 -30.08
CA LEU C 17 17.84 -23.17 -31.29
C LEU C 17 18.80 -24.30 -31.48
N GLU C 18 19.66 -24.61 -30.51
CA GLU C 18 20.61 -25.69 -30.71
C GLU C 18 20.79 -26.56 -29.47
N ALA C 19 19.81 -26.59 -28.57
CA ALA C 19 19.97 -27.35 -27.34
C ALA C 19 20.18 -28.83 -27.64
N ALA C 20 20.75 -29.53 -26.67
CA ALA C 20 21.09 -30.93 -26.85
C ALA C 20 19.82 -31.78 -27.00
N PRO C 21 19.88 -32.84 -27.79
CA PRO C 21 18.71 -33.70 -27.93
C PRO C 21 18.40 -34.42 -26.63
N LEU C 22 17.16 -34.86 -26.51
CA LEU C 22 16.67 -35.48 -25.28
C LEU C 22 16.73 -36.99 -25.45
N ALA C 23 17.96 -37.52 -25.37
CA ALA C 23 18.11 -38.96 -25.38
C ALA C 23 17.38 -39.58 -24.20
N GLU C 24 17.02 -40.85 -24.35
CA GLU C 24 16.17 -41.52 -23.38
C GLU C 24 16.96 -42.54 -22.57
N LEU C 25 16.79 -42.50 -21.26
CA LEU C 25 17.27 -43.59 -20.42
C LEU C 25 16.53 -44.86 -20.81
N HIS C 26 20.86 -47.61 -19.50
CA HIS C 26 19.77 -46.65 -19.53
C HIS C 26 18.64 -47.05 -18.60
N ALA C 27 18.40 -48.36 -18.48
CA ALA C 27 17.42 -48.91 -17.57
C ALA C 27 17.78 -50.36 -17.26
N PRO C 28 18.63 -50.60 -16.28
CA PRO C 28 19.16 -51.95 -16.06
C PRO C 28 18.08 -52.91 -15.66
N ALA C 29 18.34 -54.19 -15.90
CA ALA C 29 17.38 -55.23 -15.63
C ALA C 29 17.11 -55.33 -14.13
N GLY C 30 16.16 -56.20 -13.79
CA GLY C 30 15.82 -56.43 -12.39
C GLY C 30 15.54 -55.15 -11.63
N MET C 31 14.83 -54.22 -12.24
CA MET C 31 14.66 -52.91 -11.64
C MET C 31 13.65 -52.12 -12.42
N ILE C 32 13.12 -51.08 -11.78
CA ILE C 32 12.22 -50.14 -12.40
C ILE C 32 12.84 -48.77 -12.24
N LEU C 33 12.26 -47.77 -12.87
CA LEU C 33 12.68 -46.41 -12.71
C LEU C 33 11.51 -45.57 -12.25
N PRO C 34 11.75 -44.47 -11.61
CA PRO C 34 10.67 -43.56 -11.20
C PRO C 34 10.33 -42.54 -12.27
N VAL C 35 10.19 -43.00 -13.53
CA VAL C 35 9.68 -42.15 -14.61
C VAL C 35 8.18 -41.96 -14.48
N THR C 36 7.60 -42.55 -13.45
CA THR C 36 6.17 -42.79 -13.36
C THR C 36 5.36 -41.50 -13.24
N SER C 37 6.01 -40.34 -13.37
CA SER C 37 5.34 -39.07 -13.15
C SER C 37 5.47 -38.16 -14.36
N GLY C 38 5.16 -38.67 -15.54
CA GLY C 38 5.22 -37.82 -16.69
C GLY C 38 4.13 -36.76 -16.72
N ASP C 39 4.50 -35.51 -16.43
CA ASP C 39 3.61 -34.39 -16.67
C ASP C 39 4.29 -33.18 -17.30
N TYR C 40 5.62 -33.11 -17.29
CA TYR C 40 6.34 -32.17 -18.13
C TYR C 40 6.67 -32.77 -19.47
N ALA C 41 5.93 -33.78 -19.90
CA ALA C 41 6.24 -34.47 -21.13
C ALA C 41 6.11 -33.53 -22.32
N ILE C 42 6.80 -33.87 -23.39
CA ILE C 42 6.75 -33.13 -24.64
C ILE C 42 6.12 -34.02 -25.71
N PRO C 43 5.00 -33.62 -26.29
CA PRO C 43 4.44 -34.41 -27.38
C PRO C 43 5.25 -34.20 -28.66
N VAL C 44 5.46 -35.30 -29.38
CA VAL C 44 6.17 -35.22 -30.64
C VAL C 44 5.33 -34.46 -31.66
N THR C 45 6.00 -33.88 -32.65
CA THR C 45 5.29 -33.24 -33.75
C THR C 45 6.20 -33.16 -34.95
N ASN C 46 5.64 -33.46 -36.13
CA ASN C 46 6.39 -33.34 -37.37
C ASN C 46 6.75 -31.90 -37.68
N GLY C 47 5.82 -30.99 -37.44
CA GLY C 47 5.98 -29.64 -37.93
C GLY C 47 5.50 -29.53 -39.36
N SER C 48 6.24 -28.83 -40.21
CA SER C 48 7.50 -28.26 -39.80
C SER C 48 7.66 -26.82 -40.30
N GLY C 49 7.24 -25.87 -39.48
CA GLY C 49 7.45 -24.48 -39.80
C GLY C 49 8.83 -24.01 -39.39
N ALA C 50 9.31 -22.99 -40.11
CA ALA C 50 10.64 -22.45 -39.87
C ALA C 50 10.72 -21.85 -38.47
N VAL C 51 11.92 -21.50 -38.06
CA VAL C 51 12.19 -21.10 -36.69
C VAL C 51 13.14 -19.92 -36.69
N GLY C 52 13.50 -19.50 -35.48
CA GLY C 52 14.46 -18.44 -35.24
C GLY C 52 14.05 -17.15 -35.92
N LYS C 53 15.04 -16.30 -36.17
CA LYS C 53 14.77 -15.03 -36.82
C LYS C 53 14.04 -15.22 -38.14
N ALA C 54 14.20 -16.38 -38.77
CA ALA C 54 13.48 -16.64 -40.00
C ALA C 54 11.98 -16.69 -39.78
N LEU C 55 11.54 -16.87 -38.54
CA LEU C 55 10.12 -17.02 -38.27
C LEU C 55 9.43 -15.67 -38.22
N ASP C 56 8.40 -15.50 -39.03
CA ASP C 56 7.61 -14.28 -38.98
C ASP C 56 6.86 -14.18 -37.66
N ILE C 57 6.67 -12.94 -37.21
CA ILE C 57 5.89 -12.70 -36.01
C ILE C 57 4.93 -11.56 -36.26
N ARG C 58 4.96 -10.99 -37.44
CA ARG C 58 4.16 -9.82 -37.73
C ARG C 58 2.71 -10.09 -37.35
N PRO C 59 2.11 -9.25 -36.51
CA PRO C 59 0.81 -9.58 -35.93
C PRO C 59 -0.20 -9.92 -37.00
N PRO C 60 -1.10 -10.85 -36.72
CA PRO C 60 -1.99 -11.35 -37.77
C PRO C 60 -2.98 -10.29 -38.17
N ALA C 61 -3.36 -10.33 -39.42
CA ALA C 61 -4.26 -9.34 -39.99
C ALA C 61 -5.60 -9.99 -40.33
N GLN C 62 -6.62 -9.15 -40.35
CA GLN C 62 -7.96 -9.60 -40.72
C GLN C 62 -8.81 -8.38 -41.02
N PRO C 63 -9.78 -8.49 -41.94
CA PRO C 63 -10.66 -7.36 -42.24
C PRO C 63 -11.51 -6.99 -41.06
N GLY C 76 -5.96 -19.47 -42.50
CA GLY C 76 -6.02 -18.02 -42.49
C GLY C 76 -6.66 -17.45 -43.74
N ASP C 77 -6.97 -18.32 -44.69
CA ASP C 77 -7.57 -17.88 -45.94
C ASP C 77 -9.00 -17.46 -45.68
N THR C 78 -9.20 -16.15 -45.56
CA THR C 78 -10.53 -15.54 -45.57
C THR C 78 -11.40 -16.08 -44.44
N ALA C 79 -11.01 -15.72 -43.21
CA ALA C 79 -11.95 -15.81 -42.11
C ALA C 79 -12.99 -14.73 -42.37
N SER C 80 -14.01 -15.08 -43.14
CA SER C 80 -14.79 -14.10 -43.89
C SER C 80 -15.53 -13.13 -42.98
N LEU C 81 -15.71 -11.91 -43.49
CA LEU C 81 -16.52 -10.88 -42.83
C LEU C 81 -17.39 -10.20 -43.86
N LEU C 82 -18.70 -10.32 -43.70
CA LEU C 82 -19.66 -9.70 -44.59
C LEU C 82 -20.70 -8.95 -43.76
N VAL C 83 -21.38 -8.01 -44.40
CA VAL C 83 -22.52 -7.31 -43.80
C VAL C 83 -23.59 -7.21 -44.87
N GLU C 84 -24.77 -7.75 -44.59
CA GLU C 84 -25.84 -7.80 -45.57
C GLU C 84 -26.31 -6.40 -45.95
N ASN C 85 -26.79 -6.26 -47.17
CA ASN C 85 -27.32 -4.99 -47.64
C ASN C 85 -28.61 -4.63 -46.90
N ASN C 89 -29.44 -1.18 -53.47
CA ASN C 89 -29.45 -2.48 -52.83
C ASN C 89 -28.34 -3.38 -53.37
N THR C 90 -28.28 -3.50 -54.70
CA THR C 90 -27.25 -4.33 -55.31
C THR C 90 -25.89 -3.67 -55.13
N LEU C 91 -24.85 -4.46 -55.37
CA LEU C 91 -23.48 -4.01 -55.16
C LEU C 91 -22.63 -4.08 -56.41
N TRP C 92 -22.76 -5.14 -57.19
CA TRP C 92 -21.94 -5.32 -58.39
C TRP C 92 -21.93 -4.10 -59.30
N PRO C 93 -23.07 -3.48 -59.64
CA PRO C 93 -23.01 -2.31 -60.55
C PRO C 93 -22.21 -1.16 -60.00
N GLN C 94 -21.96 -1.10 -58.68
CA GLN C 94 -21.14 -0.03 -58.13
C GLN C 94 -19.83 -0.51 -57.52
N VAL C 95 -19.79 -1.75 -56.99
CA VAL C 95 -18.52 -2.21 -56.46
C VAL C 95 -17.51 -2.31 -57.59
N VAL C 96 -17.97 -2.46 -58.83
CA VAL C 96 -17.05 -2.45 -59.97
C VAL C 96 -16.32 -1.13 -60.04
N SER C 97 -17.07 -0.02 -60.02
CA SER C 97 -16.44 1.27 -59.98
C SER C 97 -15.81 1.56 -58.63
N VAL C 98 -16.20 0.82 -57.58
CA VAL C 98 -15.47 0.88 -56.33
C VAL C 98 -14.01 0.48 -56.55
N LEU C 99 -13.74 -0.35 -57.55
CA LEU C 99 -12.37 -0.54 -57.99
C LEU C 99 -11.77 0.79 -58.44
N GLN C 100 -12.41 1.43 -59.42
CA GLN C 100 -11.88 2.67 -59.99
C GLN C 100 -11.69 3.76 -58.94
N ALA C 101 -12.16 3.54 -57.70
CA ALA C 101 -11.68 4.35 -56.60
C ALA C 101 -10.16 4.31 -56.47
N LYS C 102 -9.52 3.30 -57.06
CA LYS C 102 -8.06 3.24 -57.13
C LYS C 102 -7.54 3.12 -58.54
N ASN C 103 -8.39 2.85 -59.52
CA ASN C 103 -7.98 2.69 -60.91
C ASN C 103 -6.86 1.67 -61.04
N TYR C 104 -7.21 0.43 -60.75
CA TYR C 104 -6.27 -0.68 -60.82
C TYR C 104 -6.61 -1.60 -62.00
N THR C 105 -5.66 -2.48 -62.31
CA THR C 105 -5.70 -3.27 -63.52
C THR C 105 -6.85 -4.27 -63.50
N ILE C 106 -6.95 -5.01 -64.59
CA ILE C 106 -7.88 -6.12 -64.74
C ILE C 106 -7.17 -7.19 -65.56
N THR C 107 -7.37 -8.47 -65.19
CA THR C 107 -7.09 -9.51 -66.16
C THR C 107 -8.31 -9.83 -67.03
N GLN C 108 -9.50 -9.82 -66.43
CA GLN C 108 -10.72 -9.94 -67.20
C GLN C 108 -11.88 -9.44 -66.38
N ARG C 109 -12.52 -8.37 -66.85
CA ARG C 109 -13.77 -7.92 -66.24
C ARG C 109 -14.87 -8.91 -66.63
N ASP C 110 -15.71 -9.25 -65.68
CA ASP C 110 -16.82 -10.16 -65.94
C ASP C 110 -18.04 -9.66 -65.20
N ASP C 111 -18.83 -8.81 -65.88
CA ASP C 111 -20.09 -8.40 -65.28
C ASP C 111 -21.04 -9.58 -65.15
N ALA C 112 -20.88 -10.59 -66.01
CA ALA C 112 -21.80 -11.72 -66.08
C ALA C 112 -21.86 -12.49 -64.77
N GLY C 113 -20.75 -13.10 -64.37
CA GLY C 113 -20.71 -13.83 -63.13
C GLY C 113 -20.72 -12.92 -61.92
N GLN C 114 -20.85 -11.62 -62.18
CA GLN C 114 -20.86 -10.59 -61.16
C GLN C 114 -19.57 -10.54 -60.36
N THR C 115 -18.54 -11.27 -60.79
CA THR C 115 -17.22 -11.25 -60.18
C THR C 115 -16.20 -11.14 -61.30
N LEU C 116 -14.94 -10.96 -60.93
CA LEU C 116 -13.89 -10.97 -61.94
C LEU C 116 -12.57 -11.30 -61.26
N THR C 117 -11.53 -11.36 -62.06
CA THR C 117 -10.18 -11.66 -61.60
C THR C 117 -9.23 -10.64 -62.20
N THR C 118 -8.21 -10.26 -61.46
CA THR C 118 -7.36 -9.15 -61.86
C THR C 118 -5.93 -9.61 -62.07
N ASP C 119 -5.08 -8.65 -62.44
CA ASP C 119 -3.67 -8.86 -62.63
C ASP C 119 -2.90 -8.36 -61.42
N TRP C 120 -1.58 -8.31 -61.54
CA TRP C 120 -0.71 -7.89 -60.45
C TRP C 120 -1.24 -6.64 -59.78
N VAL C 121 -1.35 -6.70 -58.46
CA VAL C 121 -1.65 -5.52 -57.66
C VAL C 121 -0.55 -5.40 -56.61
N GLN C 122 0.07 -4.24 -56.55
CA GLN C 122 1.26 -4.07 -55.72
C GLN C 122 0.92 -3.13 -54.57
N TRP C 123 0.74 -3.71 -53.39
CA TRP C 123 0.57 -2.93 -52.18
C TRP C 123 1.93 -2.35 -51.75
N ASN C 124 1.92 -1.61 -50.65
CA ASN C 124 3.17 -0.98 -50.18
C ASN C 124 3.15 -0.85 -48.67
N ARG C 125 3.90 -1.71 -48.00
CA ARG C 125 4.21 -1.60 -46.59
C ARG C 125 5.49 -0.80 -46.44
N LEU C 126 6.08 -0.84 -45.26
CA LEU C 126 7.43 -0.34 -45.07
C LEU C 126 8.48 -1.38 -45.44
N ASP C 127 8.11 -2.40 -46.21
CA ASP C 127 9.01 -3.50 -46.58
C ASP C 127 8.76 -3.86 -48.06
N GLU C 128 9.47 -3.17 -48.97
CA GLU C 128 9.15 -3.30 -50.40
C GLU C 128 9.40 -4.72 -50.90
N ASP C 129 10.56 -5.27 -50.58
CA ASP C 129 10.80 -6.68 -50.86
CA ASP C 129 10.80 -6.68 -50.86
C ASP C 129 9.61 -7.52 -50.44
N GLU C 130 9.09 -7.26 -49.23
CA GLU C 130 7.88 -7.92 -48.78
C GLU C 130 6.65 -7.42 -49.54
N GLN C 131 6.70 -6.20 -50.08
CA GLN C 131 5.60 -5.69 -50.87
C GLN C 131 5.56 -6.39 -52.22
N TYR C 132 4.42 -6.98 -52.54
CA TYR C 132 4.29 -7.77 -53.76
C TYR C 132 3.28 -7.13 -54.69
N ARG C 133 3.59 -7.16 -55.98
CA ARG C 133 2.53 -7.09 -56.97
C ARG C 133 1.83 -8.44 -56.99
N GLY C 134 0.51 -8.43 -56.91
CA GLY C 134 -0.24 -9.66 -56.71
C GLY C 134 -1.49 -9.68 -57.55
N ARG C 135 -1.88 -10.88 -57.95
CA ARG C 135 -3.09 -11.07 -58.74
C ARG C 135 -4.20 -11.62 -57.85
N TYR C 136 -5.43 -11.19 -58.11
CA TYR C 136 -6.55 -11.47 -57.25
C TYR C 136 -7.76 -11.98 -58.03
N GLN C 137 -8.53 -12.80 -57.34
CA GLN C 137 -9.79 -13.35 -57.83
C GLN C 137 -10.89 -12.64 -57.05
N ILE C 138 -11.42 -11.57 -57.63
CA ILE C 138 -12.43 -10.79 -56.92
C ILE C 138 -13.70 -11.62 -56.80
N SER C 139 -14.06 -11.96 -55.58
CA SER C 139 -15.26 -12.77 -55.30
C SER C 139 -16.29 -11.85 -54.68
N VAL C 140 -17.22 -11.37 -55.50
CA VAL C 140 -18.24 -10.44 -55.06
C VAL C 140 -19.56 -10.77 -55.74
N LYS C 141 -20.52 -11.24 -54.96
CA LYS C 141 -21.90 -11.36 -55.41
C LYS C 141 -22.80 -11.20 -54.21
N PRO C 142 -24.02 -10.74 -54.40
CA PRO C 142 -25.00 -10.90 -53.32
C PRO C 142 -25.56 -12.32 -53.33
N GLN C 143 -25.04 -13.16 -52.44
CA GLN C 143 -25.51 -14.54 -52.32
C GLN C 143 -26.44 -14.66 -51.10
N GLY C 144 -27.51 -13.90 -51.15
CA GLY C 144 -28.41 -13.77 -50.03
C GLY C 144 -29.16 -12.45 -50.14
N TYR C 145 -29.26 -11.70 -49.04
CA TYR C 145 -28.84 -11.97 -47.64
C TYR C 145 -27.34 -12.11 -47.37
N GLN C 146 -26.50 -12.00 -48.39
CA GLN C 146 -25.06 -12.08 -48.20
C GLN C 146 -24.38 -11.19 -49.23
N GLN C 147 -23.30 -10.53 -48.82
CA GLN C 147 -22.56 -9.61 -49.68
C GLN C 147 -21.10 -10.07 -49.69
N ALA C 148 -20.71 -10.76 -50.75
CA ALA C 148 -19.44 -11.47 -50.82
C ALA C 148 -18.30 -10.47 -50.97
N VAL C 149 -17.57 -10.22 -49.88
CA VAL C 149 -16.33 -9.45 -49.95
C VAL C 149 -15.21 -10.37 -49.50
N THR C 150 -14.62 -11.06 -50.48
CA THR C 150 -13.47 -11.93 -50.25
CA THR C 150 -13.47 -11.93 -50.25
C THR C 150 -12.77 -12.13 -51.58
N VAL C 151 -11.49 -12.49 -51.49
CA VAL C 151 -10.72 -12.79 -52.69
C VAL C 151 -9.76 -13.93 -52.40
N LYS C 152 -9.84 -14.99 -53.18
CA LYS C 152 -8.85 -16.04 -53.12
C LYS C 152 -7.66 -15.62 -53.96
N LEU C 153 -6.51 -15.46 -53.31
CA LEU C 153 -5.30 -14.98 -53.97
C LEU C 153 -5.03 -15.73 -55.26
N LEU C 154 -4.71 -14.98 -56.32
CA LEU C 154 -4.44 -15.61 -57.60
C LEU C 154 -2.95 -15.85 -57.79
N ASN C 155 -2.15 -14.80 -57.79
CA ASN C 155 -0.73 -14.93 -58.08
C ASN C 155 0.03 -13.95 -57.21
N LEU C 156 0.81 -14.49 -56.26
CA LEU C 156 1.58 -13.69 -55.32
C LEU C 156 3.02 -14.19 -55.32
N GLU C 157 3.95 -13.30 -55.61
CA GLU C 157 5.35 -13.66 -55.71
C GLU C 157 6.19 -12.68 -54.94
N GLN C 158 7.32 -13.15 -54.42
CA GLN C 158 8.25 -12.33 -53.66
C GLN C 158 8.91 -11.38 -54.65
N ALA C 159 8.15 -10.34 -55.01
CA ALA C 159 8.56 -9.39 -56.04
C ALA C 159 9.01 -10.11 -57.32
N GLY C 160 8.39 -11.26 -57.59
CA GLY C 160 8.79 -12.12 -58.69
C GLY C 160 9.16 -13.52 -58.28
N LYS C 161 9.53 -13.74 -57.02
CA LYS C 161 9.80 -15.08 -56.53
C LYS C 161 8.51 -15.71 -56.01
N PRO C 162 7.93 -16.65 -56.74
CA PRO C 162 6.60 -17.14 -56.37
C PRO C 162 6.60 -17.96 -55.10
N VAL C 163 6.02 -17.40 -54.03
CA VAL C 163 5.82 -18.13 -52.78
C VAL C 163 4.43 -17.76 -52.27
N ALA C 164 3.69 -18.76 -51.79
CA ALA C 164 2.30 -18.56 -51.38
C ALA C 164 1.99 -19.33 -50.11
N ASP C 165 2.86 -19.27 -49.11
CA ASP C 165 2.59 -19.99 -47.87
C ASP C 165 1.58 -19.21 -47.04
N ALA C 166 1.33 -19.66 -45.82
CA ALA C 166 0.18 -19.22 -45.03
C ALA C 166 0.19 -17.72 -44.73
N ALA C 167 1.15 -17.26 -43.95
CA ALA C 167 1.20 -15.85 -43.55
C ALA C 167 1.14 -14.96 -44.77
N SER C 168 1.93 -15.28 -45.78
CA SER C 168 1.86 -14.57 -47.05
C SER C 168 0.44 -14.57 -47.59
N MET C 169 -0.13 -15.76 -47.77
CA MET C 169 -1.48 -15.85 -48.31
C MET C 169 -2.49 -15.21 -47.38
N GLN C 170 -2.23 -15.22 -46.07
CA GLN C 170 -3.16 -14.59 -45.16
C GLN C 170 -3.12 -13.08 -45.29
N ARG C 171 -1.93 -12.50 -45.31
CA ARG C 171 -1.80 -11.05 -45.27
C ARG C 171 -2.45 -10.40 -46.47
N TYR C 172 -1.85 -10.58 -47.65
CA TYR C 172 -2.25 -9.79 -48.80
C TYR C 172 -3.69 -10.04 -49.19
N SER C 173 -4.27 -11.14 -48.73
CA SER C 173 -5.72 -11.23 -48.76
C SER C 173 -6.33 -10.07 -48.00
N THR C 174 -5.83 -9.78 -46.80
CA THR C 174 -6.50 -8.78 -45.96
C THR C 174 -6.43 -7.39 -46.57
N GLU C 175 -5.50 -7.16 -47.49
CA GLU C 175 -5.45 -5.88 -48.15
C GLU C 175 -6.66 -5.68 -49.04
N MET C 176 -6.81 -6.55 -50.05
CA MET C 176 -8.00 -6.50 -50.89
C MET C 176 -9.26 -6.60 -50.06
N MET C 177 -9.18 -7.15 -48.87
CA MET C 177 -10.34 -7.17 -47.99
C MET C 177 -10.79 -5.75 -47.71
N ASN C 178 -9.96 -4.99 -47.01
CA ASN C 178 -10.44 -3.77 -46.40
C ASN C 178 -10.51 -2.62 -47.40
N VAL C 179 -9.58 -2.58 -48.36
CA VAL C 179 -9.51 -1.44 -49.27
C VAL C 179 -10.71 -1.47 -50.21
N ILE C 180 -11.58 -2.46 -50.04
CA ILE C 180 -12.87 -2.45 -50.71
C ILE C 180 -14.00 -2.08 -49.76
N SER C 181 -13.94 -2.48 -48.49
CA SER C 181 -14.80 -1.84 -47.51
C SER C 181 -14.52 -0.34 -47.48
N ALA C 182 -13.23 0.01 -47.33
CA ALA C 182 -12.80 1.38 -47.58
C ALA C 182 -13.13 1.83 -48.98
N GLY C 183 -13.41 0.90 -49.89
CA GLY C 183 -13.92 1.27 -51.20
C GLY C 183 -15.43 1.46 -51.20
N LEU C 184 -16.10 1.03 -50.14
CA LEU C 184 -17.53 1.27 -50.03
C LEU C 184 -17.87 2.43 -49.13
N ASP C 185 -17.08 2.68 -48.10
CA ASP C 185 -17.43 3.64 -47.06
C ASP C 185 -17.54 5.06 -47.59
N LYS C 186 -17.32 5.25 -48.89
CA LYS C 186 -17.45 6.55 -49.52
C LYS C 186 -18.80 7.19 -49.24
N VAL D 7 -2.43 14.67 -27.92
CA VAL D 7 -3.18 13.79 -28.81
C VAL D 7 -4.45 14.45 -29.35
N PRO D 8 -4.46 14.72 -30.65
CA PRO D 8 -5.67 15.28 -31.27
C PRO D 8 -6.80 14.28 -31.29
N ASP D 9 -7.93 14.64 -31.91
CA ASP D 9 -9.06 13.74 -31.95
C ASP D 9 -9.65 13.72 -33.35
N ASN D 10 -10.18 12.56 -33.72
CA ASN D 10 -10.83 12.36 -35.01
C ASN D 10 -11.80 11.20 -34.85
N PRO D 11 -12.60 10.92 -35.88
CA PRO D 11 -13.18 9.58 -36.01
C PRO D 11 -12.09 8.55 -36.13
N PRO D 12 -12.40 7.27 -35.88
CA PRO D 12 -11.32 6.30 -35.64
C PRO D 12 -10.51 5.95 -36.87
N ASN D 13 -11.10 6.03 -38.07
CA ASN D 13 -10.51 5.38 -39.23
C ASN D 13 -9.15 5.98 -39.57
N GLU D 14 -9.10 7.28 -39.80
CA GLU D 14 -7.87 7.90 -40.27
C GLU D 14 -6.78 7.81 -39.21
N ILE D 15 -7.16 7.98 -37.94
CA ILE D 15 -6.15 7.96 -36.90
C ILE D 15 -5.61 6.56 -36.70
N TYR D 16 -6.46 5.54 -36.85
CA TYR D 16 -5.99 4.18 -36.80
C TYR D 16 -5.04 3.89 -37.96
N ALA D 17 -5.36 4.41 -39.14
CA ALA D 17 -4.42 4.28 -40.26
C ALA D 17 -3.11 4.98 -39.95
N THR D 18 -3.16 6.12 -39.24
CA THR D 18 -1.93 6.79 -38.86
C THR D 18 -1.10 5.93 -37.93
N ALA D 19 -1.76 5.28 -36.98
CA ALA D 19 -1.06 4.34 -36.11
C ALA D 19 -0.41 3.23 -36.93
N GLN D 20 -1.14 2.71 -37.92
CA GLN D 20 -0.56 1.75 -38.85
C GLN D 20 0.73 2.29 -39.43
N GLN D 21 0.69 3.51 -39.94
CA GLN D 21 1.87 4.09 -40.56
C GLN D 21 3.02 4.14 -39.58
N LYS D 22 2.81 4.82 -38.46
CA LYS D 22 3.89 5.06 -37.53
C LYS D 22 4.39 3.79 -36.87
N LEU D 23 3.61 2.72 -36.92
CA LEU D 23 4.14 1.43 -36.50
C LEU D 23 4.98 0.80 -37.59
N GLN D 24 4.37 0.55 -38.75
CA GLN D 24 5.07 -0.10 -39.84
C GLN D 24 6.41 0.55 -40.10
N ASP D 25 6.51 1.86 -39.88
CA ASP D 25 7.82 2.50 -39.88
C ASP D 25 8.76 1.77 -38.92
N GLY D 26 8.39 1.71 -37.66
CA GLY D 26 9.20 1.01 -36.70
C GLY D 26 9.23 1.71 -35.37
N ASN D 27 8.93 3.00 -35.36
CA ASN D 27 8.86 3.74 -34.11
C ASN D 27 7.70 3.22 -33.29
N TRP D 28 7.98 2.76 -32.08
CA TRP D 28 6.94 2.11 -31.29
C TRP D 28 6.05 3.11 -30.58
N ARG D 29 6.63 3.87 -29.65
CA ARG D 29 5.81 4.50 -28.60
C ARG D 29 4.73 5.40 -29.19
N GLN D 30 5.02 6.06 -30.30
CA GLN D 30 3.99 6.87 -30.94
C GLN D 30 2.80 6.02 -31.33
N ALA D 31 3.06 4.94 -32.05
CA ALA D 31 1.99 4.04 -32.44
C ALA D 31 1.32 3.47 -31.19
N ILE D 32 2.10 3.21 -30.15
CA ILE D 32 1.52 2.72 -28.91
C ILE D 32 0.45 3.67 -28.42
N THR D 33 0.80 4.95 -28.34
CA THR D 33 -0.14 5.96 -27.89
C THR D 33 -1.38 5.98 -28.78
N GLN D 34 -1.17 6.16 -30.09
CA GLN D 34 -2.31 6.21 -30.98
C GLN D 34 -3.19 4.98 -30.83
N LEU D 35 -2.57 3.83 -30.57
CA LEU D 35 -3.32 2.59 -30.59
C LEU D 35 -4.15 2.44 -29.33
N GLU D 36 -3.53 2.60 -28.17
CA GLU D 36 -4.31 2.55 -26.94
C GLU D 36 -5.40 3.62 -26.97
N ALA D 37 -5.13 4.75 -27.62
CA ALA D 37 -6.17 5.74 -27.81
C ALA D 37 -7.34 5.14 -28.58
N LEU D 38 -7.08 4.68 -29.80
CA LEU D 38 -8.14 4.13 -30.64
C LEU D 38 -8.92 3.06 -29.92
N ASP D 39 -8.26 2.33 -29.02
CA ASP D 39 -8.99 1.39 -28.19
C ASP D 39 -9.88 2.12 -27.20
N ASN D 40 -9.36 3.16 -26.57
CA ASN D 40 -10.07 3.80 -25.48
C ASN D 40 -11.26 4.60 -25.99
N ARG D 41 -11.00 5.61 -26.83
CA ARG D 41 -12.05 6.46 -27.36
C ARG D 41 -13.05 5.70 -28.21
N TYR D 42 -12.78 4.44 -28.55
CA TYR D 42 -13.73 3.62 -29.30
C TYR D 42 -13.59 2.20 -28.79
N PRO D 43 -14.18 1.91 -27.63
CA PRO D 43 -14.05 0.56 -27.06
C PRO D 43 -14.60 -0.54 -27.95
N PHE D 44 -15.45 -0.21 -28.92
CA PHE D 44 -16.01 -1.21 -29.81
C PHE D 44 -16.05 -0.69 -31.24
N GLY D 45 -14.91 -0.16 -31.69
CA GLY D 45 -14.81 0.46 -32.98
C GLY D 45 -14.84 -0.55 -34.13
N PRO D 46 -14.12 -0.25 -35.20
CA PRO D 46 -14.30 -1.02 -36.43
C PRO D 46 -13.91 -2.47 -36.22
N TYR D 47 -12.67 -2.68 -35.80
CA TYR D 47 -12.12 -4.00 -35.53
C TYR D 47 -11.47 -3.98 -34.16
N SER D 48 -12.24 -3.56 -33.17
CA SER D 48 -11.74 -3.15 -31.86
C SER D 48 -10.87 -4.19 -31.17
N GLN D 49 -10.77 -5.39 -31.72
CA GLN D 49 -9.81 -6.35 -31.23
C GLN D 49 -8.52 -6.36 -32.04
N GLN D 50 -8.63 -6.11 -33.35
CA GLN D 50 -7.44 -5.88 -34.18
C GLN D 50 -6.48 -4.95 -33.48
N VAL D 51 -7.01 -3.88 -32.89
CA VAL D 51 -6.17 -2.94 -32.18
C VAL D 51 -5.52 -3.62 -30.99
N GLN D 52 -6.20 -4.57 -30.37
CA GLN D 52 -5.61 -5.26 -29.22
C GLN D 52 -4.42 -6.10 -29.66
N LEU D 53 -4.58 -6.83 -30.75
CA LEU D 53 -3.47 -7.66 -31.23
C LEU D 53 -2.29 -6.80 -31.59
N ASP D 54 -2.53 -5.72 -32.33
CA ASP D 54 -1.44 -4.82 -32.65
C ASP D 54 -0.84 -4.23 -31.38
N LEU D 55 -1.67 -4.03 -30.36
CA LEU D 55 -1.19 -3.47 -29.12
C LEU D 55 -0.19 -4.39 -28.45
N ILE D 56 -0.55 -5.66 -28.33
CA ILE D 56 0.37 -6.59 -27.67
C ILE D 56 1.63 -6.75 -28.50
N TYR D 57 1.49 -6.78 -29.82
CA TYR D 57 2.67 -6.91 -30.65
C TYR D 57 3.62 -5.74 -30.42
N ALA D 58 3.09 -4.52 -30.37
CA ALA D 58 3.93 -3.37 -30.13
C ALA D 58 4.54 -3.41 -28.74
N TYR D 59 3.74 -3.79 -27.75
CA TYR D 59 4.25 -3.90 -26.40
C TYR D 59 5.48 -4.78 -26.37
N TYR D 60 5.39 -5.96 -26.96
CA TYR D 60 6.54 -6.85 -27.00
C TYR D 60 7.70 -6.17 -27.71
N LYS D 61 7.47 -5.68 -28.92
CA LYS D 61 8.57 -5.07 -29.65
C LYS D 61 9.06 -3.78 -29.02
N ASN D 62 8.51 -3.40 -27.87
CA ASN D 62 9.00 -2.22 -27.17
C ASN D 62 9.22 -2.51 -25.69
N ALA D 63 9.55 -3.76 -25.38
CA ALA D 63 9.96 -4.17 -24.04
C ALA D 63 8.89 -3.94 -22.98
N ASP D 64 7.69 -3.54 -23.36
CA ASP D 64 6.61 -3.34 -22.40
C ASP D 64 6.06 -4.70 -21.98
N LEU D 65 6.90 -5.46 -21.27
CA LEU D 65 6.54 -6.83 -20.96
C LEU D 65 5.31 -6.94 -20.08
N PRO D 66 5.23 -6.29 -18.92
CA PRO D 66 4.10 -6.58 -18.02
C PRO D 66 2.77 -6.21 -18.62
N LEU D 67 2.68 -5.02 -19.23
CA LEU D 67 1.43 -4.63 -19.84
C LEU D 67 1.09 -5.53 -21.00
N ALA D 68 2.11 -5.98 -21.74
CA ALA D 68 1.86 -6.98 -22.77
C ALA D 68 1.19 -8.20 -22.17
N GLN D 69 1.77 -8.73 -21.10
CA GLN D 69 1.18 -9.86 -20.41
C GLN D 69 -0.28 -9.60 -20.08
N ALA D 70 -0.53 -8.45 -19.47
CA ALA D 70 -1.88 -8.13 -19.02
C ALA D 70 -2.85 -8.11 -20.18
N ALA D 71 -2.48 -7.41 -21.26
CA ALA D 71 -3.35 -7.31 -22.42
C ALA D 71 -3.58 -8.68 -23.03
N ILE D 72 -2.57 -9.54 -22.98
CA ILE D 72 -2.75 -10.91 -23.48
C ILE D 72 -3.83 -11.61 -22.69
N ASP D 73 -3.71 -11.59 -21.36
CA ASP D 73 -4.73 -12.24 -20.54
C ASP D 73 -6.10 -11.67 -20.86
N ARG D 74 -6.17 -10.36 -21.01
CA ARG D 74 -7.47 -9.73 -21.21
C ARG D 74 -8.08 -10.18 -22.52
N PHE D 75 -7.26 -10.25 -23.57
CA PHE D 75 -7.82 -10.70 -24.84
C PHE D 75 -8.25 -12.15 -24.76
N ILE D 76 -7.45 -12.98 -24.10
CA ILE D 76 -7.80 -14.40 -23.99
C ILE D 76 -9.15 -14.55 -23.31
N ARG D 77 -9.25 -14.07 -22.08
CA ARG D 77 -10.50 -14.24 -21.35
C ARG D 77 -11.64 -13.44 -21.96
N LEU D 78 -11.34 -12.46 -22.82
CA LEU D 78 -12.41 -11.66 -23.39
C LEU D 78 -13.19 -12.42 -24.43
N ASN D 79 -12.52 -13.24 -25.22
CA ASN D 79 -13.18 -13.95 -26.29
C ASN D 79 -12.32 -15.13 -26.70
N PRO D 80 -12.22 -16.14 -25.85
CA PRO D 80 -11.22 -17.20 -26.05
C PRO D 80 -11.25 -17.80 -27.43
N THR D 81 -12.37 -18.37 -27.84
CA THR D 81 -12.43 -18.89 -29.19
C THR D 81 -12.23 -17.76 -30.17
N HIS D 82 -11.24 -17.92 -31.02
CA HIS D 82 -10.91 -16.91 -32.01
C HIS D 82 -9.94 -17.49 -33.02
N PRO D 83 -10.19 -17.29 -34.30
CA PRO D 83 -9.40 -18.00 -35.33
C PRO D 83 -7.91 -17.79 -35.23
N ASN D 84 -7.45 -16.75 -34.52
CA ASN D 84 -6.03 -16.45 -34.47
C ASN D 84 -5.44 -16.57 -33.08
N ILE D 85 -6.17 -17.15 -32.13
CA ILE D 85 -5.72 -17.07 -30.75
C ILE D 85 -4.38 -17.77 -30.56
N ASP D 86 -4.11 -18.80 -31.35
CA ASP D 86 -2.86 -19.53 -31.21
C ASP D 86 -1.69 -18.57 -31.27
N TYR D 87 -1.78 -17.58 -32.13
CA TYR D 87 -0.80 -16.51 -32.14
C TYR D 87 -0.65 -15.92 -30.75
N VAL D 88 -1.75 -15.71 -30.06
CA VAL D 88 -1.67 -15.04 -28.77
C VAL D 88 -1.03 -15.97 -27.74
N MET D 89 -1.39 -17.25 -27.78
CA MET D 89 -0.68 -18.21 -26.94
C MET D 89 0.81 -18.09 -27.14
N TYR D 90 1.25 -18.20 -28.39
CA TYR D 90 2.67 -18.20 -28.70
C TYR D 90 3.31 -16.90 -28.23
N MET D 91 2.62 -15.79 -28.39
CA MET D 91 3.16 -14.53 -27.95
C MET D 91 3.34 -14.51 -26.45
N ARG D 92 2.35 -14.99 -25.71
CA ARG D 92 2.49 -15.08 -24.27
C ARG D 92 3.71 -15.89 -23.90
N GLY D 93 3.93 -16.97 -24.64
CA GLY D 93 5.13 -17.76 -24.42
C GLY D 93 6.38 -16.93 -24.60
N LEU D 94 6.44 -16.16 -25.67
CA LEU D 94 7.61 -15.31 -25.89
C LEU D 94 7.77 -14.32 -24.76
N THR D 95 6.66 -13.74 -24.29
CA THR D 95 6.75 -12.80 -23.19
C THR D 95 7.41 -13.44 -21.99
N ASN D 96 6.88 -14.58 -21.56
CA ASN D 96 7.50 -15.25 -20.43
C ASN D 96 8.97 -15.51 -20.68
N MET D 97 9.27 -16.15 -21.80
CA MET D 97 10.65 -16.56 -22.05
C MET D 97 11.59 -15.38 -21.99
N ALA D 98 11.33 -14.36 -22.80
CA ALA D 98 12.20 -13.19 -22.79
C ALA D 98 12.22 -12.54 -21.42
N LEU D 99 11.14 -12.67 -20.66
CA LEU D 99 11.15 -12.14 -19.31
C LEU D 99 12.14 -12.89 -18.44
N ASP D 100 12.36 -14.17 -18.73
CA ASP D 100 13.21 -14.98 -17.89
C ASP D 100 14.65 -14.49 -17.84
N ASP D 101 15.34 -14.53 -18.98
CA ASP D 101 16.77 -14.23 -19.01
C ASP D 101 17.03 -12.75 -19.21
N SER D 102 16.09 -11.90 -18.82
CA SER D 102 16.10 -10.50 -19.20
C SER D 102 17.40 -9.79 -18.86
N ALA D 103 18.14 -10.26 -17.85
CA ALA D 103 19.33 -9.56 -17.40
C ALA D 103 20.40 -9.70 -18.47
N LEU D 104 20.55 -8.66 -19.30
CA LEU D 104 21.48 -8.73 -20.41
C LEU D 104 22.92 -8.84 -19.94
N GLN D 105 23.18 -8.60 -18.66
CA GLN D 105 24.50 -8.81 -18.08
C GLN D 105 25.08 -10.16 -18.48
N GLY D 106 24.20 -11.12 -18.76
CA GLY D 106 24.67 -12.39 -19.28
C GLY D 106 25.59 -12.23 -20.47
N PHE D 107 25.48 -11.11 -21.18
CA PHE D 107 26.47 -10.76 -22.20
C PHE D 107 27.88 -10.92 -21.68
N PHE D 108 28.09 -10.61 -20.40
CA PHE D 108 29.41 -10.81 -19.83
C PHE D 108 29.86 -12.25 -19.94
N GLY D 109 28.92 -13.19 -19.92
CA GLY D 109 29.26 -14.58 -20.13
C GLY D 109 28.77 -15.51 -19.05
N VAL D 110 28.06 -14.96 -18.07
CA VAL D 110 27.56 -15.78 -16.97
C VAL D 110 26.46 -16.70 -17.47
N ASP D 111 26.17 -17.72 -16.69
CA ASP D 111 25.06 -18.63 -16.96
C ASP D 111 23.88 -18.28 -16.08
N ARG D 112 22.75 -17.99 -16.71
CA ARG D 112 21.52 -17.68 -16.01
C ARG D 112 20.89 -18.91 -15.37
N SER D 113 21.41 -20.10 -15.63
CA SER D 113 20.68 -21.33 -15.32
C SER D 113 20.48 -21.56 -13.87
N ASP D 114 20.80 -20.64 -12.98
CA ASP D 114 20.72 -20.89 -11.55
C ASP D 114 19.82 -19.91 -10.83
N ARG D 115 19.14 -19.04 -11.55
CA ARG D 115 18.34 -18.00 -10.93
C ARG D 115 16.90 -18.50 -10.77
N ASP D 116 15.99 -17.59 -10.48
CA ASP D 116 14.58 -17.93 -10.33
C ASP D 116 14.09 -18.63 -11.59
N PRO D 117 13.51 -19.80 -11.48
CA PRO D 117 13.03 -20.50 -12.67
C PRO D 117 11.55 -20.30 -12.94
N GLN D 118 10.85 -19.59 -12.06
CA GLN D 118 9.39 -19.54 -12.15
C GLN D 118 8.94 -19.11 -13.53
N HIS D 119 9.63 -18.15 -14.14
CA HIS D 119 9.24 -17.69 -15.46
C HIS D 119 9.35 -18.81 -16.46
N ALA D 120 10.43 -19.59 -16.40
CA ALA D 120 10.54 -20.73 -17.27
C ALA D 120 9.36 -21.65 -17.10
N ARG D 121 8.87 -21.80 -15.87
CA ARG D 121 7.75 -22.71 -15.64
C ARG D 121 6.50 -22.23 -16.35
N ALA D 122 6.18 -20.94 -16.18
CA ALA D 122 5.00 -20.40 -16.85
C ALA D 122 5.14 -20.51 -18.36
N ALA D 123 6.31 -20.16 -18.88
CA ALA D 123 6.54 -20.29 -20.31
C ALA D 123 6.28 -21.71 -20.78
N PHE D 124 6.79 -22.69 -20.03
CA PHE D 124 6.64 -24.07 -20.46
C PHE D 124 5.19 -24.48 -20.45
N SER D 125 4.47 -24.13 -19.39
CA SER D 125 3.04 -24.42 -19.35
C SER D 125 2.35 -23.85 -20.57
N ASP D 126 2.66 -22.59 -20.89
CA ASP D 126 2.00 -21.92 -21.99
C ASP D 126 2.27 -22.62 -23.31
N PHE D 127 3.54 -22.86 -23.60
CA PHE D 127 3.88 -23.51 -24.87
C PHE D 127 3.26 -24.89 -24.95
N SER D 128 3.24 -25.61 -23.84
CA SER D 128 2.63 -26.94 -23.84
C SER D 128 1.17 -26.86 -24.21
N LYS D 129 0.45 -25.95 -23.56
CA LYS D 129 -0.96 -25.77 -23.89
C LYS D 129 -1.13 -25.45 -25.36
N LEU D 130 -0.27 -24.56 -25.88
CA LEU D 130 -0.36 -24.22 -27.29
C LEU D 130 -0.20 -25.46 -28.15
N VAL D 131 0.87 -26.21 -27.94
CA VAL D 131 1.17 -27.33 -28.82
C VAL D 131 0.05 -28.35 -28.79
N ARG D 132 -0.32 -28.80 -27.59
CA ARG D 132 -1.33 -29.82 -27.52
C ARG D 132 -2.71 -29.29 -27.90
N GLY D 133 -2.89 -27.98 -27.93
CA GLY D 133 -4.16 -27.43 -28.33
C GLY D 133 -4.25 -27.19 -29.82
N TYR D 134 -3.11 -27.14 -30.49
CA TYR D 134 -3.06 -26.84 -31.92
C TYR D 134 -1.91 -27.61 -32.53
N PRO D 135 -2.19 -28.73 -33.13
CA PRO D 135 -1.11 -29.59 -33.62
C PRO D 135 -0.38 -28.98 -34.80
N ASN D 136 -1.11 -28.50 -35.80
CA ASN D 136 -0.50 -28.08 -37.05
C ASN D 136 -0.67 -26.59 -37.30
N SER D 137 -0.58 -25.78 -36.25
CA SER D 137 -0.59 -24.35 -36.45
C SER D 137 0.77 -23.90 -36.99
N GLN D 138 0.95 -22.60 -37.10
CA GLN D 138 2.15 -22.06 -37.72
C GLN D 138 3.31 -22.02 -36.75
N TYR D 139 3.02 -22.16 -35.46
CA TYR D 139 4.00 -21.87 -34.42
C TYR D 139 4.33 -23.12 -33.61
N THR D 140 4.14 -24.29 -34.20
CA THR D 140 4.33 -25.51 -33.43
C THR D 140 5.81 -25.78 -33.21
N THR D 141 6.58 -25.82 -34.29
CA THR D 141 7.97 -26.25 -34.21
C THR D 141 8.74 -25.42 -33.20
N ASP D 142 8.87 -24.12 -33.46
CA ASP D 142 9.63 -23.27 -32.57
C ASP D 142 9.15 -23.44 -31.14
N ALA D 143 7.85 -23.64 -30.96
CA ALA D 143 7.37 -23.97 -29.64
C ALA D 143 8.05 -25.21 -29.11
N THR D 144 8.18 -26.24 -29.93
CA THR D 144 8.79 -27.48 -29.44
C THR D 144 10.24 -27.25 -29.06
N LYS D 145 10.99 -26.56 -29.91
CA LYS D 145 12.38 -26.29 -29.61
C LYS D 145 12.51 -25.56 -28.28
N ARG D 146 11.74 -24.50 -28.11
CA ARG D 146 11.78 -23.78 -26.86
C ARG D 146 11.40 -24.68 -25.70
N LEU D 147 10.45 -25.58 -25.92
CA LEU D 147 10.06 -26.50 -24.88
C LEU D 147 11.25 -27.32 -24.42
N VAL D 148 11.93 -27.95 -25.37
CA VAL D 148 13.08 -28.78 -25.04
C VAL D 148 14.10 -27.97 -24.25
N PHE D 149 14.41 -26.79 -24.73
CA PHE D 149 15.42 -25.99 -24.07
C PHE D 149 15.00 -25.65 -22.64
N LEU D 150 13.74 -25.30 -22.46
CA LEU D 150 13.27 -24.96 -21.12
C LEU D 150 13.34 -26.16 -20.19
N LYS D 151 12.96 -27.33 -20.69
CA LYS D 151 13.05 -28.54 -19.89
C LYS D 151 14.47 -28.72 -19.38
N ASP D 152 15.43 -28.60 -20.30
CA ASP D 152 16.82 -28.72 -19.89
C ASP D 152 17.17 -27.68 -18.83
N ARG D 153 16.69 -26.46 -19.01
CA ARG D 153 17.00 -25.41 -18.03
C ARG D 153 16.52 -25.79 -16.65
N LEU D 154 15.28 -26.24 -16.55
CA LEU D 154 14.73 -26.60 -15.24
C LEU D 154 15.55 -27.71 -14.60
N ALA D 155 15.84 -28.74 -15.38
CA ALA D 155 16.65 -29.82 -14.85
C ALA D 155 17.95 -29.28 -14.28
N LYS D 156 18.61 -28.40 -15.04
CA LYS D 156 19.87 -27.85 -14.57
C LYS D 156 19.68 -27.13 -13.26
N TYR D 157 18.58 -26.41 -13.12
CA TYR D 157 18.36 -25.66 -11.89
C TYR D 157 18.30 -26.59 -10.70
N GLU D 158 17.43 -27.58 -10.77
CA GLU D 158 17.33 -28.48 -9.64
C GLU D 158 18.66 -29.16 -9.36
N TYR D 159 19.43 -29.45 -10.41
CA TYR D 159 20.72 -30.07 -10.20
C TYR D 159 21.64 -29.16 -9.43
N SER D 160 21.59 -27.87 -9.74
CA SER D 160 22.37 -26.91 -8.97
C SER D 160 22.03 -27.02 -7.50
N VAL D 161 20.74 -27.04 -7.19
CA VAL D 161 20.36 -27.11 -5.78
C VAL D 161 20.92 -28.37 -5.14
N ALA D 162 20.77 -29.50 -5.82
CA ALA D 162 21.27 -30.75 -5.26
C ALA D 162 22.76 -30.68 -5.03
N GLU D 163 23.48 -30.07 -5.95
CA GLU D 163 24.92 -29.92 -5.78
C GLU D 163 25.22 -29.12 -4.53
N TYR D 164 24.50 -28.02 -4.32
CA TYR D 164 24.77 -27.21 -3.15
C TYR D 164 24.58 -28.02 -1.89
N TYR D 165 23.48 -28.74 -1.79
CA TYR D 165 23.27 -29.53 -0.59
C TYR D 165 24.36 -30.56 -0.41
N THR D 166 24.63 -31.35 -1.44
CA THR D 166 25.65 -32.39 -1.24
C THR D 166 26.99 -31.78 -0.90
N GLU D 167 27.19 -30.50 -1.21
CA GLU D 167 28.34 -29.82 -0.67
C GLU D 167 28.15 -29.53 0.81
N ARG D 168 26.92 -29.22 1.21
CA ARG D 168 26.65 -28.91 2.60
C ARG D 168 26.77 -30.15 3.46
N GLY D 169 26.00 -31.18 3.13
CA GLY D 169 26.04 -32.43 3.87
C GLY D 169 24.68 -33.05 4.05
N ALA D 170 23.62 -32.30 3.77
CA ALA D 170 22.26 -32.71 4.10
C ALA D 170 21.87 -33.86 3.19
N TRP D 171 22.22 -35.05 3.62
CA TRP D 171 22.14 -36.22 2.78
C TRP D 171 20.81 -36.90 2.83
N VAL D 172 19.73 -36.19 3.13
CA VAL D 172 18.43 -36.75 2.79
C VAL D 172 17.80 -35.77 1.82
N ALA D 173 18.16 -34.50 1.96
CA ALA D 173 17.68 -33.52 0.98
C ALA D 173 18.19 -33.87 -0.40
N VAL D 174 19.45 -34.30 -0.48
CA VAL D 174 20.01 -34.68 -1.76
C VAL D 174 19.19 -35.79 -2.38
N VAL D 175 18.96 -36.86 -1.64
CA VAL D 175 18.26 -38.00 -2.21
C VAL D 175 16.87 -37.57 -2.66
N ASN D 176 16.21 -36.75 -1.87
CA ASN D 176 14.86 -36.36 -2.25
C ASN D 176 14.88 -35.53 -3.52
N ARG D 177 15.77 -34.56 -3.61
CA ARG D 177 15.80 -33.72 -4.81
C ARG D 177 16.12 -34.54 -6.03
N VAL D 178 17.10 -35.42 -5.94
CA VAL D 178 17.47 -36.22 -7.10
C VAL D 178 16.32 -37.13 -7.47
N GLU D 179 15.64 -37.70 -6.49
CA GLU D 179 14.49 -38.52 -6.81
C GLU D 179 13.44 -37.69 -7.53
N GLY D 180 13.23 -36.46 -7.07
CA GLY D 180 12.25 -35.62 -7.72
C GLY D 180 12.58 -35.38 -9.18
N MET D 181 13.81 -34.95 -9.44
CA MET D 181 14.22 -34.78 -10.83
C MET D 181 13.97 -36.06 -11.62
N LEU D 182 14.60 -37.14 -11.18
CA LEU D 182 14.43 -38.43 -11.84
C LEU D 182 12.98 -38.79 -12.00
N ARG D 183 12.10 -38.19 -11.22
CA ARG D 183 10.68 -38.38 -11.42
C ARG D 183 10.11 -37.45 -12.47
N ASP D 184 10.76 -36.33 -12.75
CA ASP D 184 10.18 -35.35 -13.64
C ASP D 184 10.98 -35.06 -14.90
N TYR D 185 12.28 -35.11 -14.87
CA TYR D 185 12.99 -34.71 -16.07
C TYR D 185 13.84 -35.86 -16.57
N PRO D 186 13.30 -37.04 -16.66
CA PRO D 186 14.17 -38.21 -16.74
C PRO D 186 14.77 -38.40 -18.10
N ASP D 187 15.16 -37.31 -18.77
CA ASP D 187 15.93 -37.48 -20.00
C ASP D 187 17.05 -36.48 -20.19
N THR D 188 17.06 -35.35 -19.52
CA THR D 188 18.03 -34.32 -19.84
C THR D 188 19.44 -34.80 -19.53
N GLN D 189 20.42 -33.96 -19.86
CA GLN D 189 21.78 -34.26 -19.44
C GLN D 189 21.95 -34.12 -17.94
N ALA D 190 21.18 -33.21 -17.33
CA ALA D 190 21.36 -32.95 -15.91
C ALA D 190 21.17 -34.21 -15.08
N THR D 191 20.19 -35.03 -15.45
CA THR D 191 19.94 -36.24 -14.67
C THR D 191 21.07 -37.24 -14.83
N ARG D 192 21.38 -37.59 -16.07
CA ARG D 192 22.49 -38.49 -16.33
C ARG D 192 23.79 -37.96 -15.76
N ASP D 193 23.81 -36.68 -15.39
CA ASP D 193 24.98 -36.12 -14.74
C ASP D 193 24.88 -36.20 -13.22
N ALA D 194 23.69 -36.04 -12.67
CA ALA D 194 23.54 -35.93 -11.23
C ALA D 194 23.56 -37.27 -10.54
N LEU D 195 23.21 -38.34 -11.25
CA LEU D 195 23.18 -39.68 -10.64
C LEU D 195 24.30 -39.96 -9.63
N PRO D 196 25.57 -39.68 -9.91
CA PRO D 196 26.60 -39.94 -8.90
C PRO D 196 26.33 -39.25 -7.59
N LEU D 197 25.61 -38.14 -7.60
CA LEU D 197 25.29 -37.49 -6.34
C LEU D 197 24.44 -38.39 -5.48
N MET D 198 23.34 -38.91 -6.03
CA MET D 198 22.53 -39.84 -5.28
C MET D 198 23.34 -41.05 -4.86
N GLU D 199 24.20 -41.55 -5.74
CA GLU D 199 25.04 -42.67 -5.37
C GLU D 199 25.82 -42.34 -4.10
N ASN D 200 26.57 -41.24 -4.14
CA ASN D 200 27.41 -40.89 -3.01
C ASN D 200 26.58 -40.68 -1.76
N ALA D 201 25.41 -40.06 -1.90
CA ALA D 201 24.55 -39.87 -0.75
C ALA D 201 24.24 -41.20 -0.09
N TYR D 202 23.71 -42.15 -0.86
CA TYR D 202 23.44 -43.46 -0.31
C TYR D 202 24.70 -44.05 0.32
N ARG D 203 25.86 -43.79 -0.28
CA ARG D 203 27.10 -44.28 0.30
C ARG D 203 27.30 -43.72 1.70
N GLN D 204 26.93 -42.46 1.89
CA GLN D 204 27.27 -41.78 3.12
C GLN D 204 26.55 -42.38 4.31
N MET D 205 25.26 -42.63 4.19
CA MET D 205 24.45 -43.04 5.31
C MET D 205 24.46 -44.53 5.53
N GLN D 206 25.53 -45.19 5.11
CA GLN D 206 25.71 -46.63 5.34
C GLN D 206 24.58 -47.45 4.77
N MET D 207 23.82 -46.90 3.84
CA MET D 207 22.78 -47.63 3.14
C MET D 207 23.39 -48.13 1.84
N ASN D 208 23.70 -49.41 1.79
CA ASN D 208 24.50 -49.92 0.68
C ASN D 208 23.65 -50.41 -0.49
N ALA D 209 22.81 -51.40 -0.26
CA ALA D 209 22.02 -52.00 -1.33
C ALA D 209 21.40 -50.94 -2.21
N GLN D 210 20.97 -49.85 -1.59
CA GLN D 210 20.50 -48.72 -2.37
C GLN D 210 21.61 -48.18 -3.27
N ALA D 211 22.82 -48.06 -2.73
CA ALA D 211 23.93 -47.60 -3.56
C ALA D 211 24.19 -48.58 -4.69
N GLU D 212 24.00 -49.87 -4.44
CA GLU D 212 24.23 -50.83 -5.51
C GLU D 212 23.19 -50.70 -6.61
N LYS D 213 21.95 -50.47 -6.22
CA LYS D 213 20.92 -50.21 -7.23
C LYS D 213 21.32 -49.03 -8.10
N VAL D 214 21.59 -47.90 -7.46
CA VAL D 214 21.92 -46.72 -8.27
C VAL D 214 23.19 -46.95 -9.05
N ALA D 215 24.06 -47.83 -8.57
CA ALA D 215 25.27 -48.13 -9.31
C ALA D 215 24.96 -48.90 -10.57
N LYS D 216 24.07 -49.89 -10.48
CA LYS D 216 23.66 -50.60 -11.68
C LYS D 216 23.09 -49.63 -12.69
N ILE D 217 22.24 -48.71 -12.21
CA ILE D 217 21.71 -47.68 -13.10
C ILE D 217 22.86 -46.96 -13.79
N ILE D 218 23.71 -46.31 -13.00
CA ILE D 218 24.76 -45.46 -13.56
C ILE D 218 25.69 -46.25 -14.44
N ALA D 219 25.77 -47.56 -14.25
CA ALA D 219 26.59 -48.38 -15.12
C ALA D 219 25.87 -48.75 -16.39
N ALA D 220 24.56 -48.66 -16.41
CA ALA D 220 23.84 -48.89 -17.64
C ALA D 220 23.92 -47.72 -18.61
N ASN D 221 24.82 -46.78 -18.38
CA ASN D 221 25.04 -45.68 -19.32
C ASN D 221 26.51 -45.30 -19.39
N ARG E 5 40.39 -26.23 10.77
CA ARG E 5 40.62 -26.32 12.20
C ARG E 5 39.32 -26.39 12.97
N VAL E 6 39.16 -25.50 13.93
CA VAL E 6 37.96 -25.45 14.77
C VAL E 6 37.45 -24.01 14.74
N VAL E 7 36.51 -23.75 13.82
CA VAL E 7 36.00 -22.41 13.63
C VAL E 7 34.54 -22.29 14.08
N TYR E 8 33.63 -22.95 13.37
CA TYR E 8 32.21 -22.88 13.67
C TYR E 8 31.42 -23.74 12.69
N ARG E 9 30.25 -24.20 13.09
CA ARG E 9 29.32 -24.78 12.14
C ARG E 9 27.94 -24.90 12.77
N PRO E 10 26.91 -24.40 12.13
CA PRO E 10 25.56 -24.62 12.64
C PRO E 10 25.23 -26.09 12.57
N ASP E 11 24.44 -26.56 13.52
CA ASP E 11 24.17 -27.98 13.62
C ASP E 11 23.40 -28.47 12.39
N ILE E 12 23.62 -29.73 12.06
CA ILE E 12 23.01 -30.37 10.91
C ILE E 12 22.25 -31.59 11.38
N ASN E 13 21.00 -31.69 10.97
CA ASN E 13 20.15 -32.82 11.32
C ASN E 13 19.27 -33.12 10.12
N GLN E 14 18.88 -34.38 10.00
CA GLN E 14 18.02 -34.80 8.91
C GLN E 14 16.77 -35.45 9.47
N GLY E 15 15.67 -35.29 8.74
CA GLY E 15 14.34 -35.45 9.30
C GLY E 15 13.94 -36.84 9.74
N ASN E 16 12.65 -37.08 9.81
CA ASN E 16 12.11 -38.35 10.26
C ASN E 16 12.50 -38.61 11.71
N TYR E 17 12.05 -37.71 12.57
CA TYR E 17 12.42 -37.77 13.98
C TYR E 17 12.03 -39.11 14.60
N LEU E 18 12.69 -39.44 15.70
CA LEU E 18 12.45 -40.71 16.36
C LEU E 18 12.53 -40.54 17.87
N THR E 19 11.76 -41.36 18.57
CA THR E 19 11.94 -41.58 19.98
C THR E 19 12.63 -42.92 20.15
N ALA E 20 12.68 -43.40 21.39
CA ALA E 20 13.13 -44.76 21.64
C ALA E 20 12.02 -45.61 22.25
N ASN E 21 10.78 -45.15 22.23
CA ASN E 21 9.67 -45.92 22.77
C ASN E 21 8.66 -46.29 21.70
N ASP E 22 8.25 -45.33 20.87
CA ASP E 22 7.26 -45.62 19.83
C ASP E 22 7.75 -46.70 18.89
N VAL E 23 9.06 -46.85 18.76
CA VAL E 23 9.63 -47.88 17.91
C VAL E 23 9.37 -49.23 18.53
N SER E 24 8.72 -49.25 19.68
CA SER E 24 8.17 -50.48 20.22
C SER E 24 6.71 -50.67 19.86
N LYS E 25 6.06 -49.66 19.27
CA LYS E 25 4.66 -49.82 18.88
C LYS E 25 4.53 -50.64 17.62
N ILE E 26 5.17 -50.19 16.54
CA ILE E 26 4.92 -50.75 15.23
C ILE E 26 5.23 -52.24 15.21
N ARG E 27 4.42 -53.00 14.48
CA ARG E 27 4.52 -54.44 14.51
C ARG E 27 4.31 -55.04 13.13
N VAL E 28 4.60 -56.32 13.03
CA VAL E 28 4.32 -57.05 11.83
C VAL E 28 2.82 -57.03 11.56
N GLY E 29 2.45 -57.30 10.31
CA GLY E 29 1.07 -57.43 9.95
C GLY E 29 0.28 -56.15 9.94
N MET E 30 0.85 -55.03 10.35
CA MET E 30 0.11 -53.78 10.38
C MET E 30 -0.08 -53.28 8.96
N THR E 31 -0.67 -52.10 8.83
CA THR E 31 -0.94 -51.51 7.53
C THR E 31 0.04 -50.39 7.27
N GLN E 32 0.27 -50.14 5.99
CA GLN E 32 0.88 -48.86 5.62
C GLN E 32 0.16 -47.73 6.30
N GLN E 33 -1.17 -47.80 6.36
CA GLN E 33 -1.92 -46.72 6.95
C GLN E 33 -1.62 -46.60 8.44
N GLN E 34 -1.72 -47.71 9.16
CA GLN E 34 -1.46 -47.68 10.60
C GLN E 34 -0.07 -47.14 10.89
N VAL E 35 0.92 -47.66 10.17
CA VAL E 35 2.31 -47.28 10.44
C VAL E 35 2.50 -45.80 10.12
N ALA E 36 2.03 -45.39 8.95
CA ALA E 36 2.14 -43.98 8.58
C ALA E 36 1.52 -43.10 9.63
N TYR E 37 0.38 -43.50 10.17
CA TYR E 37 -0.23 -42.71 11.23
C TYR E 37 0.63 -42.73 12.47
N ALA E 38 1.20 -43.89 12.80
CA ALA E 38 1.90 -44.03 14.06
C ALA E 38 3.15 -43.18 14.10
N LEU E 39 4.01 -43.30 13.09
CA LEU E 39 5.31 -42.64 13.14
C LEU E 39 5.40 -41.46 12.21
N GLY E 40 4.29 -41.04 11.62
CA GLY E 40 4.36 -39.94 10.69
C GLY E 40 4.73 -40.41 9.29
N THR E 41 5.16 -39.46 8.49
CA THR E 41 5.35 -39.98 7.15
C THR E 41 6.81 -40.28 6.88
N PRO E 42 7.09 -41.36 6.20
CA PRO E 42 8.49 -41.70 5.91
C PRO E 42 9.12 -40.73 4.94
N LEU E 43 10.02 -39.89 5.44
CA LEU E 43 10.54 -38.83 4.60
C LEU E 43 11.37 -39.34 3.45
N MET E 44 11.87 -40.56 3.51
CA MET E 44 12.76 -41.08 2.47
C MET E 44 12.32 -42.49 2.11
N SER E 45 11.62 -42.61 0.99
CA SER E 45 11.07 -43.88 0.55
C SER E 45 11.91 -44.49 -0.56
N ASP E 46 11.67 -45.76 -0.81
CA ASP E 46 12.39 -46.46 -1.86
C ASP E 46 11.87 -46.02 -3.22
N PRO E 47 12.63 -45.19 -3.93
CA PRO E 47 12.10 -44.64 -5.19
C PRO E 47 11.81 -45.70 -6.22
N PHE E 48 12.50 -46.82 -6.17
CA PHE E 48 12.21 -47.86 -7.14
C PHE E 48 12.32 -49.23 -6.51
N GLY E 49 12.41 -50.26 -7.33
CA GLY E 49 12.40 -51.58 -6.76
C GLY E 49 11.12 -51.79 -5.97
N THR E 50 11.19 -52.66 -4.98
CA THR E 50 10.03 -52.89 -4.14
C THR E 50 9.73 -51.67 -3.28
N ASN E 51 8.48 -51.56 -2.87
CA ASN E 51 8.11 -50.53 -1.91
C ASN E 51 8.77 -50.85 -0.58
N THR E 52 9.54 -49.91 -0.06
CA THR E 52 10.16 -50.11 1.24
C THR E 52 10.48 -48.74 1.81
N TRP E 53 10.37 -48.61 3.12
CA TRP E 53 10.50 -47.30 3.75
C TRP E 53 11.82 -47.20 4.50
N PHE E 54 12.24 -45.96 4.70
CA PHE E 54 13.51 -45.67 5.38
C PHE E 54 13.26 -44.55 6.37
N TYR E 55 13.09 -44.91 7.64
CA TYR E 55 13.08 -43.94 8.72
C TYR E 55 14.51 -43.81 9.23
N VAL E 56 15.12 -42.65 9.03
CA VAL E 56 16.50 -42.40 9.41
C VAL E 56 16.54 -41.20 10.33
N PHE E 57 17.14 -41.37 11.49
CA PHE E 57 17.27 -40.30 12.48
C PHE E 57 18.75 -40.00 12.58
N ARG E 58 19.22 -39.10 11.73
CA ARG E 58 20.63 -38.74 11.67
C ARG E 58 20.78 -37.30 12.12
N GLN E 59 21.88 -37.04 12.82
CA GLN E 59 22.05 -35.72 13.42
C GLN E 59 23.52 -35.45 13.59
N GLN E 60 23.96 -34.27 13.18
CA GLN E 60 25.33 -33.84 13.37
C GLN E 60 25.34 -32.54 14.15
N PRO E 61 25.73 -32.55 15.42
CA PRO E 61 25.80 -31.31 16.20
C PRO E 61 26.97 -30.44 15.84
N GLY E 62 27.88 -30.90 15.00
CA GLY E 62 28.98 -30.07 14.53
C GLY E 62 30.23 -30.20 15.35
N HIS E 63 31.24 -30.85 14.78
CA HIS E 63 32.54 -31.12 15.39
C HIS E 63 32.49 -32.08 16.56
N GLU E 64 31.34 -32.71 16.83
CA GLU E 64 31.26 -33.73 17.89
C GLU E 64 30.59 -34.95 17.29
N GLY E 65 31.37 -35.79 16.63
CA GLY E 65 30.85 -37.00 16.01
C GLY E 65 29.66 -36.74 15.11
N VAL E 66 28.95 -37.81 14.75
CA VAL E 66 27.68 -37.69 14.07
C VAL E 66 26.80 -38.82 14.55
N THR E 67 25.67 -38.49 15.15
CA THR E 67 24.77 -39.51 15.65
C THR E 67 23.73 -39.83 14.60
N GLN E 68 23.41 -41.11 14.48
CA GLN E 68 22.36 -41.51 13.57
C GLN E 68 21.88 -42.89 13.97
N GLN E 69 20.60 -43.00 14.28
CA GLN E 69 19.91 -44.27 14.38
C GLN E 69 18.97 -44.36 13.19
N THR E 70 18.97 -45.49 12.51
CA THR E 70 18.08 -45.64 11.38
C THR E 70 17.36 -46.97 11.45
N LEU E 71 16.20 -46.97 10.80
CA LEU E 71 15.26 -48.09 10.85
C LEU E 71 14.47 -48.05 9.56
N THR E 72 14.71 -49.00 8.66
CA THR E 72 14.13 -48.96 7.33
C THR E 72 13.31 -50.22 7.14
N LEU E 73 12.07 -50.18 7.59
CA LEU E 73 11.26 -51.38 7.59
C LEU E 73 10.88 -51.79 6.18
N THR E 74 10.67 -53.09 6.02
CA THR E 74 10.31 -53.70 4.75
C THR E 74 8.84 -53.48 4.49
N PHE E 75 8.28 -54.20 3.51
CA PHE E 75 6.84 -54.22 3.24
C PHE E 75 6.50 -55.38 2.33
N ASN E 76 5.27 -55.37 1.85
CA ASN E 76 4.74 -56.41 1.00
C ASN E 76 3.92 -55.76 -0.11
N SER E 77 3.83 -56.47 -1.24
CA SER E 77 2.99 -56.07 -2.36
C SER E 77 1.63 -55.57 -1.91
N SER E 78 0.95 -56.36 -1.09
CA SER E 78 -0.39 -56.00 -0.67
C SER E 78 -0.44 -54.73 0.15
N GLY E 79 0.70 -54.12 0.43
CA GLY E 79 0.72 -52.97 1.31
C GLY E 79 0.80 -53.30 2.77
N VAL E 80 1.18 -54.53 3.11
CA VAL E 80 1.33 -54.94 4.50
C VAL E 80 2.82 -55.02 4.81
N LEU E 81 3.13 -55.16 6.09
CA LEU E 81 4.50 -55.13 6.56
C LEU E 81 5.02 -56.53 6.83
N THR E 82 6.30 -56.72 6.60
CA THR E 82 6.96 -57.98 6.83
C THR E 82 8.08 -57.91 7.85
N ASN E 83 9.05 -57.01 7.66
CA ASN E 83 10.25 -57.05 8.48
C ASN E 83 10.77 -55.65 8.74
N ILE E 84 11.64 -55.57 9.74
CA ILE E 84 12.20 -54.31 10.22
C ILE E 84 13.70 -54.49 10.44
N ASP E 85 14.39 -53.38 10.65
CA ASP E 85 15.85 -53.37 10.69
C ASP E 85 16.29 -52.26 11.64
N ASN E 86 16.70 -52.64 12.84
CA ASN E 86 17.02 -51.65 13.86
C ASN E 86 18.50 -51.33 13.78
N LYS E 87 18.83 -50.18 13.19
CA LYS E 87 20.21 -49.75 13.21
C LYS E 87 20.34 -48.59 14.18
N PRO E 88 20.83 -48.82 15.39
CA PRO E 88 20.92 -47.73 16.36
C PRO E 88 22.15 -46.87 16.19
N ALA E 89 23.23 -47.47 15.69
CA ALA E 89 24.50 -46.77 15.59
C ALA E 89 25.06 -46.89 14.19
N LEU E 90 26.08 -46.11 13.92
CA LEU E 90 26.74 -46.07 12.61
C LEU E 90 28.16 -46.57 12.77
N SER E 91 28.37 -47.85 12.52
CA SER E 91 29.72 -48.37 12.54
C SER E 91 30.53 -47.73 11.43
N GLY E 92 31.78 -47.37 11.74
CA GLY E 92 32.63 -46.82 10.70
C GLY E 92 33.28 -45.47 10.92
N ASN E 93 33.51 -45.08 12.16
CA ASN E 93 34.39 -43.93 12.41
C ASN E 93 35.16 -44.10 13.71
N CYS F 482 32.55 10.65 -9.24
CA CYS F 482 31.22 11.27 -9.21
C CYS F 482 31.33 12.77 -9.35
N LEU F 483 31.41 13.47 -8.22
CA LEU F 483 31.54 14.92 -8.22
C LEU F 483 32.98 15.30 -8.58
N VAL F 484 33.19 15.71 -9.82
CA VAL F 484 34.51 16.06 -10.31
C VAL F 484 34.89 17.44 -9.78
N TYR F 485 36.09 17.53 -9.21
CA TYR F 485 36.59 18.78 -8.66
C TYR F 485 37.41 19.51 -9.73
N GLY F 486 38.10 20.57 -9.32
CA GLY F 486 38.91 21.34 -10.24
C GLY F 486 38.84 22.83 -9.98
N THR F 487 30.09 21.50 -3.32
CA THR F 487 30.43 21.30 -4.72
C THR F 487 29.20 21.37 -5.58
N GLY F 488 28.39 20.31 -5.59
CA GLY F 488 27.20 20.29 -6.42
C GLY F 488 27.59 20.00 -7.85
N VAL F 489 28.69 19.29 -8.04
CA VAL F 489 29.15 18.98 -9.38
C VAL F 489 28.68 17.59 -9.75
N ASP F 490 28.24 16.84 -8.75
CA ASP F 490 27.78 15.48 -9.01
C ASP F 490 26.63 15.50 -9.98
N VAL F 491 25.77 16.52 -9.89
CA VAL F 491 24.61 16.62 -10.76
C VAL F 491 24.11 18.05 -10.77
N GLY F 492 23.28 18.37 -11.77
CA GLY F 492 22.66 19.67 -11.87
C GLY F 492 21.40 19.76 -11.03
N LYS F 493 20.56 20.73 -11.40
CA LYS F 493 19.25 20.86 -10.75
C LYS F 493 18.46 19.58 -10.94
N SER F 494 18.25 18.86 -9.85
CA SER F 494 17.65 17.53 -9.88
C SER F 494 16.14 17.68 -9.77
N PHE F 495 15.53 18.20 -10.82
CA PHE F 495 14.06 18.28 -10.91
C PHE F 495 13.59 16.96 -11.50
N SER F 496 13.84 15.89 -10.77
CA SER F 496 13.64 14.53 -11.26
C SER F 496 12.60 13.81 -10.42
N GLY F 497 11.66 13.17 -11.10
CA GLY F 497 10.77 12.24 -10.42
C GLY F 497 11.59 11.07 -9.91
N LYS F 498 12.20 10.33 -10.84
CA LYS F 498 13.18 9.32 -10.48
C LYS F 498 14.56 9.61 -11.05
N ASP F 499 14.70 9.72 -12.38
CA ASP F 499 16.02 9.82 -13.00
C ASP F 499 16.02 10.81 -14.16
N TRP F 500 15.42 11.98 -13.97
CA TRP F 500 15.37 12.99 -15.03
C TRP F 500 15.86 14.32 -14.45
N LYS F 501 17.18 14.51 -14.42
CA LYS F 501 17.79 15.72 -13.91
C LYS F 501 18.60 16.35 -15.04
N VAL F 502 17.91 17.10 -15.91
CA VAL F 502 18.55 17.82 -17.00
C VAL F 502 18.07 19.28 -16.96
N THR F 503 17.63 19.72 -15.79
CA THR F 503 17.07 21.07 -15.66
C THR F 503 18.14 22.12 -15.95
N ALA F 504 17.72 23.19 -16.61
CA ALA F 504 18.65 24.24 -17.02
C ALA F 504 19.12 25.03 -15.80
N ARG F 505 20.43 25.02 -15.56
CA ARG F 505 21.05 25.77 -14.48
C ARG F 505 22.38 26.33 -14.98
N ALA F 506 23.11 26.98 -14.08
CA ALA F 506 24.40 27.57 -14.43
C ALA F 506 25.28 27.63 -13.19
N GLY F 507 26.52 28.03 -13.40
CA GLY F 507 27.48 28.15 -12.32
C GLY F 507 28.74 28.89 -12.72
N LEU F 508 29.16 29.84 -11.90
CA LEU F 508 30.33 30.66 -12.21
C LEU F 508 30.84 31.29 -10.91
N GLY F 509 31.93 32.05 -11.05
CA GLY F 509 32.52 32.72 -9.91
C GLY F 509 33.70 33.60 -10.30
N ARG F 538 38.89 35.60 -21.30
CA ARG F 538 37.79 36.52 -21.57
C ARG F 538 36.45 35.89 -21.23
N MET F 539 35.39 36.71 -21.22
CA MET F 539 34.05 36.24 -20.93
C MET F 539 33.55 35.42 -22.11
N LEU F 540 33.63 34.10 -21.99
CA LEU F 540 33.22 33.20 -23.05
C LEU F 540 31.78 32.73 -22.81
N MET F 541 31.07 32.44 -23.90
CA MET F 541 29.69 31.97 -23.83
C MET F 541 29.72 30.52 -23.37
N SER F 542 29.64 30.33 -22.05
CA SER F 542 29.73 29.02 -21.41
C SER F 542 28.33 28.54 -21.09
N VAL F 543 27.90 27.49 -21.80
CA VAL F 543 26.60 26.86 -21.59
C VAL F 543 26.83 25.42 -21.13
N GLY F 544 26.33 25.09 -19.95
CA GLY F 544 26.50 23.76 -19.40
C GLY F 544 25.21 23.11 -18.94
N LEU F 545 24.85 21.98 -19.56
CA LEU F 545 23.67 21.21 -19.18
C LEU F 545 24.03 19.74 -19.12
N ASN F 546 23.47 19.04 -18.13
CA ASN F 546 23.75 17.62 -17.90
C ASN F 546 22.51 16.82 -18.30
N ALA F 547 22.53 16.27 -19.51
CA ALA F 547 21.38 15.53 -20.02
C ALA F 547 21.16 14.26 -19.21
N GLU F 548 19.90 13.87 -19.06
CA GLU F 548 19.49 12.71 -18.27
C GLU F 548 18.91 11.65 -19.20
N ILE F 549 19.68 10.61 -19.46
CA ILE F 549 19.22 9.53 -20.33
C ILE F 549 18.48 8.49 -19.51
N ARG F 550 17.52 7.83 -20.15
CA ARG F 550 16.73 6.78 -19.50
C ARG F 550 17.58 5.62 -19.01
N ASP F 551 18.72 5.36 -19.64
CA ASP F 551 19.66 4.36 -19.16
C ASP F 551 20.56 4.90 -18.07
N ASN F 552 20.13 5.96 -17.40
CA ASN F 552 20.86 6.65 -16.35
C ASN F 552 22.09 7.36 -16.88
N VAL F 553 22.25 7.42 -18.19
CA VAL F 553 23.47 7.96 -18.80
C VAL F 553 23.43 9.48 -18.68
N ARG F 554 24.14 10.00 -17.69
CA ARG F 554 24.24 11.43 -17.48
C ARG F 554 25.52 11.95 -18.11
N PHE F 555 25.39 13.00 -18.91
CA PHE F 555 26.55 13.60 -19.56
C PHE F 555 26.37 15.10 -19.67
N GLY F 556 27.31 15.84 -19.10
CA GLY F 556 27.34 17.28 -19.19
C GLY F 556 28.64 17.76 -19.79
N LEU F 557 28.63 18.94 -20.40
CA LEU F 557 29.79 19.44 -21.13
C LEU F 557 29.93 20.93 -20.90
N GLU F 558 31.18 21.38 -20.72
CA GLU F 558 31.46 22.79 -20.51
C GLU F 558 32.96 23.04 -20.64
N PHE F 559 33.32 24.02 -21.47
CA PHE F 559 34.72 24.37 -21.67
CA PHE F 559 34.72 24.37 -21.67
C PHE F 559 34.79 25.75 -22.32
N GLU F 560 35.97 26.09 -22.82
CA GLU F 560 36.19 27.37 -23.47
C GLU F 560 37.30 27.23 -24.51
N LYS F 561 37.30 28.14 -25.48
CA LYS F 561 38.38 28.30 -26.43
C LYS F 561 38.66 29.78 -26.62
N SER F 562 39.89 30.11 -27.03
CA SER F 562 40.31 31.49 -27.21
C SER F 562 39.65 32.04 -28.47
N ALA F 563 38.66 32.91 -28.31
CA ALA F 563 37.96 33.50 -29.43
C ALA F 563 37.29 34.79 -29.04
N VAL F 569 41.26 29.22 -29.58
CA VAL F 569 41.45 27.85 -29.17
C VAL F 569 42.09 27.78 -27.78
N ASP F 570 41.53 26.95 -26.90
CA ASP F 570 42.07 26.73 -25.57
C ASP F 570 42.30 25.26 -25.21
N ASN F 571 42.00 24.32 -26.11
CA ASN F 571 42.21 22.89 -25.86
C ASN F 571 41.46 22.39 -24.64
N ALA F 572 40.27 22.92 -24.40
CA ALA F 572 39.49 22.61 -23.22
C ALA F 572 38.25 21.81 -23.57
N VAL F 573 37.99 20.74 -22.82
CA VAL F 573 36.74 19.98 -22.93
C VAL F 573 36.61 19.02 -21.76
N ASN F 574 35.38 18.77 -21.32
CA ASN F 574 35.12 17.74 -20.32
C ASN F 574 33.74 17.14 -20.54
N ALA F 575 33.55 15.92 -20.05
CA ALA F 575 32.29 15.22 -20.23
C ALA F 575 32.18 14.10 -19.20
N ASN F 576 30.96 13.84 -18.75
CA ASN F 576 30.66 12.80 -17.78
C ASN F 576 29.89 11.67 -18.44
N PHE F 577 30.01 10.48 -17.88
CA PHE F 577 29.20 9.34 -18.29
C PHE F 577 28.78 8.51 -17.08
N ARG F 578 28.31 9.19 -16.03
CA ARG F 578 27.89 8.48 -14.83
C ARG F 578 26.65 7.65 -15.12
N TYR F 579 26.78 6.33 -14.99
CA TYR F 579 25.68 5.40 -15.19
C TYR F 579 25.15 4.93 -13.84
N SER F 580 24.25 3.95 -13.85
CA SER F 580 23.73 3.39 -12.61
C SER F 580 23.55 1.89 -12.71
N PHE F 581 24.36 1.21 -13.51
CA PHE F 581 24.24 -0.23 -13.66
C PHE F 581 24.51 -0.94 -12.34
#